data_2E4H
#
_entry.id   2E4H
#
loop_
_entity.id
_entity.type
_entity.pdbx_description
1 polymer Restin
2 polymer 'Tubulin alpha-ubiquitous chain'
#
loop_
_entity_poly.entity_id
_entity_poly.type
_entity_poly.pdbx_seq_one_letter_code
_entity_poly.pdbx_strand_id
1 'polypeptide(L)'
;GSIKKGERELKIGDRVLVGGTKAGVVRFLGETDFAKGEWCGVELDEPLGKNDGAVAGTRYFQCQPKYGLFAPVHKVTKIG
FPSTTPAKAKANAVRRVM
;
A
2 'polypeptide(L)' GEFSEAREDMAALEKDYEEVGVDSVEGEGEEEGEEY B
#
# COMPACT_ATOMS: atom_id res chain seq x y z
N ARG A 8 -6.86 -15.44 6.22
CA ARG A 8 -5.51 -15.28 5.69
C ARG A 8 -5.23 -13.82 5.34
N GLU A 9 -5.00 -13.00 6.36
CA GLU A 9 -4.73 -11.58 6.16
C GLU A 9 -3.34 -11.39 5.56
N LEU A 10 -2.89 -10.13 5.53
CA LEU A 10 -1.57 -9.80 4.99
C LEU A 10 -0.57 -9.53 6.11
N LYS A 11 0.70 -9.81 5.83
CA LYS A 11 1.75 -9.59 6.81
C LYS A 11 2.88 -8.75 6.22
N ILE A 12 3.47 -7.91 7.06
CA ILE A 12 4.57 -7.04 6.63
C ILE A 12 5.73 -7.87 6.09
N GLY A 13 6.34 -7.39 5.00
CA GLY A 13 7.45 -8.09 4.41
C GLY A 13 7.01 -9.11 3.37
N ASP A 14 5.70 -9.25 3.18
CA ASP A 14 5.15 -10.19 2.22
C ASP A 14 4.90 -9.53 0.88
N ARG A 15 5.11 -10.28 -0.20
CA ARG A 15 4.90 -9.77 -1.55
C ARG A 15 3.41 -9.72 -1.87
N VAL A 16 2.96 -8.58 -2.37
CA VAL A 16 1.55 -8.41 -2.71
C VAL A 16 1.35 -7.42 -3.85
N LEU A 17 0.09 -7.13 -4.17
CA LEU A 17 -0.23 -6.19 -5.22
C LEU A 17 -1.13 -5.09 -4.67
N VAL A 18 -0.68 -3.86 -4.79
CA VAL A 18 -1.46 -2.72 -4.31
C VAL A 18 -2.39 -2.22 -5.41
N GLY A 19 -3.70 -2.41 -5.20
CA GLY A 19 -4.67 -1.99 -6.19
C GLY A 19 -4.93 -3.05 -7.23
N GLY A 20 -4.15 -4.13 -7.18
CA GLY A 20 -4.31 -5.21 -8.14
C GLY A 20 -3.45 -5.03 -9.38
N THR A 21 -3.14 -3.79 -9.70
CA THR A 21 -2.32 -3.49 -10.88
C THR A 21 -0.88 -3.23 -10.48
N LYS A 22 -0.68 -2.76 -9.26
CA LYS A 22 0.66 -2.46 -8.76
C LYS A 22 1.16 -3.59 -7.87
N ALA A 23 2.48 -3.79 -7.87
CA ALA A 23 3.09 -4.85 -7.06
C ALA A 23 4.07 -4.26 -6.05
N GLY A 24 4.11 -4.86 -4.87
CA GLY A 24 5.02 -4.37 -3.84
C GLY A 24 5.04 -5.27 -2.62
N VAL A 25 5.68 -4.79 -1.56
CA VAL A 25 5.78 -5.55 -0.32
C VAL A 25 5.11 -4.81 0.84
N VAL A 26 4.29 -5.52 1.61
CA VAL A 26 3.59 -4.93 2.73
C VAL A 26 4.60 -4.40 3.76
N ARG A 27 4.37 -3.18 4.23
CA ARG A 27 5.25 -2.56 5.20
C ARG A 27 4.50 -2.20 6.48
N PHE A 28 3.28 -1.69 6.33
CA PHE A 28 2.48 -1.31 7.49
C PHE A 28 0.99 -1.50 7.19
N LEU A 29 0.22 -1.79 8.23
CA LEU A 29 -1.22 -1.99 8.07
C LEU A 29 -2.00 -1.24 9.13
N GLY A 30 -2.94 -0.41 8.69
CA GLY A 30 -3.75 0.37 9.62
C GLY A 30 -4.53 1.47 8.95
N GLU A 31 -5.19 2.31 9.74
CA GLU A 31 -5.97 3.41 9.20
C GLU A 31 -5.08 4.58 8.82
N THR A 32 -5.60 5.46 7.96
CA THR A 32 -4.84 6.63 7.52
C THR A 32 -5.38 7.90 8.16
N ASP A 33 -4.56 8.94 8.18
CA ASP A 33 -4.96 10.22 8.77
C ASP A 33 -5.73 11.08 7.76
N PHE A 34 -5.87 10.58 6.53
CA PHE A 34 -6.58 11.32 5.49
C PHE A 34 -7.73 10.49 4.91
N ALA A 35 -7.70 9.17 5.14
CA ALA A 35 -8.74 8.29 4.63
C ALA A 35 -9.45 7.56 5.76
N LYS A 36 -10.75 7.34 5.60
CA LYS A 36 -11.54 6.64 6.61
C LYS A 36 -11.55 5.13 6.35
N GLY A 37 -11.40 4.35 7.42
CA GLY A 37 -11.40 2.91 7.27
C GLY A 37 -10.03 2.30 7.48
N GLU A 38 -9.86 1.05 7.06
CA GLU A 38 -8.59 0.36 7.21
C GLU A 38 -7.78 0.42 5.91
N TRP A 39 -6.49 0.71 6.05
CA TRP A 39 -5.62 0.81 4.88
C TRP A 39 -4.32 0.03 5.12
N CYS A 40 -3.55 -0.16 4.06
CA CYS A 40 -2.29 -0.89 4.15
C CYS A 40 -1.20 -0.21 3.33
N GLY A 41 0.05 -0.46 3.71
CA GLY A 41 1.18 0.12 3.02
C GLY A 41 2.01 -0.92 2.30
N VAL A 42 2.24 -0.71 1.01
CA VAL A 42 3.02 -1.64 0.21
C VAL A 42 4.12 -0.93 -0.56
N GLU A 43 5.33 -1.46 -0.48
CA GLU A 43 6.47 -0.87 -1.18
C GLU A 43 6.52 -1.39 -2.62
N LEU A 44 6.27 -0.50 -3.57
CA LEU A 44 6.26 -0.86 -4.98
C LEU A 44 7.66 -1.23 -5.46
N ASP A 45 7.72 -2.21 -6.35
CA ASP A 45 8.99 -2.67 -6.90
C ASP A 45 9.61 -1.61 -7.82
N GLU A 46 8.78 -0.73 -8.35
CA GLU A 46 9.24 0.33 -9.24
C GLU A 46 8.54 1.65 -8.92
N PRO A 47 9.03 2.77 -9.48
CA PRO A 47 8.44 4.10 -9.25
C PRO A 47 7.03 4.21 -9.82
N LEU A 48 6.09 3.51 -9.20
CA LEU A 48 4.70 3.53 -9.64
C LEU A 48 3.76 3.88 -8.49
N GLY A 49 4.28 4.65 -7.52
CA GLY A 49 3.47 5.04 -6.38
C GLY A 49 3.14 6.52 -6.39
N LYS A 50 2.57 7.00 -5.29
CA LYS A 50 2.20 8.41 -5.18
C LYS A 50 3.00 9.10 -4.07
N ASN A 51 3.29 8.36 -3.01
CA ASN A 51 4.04 8.90 -1.88
C ASN A 51 5.32 8.11 -1.64
N ASP A 52 6.21 8.67 -0.81
CA ASP A 52 7.47 8.02 -0.50
C ASP A 52 7.40 7.30 0.84
N GLY A 53 6.19 6.91 1.24
CA GLY A 53 6.01 6.21 2.50
C GLY A 53 5.41 7.08 3.59
N ALA A 54 4.81 8.20 3.18
CA ALA A 54 4.19 9.10 4.14
C ALA A 54 2.84 9.62 3.62
N VAL A 55 2.01 10.09 4.54
CA VAL A 55 0.69 10.61 4.18
C VAL A 55 0.28 11.74 5.10
N ALA A 56 0.01 12.91 4.52
CA ALA A 56 -0.40 14.08 5.29
C ALA A 56 0.63 14.43 6.36
N GLY A 57 1.90 14.22 6.03
CA GLY A 57 2.96 14.52 6.98
C GLY A 57 3.18 13.41 8.00
N THR A 58 2.55 12.26 7.76
CA THR A 58 2.68 11.12 8.65
C THR A 58 3.35 9.94 7.94
N ARG A 59 4.55 9.59 8.38
CA ARG A 59 5.28 8.48 7.78
C ARG A 59 4.92 7.16 8.46
N TYR A 60 4.28 6.27 7.72
CA TYR A 60 3.88 4.98 8.24
C TYR A 60 5.01 3.97 8.10
N PHE A 61 5.78 4.09 7.02
CA PHE A 61 6.91 3.20 6.78
C PHE A 61 7.96 3.89 5.92
N GLN A 62 9.12 3.25 5.79
CA GLN A 62 10.21 3.80 5.00
C GLN A 62 10.35 3.08 3.67
N CYS A 63 10.34 3.84 2.58
CA CYS A 63 10.47 3.26 1.25
C CYS A 63 11.06 4.26 0.27
N GLN A 64 11.55 3.77 -0.86
CA GLN A 64 12.15 4.63 -1.88
C GLN A 64 11.14 5.63 -2.41
N PRO A 65 11.59 6.67 -3.12
CA PRO A 65 10.72 7.71 -3.68
C PRO A 65 9.76 7.13 -4.72
N LYS A 66 8.50 7.56 -4.66
CA LYS A 66 7.49 7.10 -5.61
C LYS A 66 7.29 5.58 -5.52
N TYR A 67 7.71 4.99 -4.40
CA TYR A 67 7.57 3.55 -4.20
C TYR A 67 6.53 3.24 -3.12
N GLY A 68 6.08 4.27 -2.42
CA GLY A 68 5.10 4.07 -1.37
C GLY A 68 3.67 4.17 -1.88
N LEU A 69 2.91 3.10 -1.71
CA LEU A 69 1.51 3.07 -2.14
C LEU A 69 0.61 2.58 -1.01
N PHE A 70 -0.40 3.38 -0.69
CA PHE A 70 -1.33 3.05 0.38
C PHE A 70 -2.67 2.54 -0.17
N ALA A 71 -2.95 1.26 0.05
CA ALA A 71 -4.20 0.67 -0.42
C ALA A 71 -4.79 -0.27 0.64
N PRO A 72 -6.13 -0.38 0.67
CA PRO A 72 -6.83 -1.24 1.64
C PRO A 72 -6.28 -2.67 1.65
N VAL A 73 -6.61 -3.40 2.72
CA VAL A 73 -6.15 -4.77 2.86
C VAL A 73 -6.87 -5.70 1.88
N HIS A 74 -8.12 -5.36 1.56
CA HIS A 74 -8.91 -6.17 0.64
C HIS A 74 -8.47 -5.91 -0.81
N LYS A 75 -7.94 -4.72 -1.06
CA LYS A 75 -7.46 -4.36 -2.39
C LYS A 75 -6.11 -4.99 -2.67
N VAL A 76 -5.41 -5.38 -1.61
CA VAL A 76 -4.09 -5.99 -1.75
C VAL A 76 -4.19 -7.50 -1.70
N THR A 77 -3.35 -8.15 -2.50
CA THR A 77 -3.32 -9.61 -2.56
C THR A 77 -1.89 -10.11 -2.74
N LYS A 78 -1.60 -11.28 -2.18
CA LYS A 78 -0.27 -11.87 -2.28
C LYS A 78 0.00 -12.35 -3.71
N ILE A 79 1.15 -11.96 -4.24
CA ILE A 79 1.53 -12.36 -5.60
C ILE A 79 2.10 -13.78 -5.62
N GLY A 80 2.73 -14.17 -4.52
CA GLY A 80 3.31 -15.50 -4.44
C GLY A 80 2.26 -16.59 -4.49
N PHE A 81 1.81 -16.92 -5.70
CA PHE A 81 0.80 -17.95 -5.89
C PHE A 81 1.37 -19.33 -5.56
N GLY B 29 -14.24 -4.61 -14.08
CA GLY B 29 -13.10 -4.13 -13.30
C GLY B 29 -13.24 -4.44 -11.82
N GLU B 30 -12.10 -4.44 -11.12
CA GLU B 30 -12.09 -4.74 -9.69
C GLU B 30 -12.03 -3.45 -8.88
N GLU B 31 -12.69 -2.41 -9.37
CA GLU B 31 -12.71 -1.12 -8.68
C GLU B 31 -11.31 -0.52 -8.62
N GLU B 32 -11.22 0.80 -8.81
CA GLU B 32 -9.94 1.49 -8.77
C GLU B 32 -10.09 2.85 -8.09
N GLY B 33 -8.96 3.42 -7.67
CA GLY B 33 -8.98 4.70 -7.00
C GLY B 33 -9.07 4.58 -5.50
N GLU B 34 -8.74 3.40 -4.98
CA GLU B 34 -8.76 3.15 -3.54
C GLU B 34 -7.36 3.10 -2.97
N GLU B 35 -6.41 3.75 -3.63
CA GLU B 35 -5.04 3.74 -3.16
C GLU B 35 -4.40 5.12 -3.30
N TYR B 36 -3.41 5.40 -2.46
CA TYR B 36 -2.72 6.69 -2.48
C TYR B 36 -1.21 6.48 -2.37
N ARG A 8 -4.53 -14.81 9.23
CA ARG A 8 -3.63 -13.74 8.88
C ARG A 8 -3.63 -13.48 7.38
N GLU A 9 -4.45 -12.53 6.94
CA GLU A 9 -4.56 -12.19 5.52
C GLU A 9 -3.21 -11.74 4.97
N LEU A 10 -2.82 -10.50 5.27
CA LEU A 10 -1.56 -9.96 4.81
C LEU A 10 -0.61 -9.69 5.97
N LYS A 11 0.68 -9.88 5.73
CA LYS A 11 1.69 -9.66 6.76
C LYS A 11 2.84 -8.81 6.23
N ILE A 12 3.44 -8.01 7.10
CA ILE A 12 4.55 -7.15 6.70
C ILE A 12 5.72 -7.97 6.17
N GLY A 13 6.29 -7.53 5.05
CA GLY A 13 7.40 -8.24 4.45
C GLY A 13 6.96 -9.24 3.40
N ASP A 14 5.65 -9.36 3.20
CA ASP A 14 5.11 -10.28 2.22
C ASP A 14 4.86 -9.59 0.88
N ARG A 15 5.10 -10.31 -0.21
CA ARG A 15 4.89 -9.76 -1.54
C ARG A 15 3.41 -9.73 -1.88
N VAL A 16 2.94 -8.58 -2.35
CA VAL A 16 1.54 -8.42 -2.69
C VAL A 16 1.35 -7.42 -3.84
N LEU A 17 0.10 -7.15 -4.16
CA LEU A 17 -0.23 -6.19 -5.21
C LEU A 17 -1.15 -5.11 -4.66
N VAL A 18 -0.72 -3.86 -4.75
CA VAL A 18 -1.53 -2.75 -4.26
C VAL A 18 -2.44 -2.25 -5.38
N GLY A 19 -3.74 -2.47 -5.19
CA GLY A 19 -4.71 -2.04 -6.18
C GLY A 19 -4.93 -3.10 -7.27
N GLY A 20 -4.11 -4.16 -7.23
CA GLY A 20 -4.23 -5.21 -8.22
C GLY A 20 -3.36 -4.98 -9.44
N THR A 21 -3.07 -3.71 -9.72
CA THR A 21 -2.24 -3.35 -10.86
C THR A 21 -0.80 -3.08 -10.43
N LYS A 22 -0.63 -2.65 -9.19
CA LYS A 22 0.68 -2.36 -8.65
C LYS A 22 1.19 -3.50 -7.79
N ALA A 23 2.50 -3.71 -7.79
CA ALA A 23 3.10 -4.79 -7.00
C ALA A 23 4.10 -4.23 -5.99
N GLY A 24 4.17 -4.87 -4.83
CA GLY A 24 5.08 -4.43 -3.79
C GLY A 24 5.10 -5.34 -2.59
N VAL A 25 5.69 -4.88 -1.50
CA VAL A 25 5.77 -5.65 -0.27
C VAL A 25 5.11 -4.91 0.88
N VAL A 26 4.29 -5.62 1.65
CA VAL A 26 3.61 -5.02 2.79
C VAL A 26 4.61 -4.50 3.81
N ARG A 27 4.42 -3.27 4.26
CA ARG A 27 5.32 -2.65 5.22
C ARG A 27 4.57 -2.27 6.50
N PHE A 28 3.34 -1.81 6.36
CA PHE A 28 2.54 -1.41 7.51
C PHE A 28 1.05 -1.57 7.21
N LEU A 29 0.27 -1.86 8.23
CA LEU A 29 -1.18 -2.03 8.06
C LEU A 29 -1.95 -1.27 9.13
N GLY A 30 -2.86 -0.40 8.69
CA GLY A 30 -3.65 0.37 9.64
C GLY A 30 -4.44 1.47 8.96
N GLU A 31 -5.12 2.29 9.75
CA GLU A 31 -5.93 3.39 9.22
C GLU A 31 -5.04 4.57 8.85
N THR A 32 -5.56 5.44 7.99
CA THR A 32 -4.82 6.62 7.56
C THR A 32 -5.39 7.89 8.20
N ASP A 33 -4.61 8.96 8.17
CA ASP A 33 -5.03 10.23 8.75
C ASP A 33 -5.81 11.07 7.74
N PHE A 34 -5.89 10.60 6.50
CA PHE A 34 -6.61 11.32 5.45
C PHE A 34 -7.73 10.46 4.85
N ALA A 35 -7.67 9.15 5.07
CA ALA A 35 -8.67 8.24 4.54
C ALA A 35 -9.38 7.49 5.67
N LYS A 36 -10.69 7.32 5.53
CA LYS A 36 -11.48 6.61 6.52
C LYS A 36 -11.43 5.10 6.30
N GLY A 37 -11.44 4.34 7.39
CA GLY A 37 -11.39 2.90 7.29
C GLY A 37 -10.00 2.34 7.50
N GLU A 38 -9.81 1.07 7.18
CA GLU A 38 -8.52 0.41 7.34
C GLU A 38 -7.74 0.42 6.02
N TRP A 39 -6.46 0.76 6.10
CA TRP A 39 -5.61 0.80 4.92
C TRP A 39 -4.33 0.01 5.14
N CYS A 40 -3.58 -0.23 4.05
CA CYS A 40 -2.34 -0.98 4.14
C CYS A 40 -1.23 -0.29 3.34
N GLY A 41 0.01 -0.57 3.73
CA GLY A 41 1.16 0.02 3.06
C GLY A 41 2.00 -1.02 2.36
N VAL A 42 2.25 -0.80 1.07
CA VAL A 42 3.05 -1.73 0.28
C VAL A 42 4.16 -1.01 -0.46
N GLU A 43 5.37 -1.55 -0.39
CA GLU A 43 6.51 -0.96 -1.08
C GLU A 43 6.56 -1.43 -2.53
N LEU A 44 6.30 -0.52 -3.45
CA LEU A 44 6.29 -0.84 -4.87
C LEU A 44 7.69 -1.20 -5.37
N ASP A 45 7.74 -2.14 -6.30
CA ASP A 45 9.00 -2.58 -6.88
C ASP A 45 9.60 -1.53 -7.80
N GLU A 46 8.74 -0.65 -8.32
CA GLU A 46 9.19 0.41 -9.22
C GLU A 46 8.48 1.73 -8.89
N PRO A 47 8.95 2.85 -9.48
CA PRO A 47 8.36 4.17 -9.23
C PRO A 47 6.94 4.28 -9.80
N LEU A 48 6.02 3.56 -9.17
CA LEU A 48 4.63 3.57 -9.60
C LEU A 48 3.70 3.91 -8.43
N GLY A 49 4.24 4.60 -7.43
CA GLY A 49 3.43 4.98 -6.28
C GLY A 49 3.10 6.46 -6.25
N LYS A 50 2.34 6.87 -5.25
CA LYS A 50 1.95 8.27 -5.11
C LYS A 50 2.62 8.91 -3.90
N ASN A 51 2.94 8.09 -2.90
CA ASN A 51 3.58 8.60 -1.69
C ASN A 51 4.96 7.97 -1.51
N ASP A 52 5.81 8.62 -0.70
CA ASP A 52 7.16 8.13 -0.44
C ASP A 52 7.23 7.44 0.92
N GLY A 53 6.09 6.93 1.38
CA GLY A 53 6.06 6.25 2.67
C GLY A 53 5.40 7.07 3.76
N ALA A 54 4.89 8.24 3.39
CA ALA A 54 4.23 9.12 4.35
C ALA A 54 2.90 9.62 3.82
N VAL A 55 2.04 10.06 4.73
CA VAL A 55 0.73 10.57 4.35
C VAL A 55 0.29 11.71 5.26
N ALA A 56 0.03 12.87 4.68
CA ALA A 56 -0.39 14.04 5.45
C ALA A 56 0.65 14.42 6.50
N GLY A 57 1.90 14.07 6.23
CA GLY A 57 2.97 14.38 7.16
C GLY A 57 3.21 13.27 8.16
N THR A 58 2.58 12.12 7.94
CA THR A 58 2.74 10.97 8.84
C THR A 58 3.38 9.79 8.12
N ARG A 59 4.58 9.42 8.56
CA ARG A 59 5.30 8.30 7.95
C ARG A 59 4.93 6.99 8.63
N TYR A 60 4.22 6.13 7.90
CA TYR A 60 3.81 4.84 8.43
C TYR A 60 4.92 3.80 8.29
N PHE A 61 5.71 3.93 7.23
CA PHE A 61 6.81 3.01 6.99
C PHE A 61 7.88 3.67 6.12
N GLN A 62 8.99 2.97 5.91
CA GLN A 62 10.08 3.49 5.10
C GLN A 62 10.12 2.83 3.73
N CYS A 63 10.16 3.65 2.69
CA CYS A 63 10.19 3.14 1.32
C CYS A 63 10.86 4.15 0.39
N GLN A 64 11.35 3.66 -0.75
CA GLN A 64 12.01 4.51 -1.73
C GLN A 64 11.06 5.59 -2.24
N PRO A 65 11.61 6.62 -2.91
CA PRO A 65 10.80 7.71 -3.47
C PRO A 65 9.84 7.23 -4.55
N LYS A 66 8.58 7.67 -4.45
CA LYS A 66 7.56 7.28 -5.43
C LYS A 66 7.38 5.77 -5.46
N TYR A 67 7.74 5.10 -4.37
CA TYR A 67 7.61 3.66 -4.28
C TYR A 67 6.54 3.26 -3.26
N GLY A 68 6.18 4.19 -2.38
CA GLY A 68 5.17 3.91 -1.37
C GLY A 68 3.76 4.00 -1.92
N LEU A 69 2.94 3.02 -1.58
CA LEU A 69 1.55 2.98 -2.03
C LEU A 69 0.62 2.54 -0.90
N PHE A 70 -0.39 3.36 -0.63
CA PHE A 70 -1.35 3.06 0.44
C PHE A 70 -2.67 2.57 -0.13
N ALA A 71 -3.00 1.31 0.11
CA ALA A 71 -4.25 0.74 -0.36
C ALA A 71 -4.86 -0.20 0.67
N PRO A 72 -6.20 -0.29 0.71
CA PRO A 72 -6.92 -1.15 1.66
C PRO A 72 -6.36 -2.57 1.70
N VAL A 73 -6.70 -3.30 2.76
CA VAL A 73 -6.25 -4.67 2.93
C VAL A 73 -6.93 -5.59 1.92
N HIS A 74 -8.19 -5.28 1.60
CA HIS A 74 -8.95 -6.08 0.65
C HIS A 74 -8.52 -5.79 -0.79
N LYS A 75 -7.98 -4.59 -1.01
CA LYS A 75 -7.52 -4.19 -2.33
C LYS A 75 -6.17 -4.83 -2.66
N VAL A 76 -5.46 -5.26 -1.61
CA VAL A 76 -4.17 -5.88 -1.79
C VAL A 76 -4.28 -7.41 -1.77
N THR A 77 -3.46 -8.06 -2.60
CA THR A 77 -3.47 -9.51 -2.68
C THR A 77 -2.05 -10.05 -2.87
N LYS A 78 -1.76 -11.17 -2.22
CA LYS A 78 -0.45 -11.79 -2.31
C LYS A 78 -0.17 -12.26 -3.74
N ILE A 79 0.98 -11.87 -4.28
CA ILE A 79 1.36 -12.26 -5.63
C ILE A 79 1.76 -13.74 -5.69
N GLY A 80 2.17 -14.28 -4.54
CA GLY A 80 2.57 -15.67 -4.48
C GLY A 80 1.89 -16.41 -3.34
N PHE A 81 0.57 -16.36 -3.30
CA PHE A 81 -0.19 -17.03 -2.25
C PHE A 81 -0.44 -18.49 -2.62
N GLY B 29 -13.37 2.03 -15.02
CA GLY B 29 -13.32 2.17 -13.58
C GLY B 29 -14.43 1.41 -12.88
N GLU B 30 -14.08 0.69 -11.82
CA GLU B 30 -15.05 -0.08 -11.06
C GLU B 30 -14.57 -0.29 -9.62
N GLU B 31 -13.32 -0.72 -9.47
CA GLU B 31 -12.76 -0.95 -8.16
C GLU B 31 -11.36 -0.34 -8.05
N GLU B 32 -11.16 0.77 -8.75
CA GLU B 32 -9.88 1.46 -8.74
C GLU B 32 -10.01 2.84 -8.08
N GLY B 33 -8.87 3.41 -7.69
CA GLY B 33 -8.89 4.72 -7.06
C GLY B 33 -8.97 4.63 -5.55
N GLU B 34 -8.68 3.46 -5.00
CA GLU B 34 -8.72 3.24 -3.55
C GLU B 34 -7.31 3.15 -2.98
N GLU B 35 -6.37 3.83 -3.61
CA GLU B 35 -4.98 3.81 -3.14
C GLU B 35 -4.32 5.17 -3.30
N TYR B 36 -3.32 5.43 -2.47
CA TYR B 36 -2.59 6.69 -2.51
C TYR B 36 -1.09 6.47 -2.37
N ARG A 8 -7.31 -13.55 4.26
CA ARG A 8 -7.92 -12.22 4.41
C ARG A 8 -6.89 -11.22 4.94
N GLU A 9 -6.29 -11.55 6.07
CA GLU A 9 -5.29 -10.67 6.69
C GLU A 9 -3.95 -10.81 5.98
N LEU A 10 -3.13 -9.76 6.08
CA LEU A 10 -1.81 -9.76 5.45
C LEU A 10 -0.72 -9.52 6.48
N LYS A 11 0.47 -10.06 6.21
CA LYS A 11 1.61 -9.91 7.11
C LYS A 11 2.67 -8.98 6.52
N ILE A 12 3.27 -8.16 7.37
CA ILE A 12 4.29 -7.23 6.93
C ILE A 12 5.52 -7.98 6.38
N GLY A 13 6.11 -7.42 5.33
CA GLY A 13 7.27 -8.05 4.73
C GLY A 13 6.91 -9.06 3.66
N ASP A 14 5.61 -9.24 3.44
CA ASP A 14 5.12 -10.19 2.44
C ASP A 14 4.88 -9.51 1.09
N ARG A 15 5.12 -10.24 0.01
CA ARG A 15 4.92 -9.70 -1.33
C ARG A 15 3.44 -9.67 -1.67
N VAL A 16 2.99 -8.56 -2.24
CA VAL A 16 1.59 -8.41 -2.61
C VAL A 16 1.40 -7.43 -3.75
N LEU A 17 0.15 -7.16 -4.09
CA LEU A 17 -0.18 -6.23 -5.15
C LEU A 17 -1.11 -5.14 -4.62
N VAL A 18 -0.68 -3.90 -4.72
CA VAL A 18 -1.50 -2.78 -4.26
C VAL A 18 -2.43 -2.31 -5.36
N GLY A 19 -3.73 -2.54 -5.17
CA GLY A 19 -4.71 -2.16 -6.16
C GLY A 19 -4.92 -3.24 -7.22
N GLY A 20 -4.10 -4.28 -7.17
CA GLY A 20 -4.22 -5.37 -8.13
C GLY A 20 -3.36 -5.16 -9.37
N THR A 21 -3.09 -3.89 -9.68
CA THR A 21 -2.27 -3.56 -10.84
C THR A 21 -0.84 -3.26 -10.43
N LYS A 22 -0.67 -2.79 -9.20
CA LYS A 22 0.66 -2.47 -8.68
C LYS A 22 1.18 -3.59 -7.79
N ALA A 23 2.50 -3.79 -7.79
CA ALA A 23 3.11 -4.83 -6.98
C ALA A 23 4.08 -4.24 -5.97
N GLY A 24 4.20 -4.89 -4.81
CA GLY A 24 5.10 -4.41 -3.79
C GLY A 24 5.11 -5.30 -2.56
N VAL A 25 5.73 -4.82 -1.49
CA VAL A 25 5.81 -5.57 -0.24
C VAL A 25 5.15 -4.81 0.89
N VAL A 26 4.35 -5.52 1.68
CA VAL A 26 3.66 -4.91 2.81
C VAL A 26 4.66 -4.38 3.83
N ARG A 27 4.53 -3.10 4.17
CA ARG A 27 5.44 -2.47 5.12
C ARG A 27 4.72 -2.10 6.41
N PHE A 28 3.43 -1.79 6.30
CA PHE A 28 2.64 -1.41 7.46
C PHE A 28 1.14 -1.56 7.16
N LEU A 29 0.36 -1.81 8.20
CA LEU A 29 -1.09 -1.97 8.03
C LEU A 29 -1.85 -1.17 9.09
N GLY A 30 -2.78 -0.34 8.64
CA GLY A 30 -3.56 0.46 9.57
C GLY A 30 -4.36 1.54 8.88
N GLU A 31 -5.01 2.39 9.66
CA GLU A 31 -5.82 3.48 9.11
C GLU A 31 -4.93 4.65 8.69
N THR A 32 -5.51 5.58 7.94
CA THR A 32 -4.77 6.75 7.47
C THR A 32 -5.32 8.02 8.10
N ASP A 33 -4.54 9.09 8.03
CA ASP A 33 -4.95 10.38 8.59
C ASP A 33 -5.78 11.18 7.60
N PHE A 34 -5.89 10.68 6.37
CA PHE A 34 -6.66 11.37 5.33
C PHE A 34 -7.80 10.50 4.81
N ALA A 35 -7.72 9.20 5.07
CA ALA A 35 -8.75 8.28 4.61
C ALA A 35 -9.40 7.55 5.79
N LYS A 36 -10.71 7.35 5.69
CA LYS A 36 -11.45 6.66 6.75
C LYS A 36 -11.50 5.16 6.49
N GLY A 37 -11.31 4.38 7.56
CA GLY A 37 -11.33 2.94 7.42
C GLY A 37 -9.96 2.31 7.62
N GLU A 38 -9.82 1.07 7.17
CA GLU A 38 -8.54 0.36 7.30
C GLU A 38 -7.77 0.39 6.00
N TRP A 39 -6.48 0.72 6.09
CA TRP A 39 -5.61 0.80 4.92
C TRP A 39 -4.33 0.01 5.14
N CYS A 40 -3.57 -0.19 4.06
CA CYS A 40 -2.31 -0.93 4.15
C CYS A 40 -1.22 -0.23 3.35
N GLY A 41 0.03 -0.50 3.73
CA GLY A 41 1.17 0.09 3.06
C GLY A 41 2.02 -0.94 2.34
N VAL A 42 2.24 -0.73 1.04
CA VAL A 42 3.03 -1.65 0.25
C VAL A 42 4.13 -0.92 -0.51
N GLU A 43 5.34 -1.43 -0.45
CA GLU A 43 6.48 -0.84 -1.14
C GLU A 43 6.52 -1.32 -2.59
N LEU A 44 6.25 -0.42 -3.51
CA LEU A 44 6.23 -0.76 -4.93
C LEU A 44 7.63 -1.10 -5.43
N ASP A 45 7.68 -2.01 -6.40
CA ASP A 45 8.95 -2.45 -6.99
C ASP A 45 9.52 -1.38 -7.90
N GLU A 46 8.65 -0.56 -8.49
CA GLU A 46 9.09 0.51 -9.39
C GLU A 46 8.39 1.81 -9.05
N PRO A 47 8.82 2.93 -9.66
CA PRO A 47 8.23 4.25 -9.42
C PRO A 47 6.81 4.34 -9.94
N LEU A 48 5.90 3.61 -9.29
CA LEU A 48 4.50 3.60 -9.69
C LEU A 48 3.59 3.93 -8.51
N GLY A 49 4.12 4.70 -7.55
CA GLY A 49 3.34 5.07 -6.38
C GLY A 49 2.99 6.54 -6.38
N LYS A 50 2.44 7.02 -5.27
CA LYS A 50 2.04 8.41 -5.15
C LYS A 50 2.87 9.12 -4.07
N ASN A 51 3.24 8.38 -3.03
CA ASN A 51 4.03 8.95 -1.93
C ASN A 51 5.31 8.15 -1.71
N ASP A 52 6.22 8.71 -0.93
CA ASP A 52 7.49 8.06 -0.63
C ASP A 52 7.44 7.36 0.72
N GLY A 53 6.23 6.97 1.14
CA GLY A 53 6.08 6.29 2.42
C GLY A 53 5.45 7.17 3.49
N ALA A 54 4.80 8.25 3.06
CA ALA A 54 4.16 9.16 4.00
C ALA A 54 2.81 9.62 3.47
N VAL A 55 1.95 10.08 4.38
CA VAL A 55 0.61 10.55 4.01
C VAL A 55 0.22 11.77 4.83
N ALA A 56 -0.05 12.87 4.14
CA ALA A 56 -0.45 14.12 4.81
C ALA A 56 0.58 14.55 5.83
N GLY A 57 1.83 14.18 5.60
CA GLY A 57 2.89 14.54 6.51
C GLY A 57 3.16 13.49 7.57
N THR A 58 2.46 12.36 7.47
CA THR A 58 2.64 11.27 8.43
C THR A 58 3.29 10.06 7.77
N ARG A 59 4.50 9.74 8.21
CA ARG A 59 5.23 8.60 7.65
C ARG A 59 4.87 7.31 8.39
N TYR A 60 4.38 6.33 7.64
CA TYR A 60 3.99 5.06 8.23
C TYR A 60 5.12 4.04 8.10
N PHE A 61 5.82 4.08 6.98
CA PHE A 61 6.94 3.16 6.73
C PHE A 61 8.00 3.82 5.87
N GLN A 62 9.14 3.15 5.73
CA GLN A 62 10.23 3.68 4.92
C GLN A 62 10.34 2.95 3.59
N CYS A 63 10.39 3.71 2.51
CA CYS A 63 10.49 3.14 1.17
C CYS A 63 11.15 4.12 0.21
N GLN A 64 11.63 3.60 -0.92
CA GLN A 64 12.28 4.44 -1.92
C GLN A 64 11.32 5.49 -2.46
N PRO A 65 11.84 6.51 -3.15
CA PRO A 65 11.02 7.59 -3.71
C PRO A 65 10.01 7.08 -4.72
N LYS A 66 8.74 7.45 -4.52
CA LYS A 66 7.67 7.04 -5.42
C LYS A 66 7.49 5.52 -5.38
N TYR A 67 7.97 4.89 -4.31
CA TYR A 67 7.84 3.44 -4.16
C TYR A 67 6.88 3.09 -3.04
N GLY A 68 6.00 4.03 -2.68
CA GLY A 68 5.05 3.79 -1.61
C GLY A 68 3.61 4.00 -2.05
N LEU A 69 2.80 2.96 -1.88
CA LEU A 69 1.40 3.04 -2.25
C LEU A 69 0.50 2.57 -1.11
N PHE A 70 -0.46 3.41 -0.72
CA PHE A 70 -1.36 3.08 0.37
C PHE A 70 -2.70 2.59 -0.17
N ALA A 71 -2.99 1.31 0.06
CA ALA A 71 -4.25 0.72 -0.40
C ALA A 71 -4.84 -0.22 0.65
N PRO A 72 -6.18 -0.34 0.69
CA PRO A 72 -6.88 -1.19 1.65
C PRO A 72 -6.33 -2.62 1.66
N VAL A 73 -6.65 -3.35 2.72
CA VAL A 73 -6.20 -4.73 2.85
C VAL A 73 -6.94 -5.64 1.86
N HIS A 74 -8.19 -5.29 1.57
CA HIS A 74 -8.99 -6.08 0.63
C HIS A 74 -8.57 -5.81 -0.81
N LYS A 75 -7.99 -4.64 -1.05
CA LYS A 75 -7.53 -4.27 -2.39
C LYS A 75 -6.18 -4.92 -2.69
N VAL A 76 -5.47 -5.32 -1.63
CA VAL A 76 -4.17 -5.94 -1.80
C VAL A 76 -4.28 -7.46 -1.73
N THR A 77 -3.50 -8.12 -2.58
CA THR A 77 -3.51 -9.58 -2.63
C THR A 77 -2.10 -10.12 -2.80
N LYS A 78 -1.81 -11.23 -2.14
CA LYS A 78 -0.49 -11.85 -2.22
C LYS A 78 -0.22 -12.35 -3.63
N ILE A 79 0.92 -11.95 -4.19
CA ILE A 79 1.30 -12.36 -5.54
C ILE A 79 1.63 -13.85 -5.59
N GLY A 80 2.04 -14.39 -4.45
CA GLY A 80 2.39 -15.80 -4.39
C GLY A 80 1.23 -16.70 -4.79
N PHE A 81 1.35 -17.99 -4.50
CA PHE A 81 0.30 -18.95 -4.84
C PHE A 81 -0.50 -19.33 -3.59
N GLY B 29 -12.61 -6.58 -12.76
CA GLY B 29 -13.38 -5.35 -12.80
C GLY B 29 -12.51 -4.12 -12.73
N GLU B 30 -13.14 -2.96 -12.57
CA GLU B 30 -12.41 -1.69 -12.48
C GLU B 30 -12.30 -1.21 -11.05
N GLU B 31 -11.45 -1.88 -10.26
CA GLU B 31 -11.27 -1.52 -8.86
C GLU B 31 -10.01 -0.67 -8.68
N GLU B 32 -10.15 0.63 -8.91
CA GLU B 32 -9.03 1.55 -8.77
C GLU B 32 -9.47 2.85 -8.11
N GLY B 33 -8.51 3.62 -7.60
CA GLY B 33 -8.82 4.88 -6.95
C GLY B 33 -8.85 4.76 -5.45
N GLU B 34 -8.77 3.53 -4.93
CA GLU B 34 -8.79 3.30 -3.50
C GLU B 34 -7.37 3.24 -2.92
N GLU B 35 -6.41 3.80 -3.64
CA GLU B 35 -5.03 3.78 -3.18
C GLU B 35 -4.37 5.14 -3.33
N TYR B 36 -3.38 5.41 -2.49
CA TYR B 36 -2.67 6.68 -2.53
C TYR B 36 -1.17 6.47 -2.38
N ARG A 8 -8.30 -14.35 5.63
CA ARG A 8 -7.30 -13.85 4.71
C ARG A 8 -6.78 -12.48 5.15
N GLU A 9 -5.51 -12.45 5.55
CA GLU A 9 -4.89 -11.20 6.00
C GLU A 9 -3.49 -11.05 5.42
N LEU A 10 -2.92 -9.86 5.59
CA LEU A 10 -1.58 -9.58 5.08
C LEU A 10 -0.60 -9.33 6.22
N LYS A 11 0.68 -9.51 5.95
CA LYS A 11 1.71 -9.30 6.96
C LYS A 11 2.90 -8.54 6.37
N ILE A 12 3.52 -7.69 7.19
CA ILE A 12 4.66 -6.91 6.75
C ILE A 12 5.79 -7.82 6.26
N GLY A 13 6.42 -7.43 5.16
CA GLY A 13 7.51 -8.22 4.61
C GLY A 13 7.03 -9.21 3.57
N ASP A 14 5.73 -9.32 3.39
CA ASP A 14 5.16 -10.24 2.42
C ASP A 14 4.89 -9.55 1.08
N ARG A 15 5.13 -10.27 0.00
CA ARG A 15 4.90 -9.73 -1.34
C ARG A 15 3.42 -9.70 -1.67
N VAL A 16 2.96 -8.58 -2.23
CA VAL A 16 1.56 -8.43 -2.58
C VAL A 16 1.38 -7.44 -3.73
N LEU A 17 0.12 -7.17 -4.06
CA LEU A 17 -0.19 -6.23 -5.11
C LEU A 17 -1.12 -5.14 -4.59
N VAL A 18 -0.68 -3.90 -4.68
CA VAL A 18 -1.49 -2.78 -4.22
C VAL A 18 -2.41 -2.29 -5.33
N GLY A 19 -3.71 -2.50 -5.15
CA GLY A 19 -4.68 -2.09 -6.15
C GLY A 19 -4.90 -3.16 -7.22
N GLY A 20 -4.09 -4.22 -7.16
CA GLY A 20 -4.22 -5.30 -8.13
C GLY A 20 -3.35 -5.09 -9.36
N THR A 21 -3.03 -3.83 -9.65
CA THR A 21 -2.21 -3.50 -10.80
C THR A 21 -0.77 -3.23 -10.38
N LYS A 22 -0.60 -2.77 -9.14
CA LYS A 22 0.73 -2.47 -8.61
C LYS A 22 1.22 -3.61 -7.74
N ALA A 23 2.54 -3.82 -7.74
CA ALA A 23 3.14 -4.89 -6.94
C ALA A 23 4.13 -4.33 -5.94
N GLY A 24 4.18 -4.93 -4.75
CA GLY A 24 5.09 -4.47 -3.73
C GLY A 24 5.12 -5.36 -2.52
N VAL A 25 5.70 -4.87 -1.43
CA VAL A 25 5.79 -5.62 -0.19
C VAL A 25 5.12 -4.87 0.95
N VAL A 26 4.30 -5.59 1.71
CA VAL A 26 3.61 -4.98 2.85
C VAL A 26 4.60 -4.45 3.87
N ARG A 27 4.43 -3.20 4.26
CA ARG A 27 5.34 -2.56 5.22
C ARG A 27 4.61 -2.17 6.50
N PHE A 28 3.32 -1.85 6.38
CA PHE A 28 2.52 -1.45 7.53
C PHE A 28 1.03 -1.59 7.23
N LEU A 29 0.24 -1.89 8.25
CA LEU A 29 -1.20 -2.04 8.08
C LEU A 29 -1.97 -1.29 9.15
N GLY A 30 -2.92 -0.46 8.74
CA GLY A 30 -3.71 0.30 9.68
C GLY A 30 -4.50 1.41 9.01
N GLU A 31 -5.15 2.25 9.82
CA GLU A 31 -5.94 3.35 9.30
C GLU A 31 -5.05 4.53 8.91
N THR A 32 -5.61 5.47 8.15
CA THR A 32 -4.87 6.64 7.72
C THR A 32 -5.43 7.91 8.36
N ASP A 33 -4.68 9.00 8.27
CA ASP A 33 -5.10 10.27 8.84
C ASP A 33 -5.87 11.10 7.81
N PHE A 34 -5.94 10.61 6.58
CA PHE A 34 -6.65 11.32 5.52
C PHE A 34 -7.79 10.46 4.95
N ALA A 35 -7.75 9.15 5.21
CA ALA A 35 -8.78 8.25 4.73
C ALA A 35 -9.48 7.54 5.87
N LYS A 36 -10.79 7.37 5.75
CA LYS A 36 -11.58 6.71 6.78
C LYS A 36 -11.68 5.20 6.51
N GLY A 37 -11.29 4.41 7.50
CA GLY A 37 -11.34 2.96 7.35
C GLY A 37 -9.99 2.31 7.55
N GLU A 38 -9.86 1.06 7.10
CA GLU A 38 -8.61 0.33 7.23
C GLU A 38 -7.80 0.41 5.94
N TRP A 39 -6.50 0.68 6.08
CA TRP A 39 -5.62 0.79 4.93
C TRP A 39 -4.33 0.00 5.15
N CYS A 40 -3.59 -0.24 4.08
CA CYS A 40 -2.34 -0.99 4.16
C CYS A 40 -1.23 -0.30 3.37
N GLY A 41 0.01 -0.57 3.76
CA GLY A 41 1.16 0.02 3.09
C GLY A 41 2.00 -1.01 2.37
N VAL A 42 2.24 -0.80 1.09
CA VAL A 42 3.03 -1.73 0.29
C VAL A 42 4.13 -1.01 -0.47
N GLU A 43 5.35 -1.53 -0.38
CA GLU A 43 6.49 -0.93 -1.08
C GLU A 43 6.53 -1.44 -2.51
N LEU A 44 6.28 -0.54 -3.46
CA LEU A 44 6.27 -0.91 -4.88
C LEU A 44 7.66 -1.29 -5.36
N ASP A 45 7.70 -2.14 -6.38
CA ASP A 45 8.95 -2.59 -6.96
C ASP A 45 9.58 -1.53 -7.84
N GLU A 46 8.74 -0.68 -8.44
CA GLU A 46 9.21 0.39 -9.31
C GLU A 46 8.50 1.70 -8.97
N PRO A 47 8.98 2.82 -9.57
CA PRO A 47 8.39 4.14 -9.32
C PRO A 47 6.95 4.24 -9.85
N LEU A 48 6.04 3.53 -9.20
CA LEU A 48 4.64 3.54 -9.61
C LEU A 48 3.73 3.89 -8.43
N GLY A 49 4.29 4.57 -7.43
CA GLY A 49 3.51 4.96 -6.27
C GLY A 49 3.18 6.44 -6.26
N LYS A 50 2.63 6.92 -5.16
CA LYS A 50 2.27 8.33 -5.03
C LYS A 50 3.06 9.01 -3.92
N ASN A 51 3.33 8.27 -2.85
CA ASN A 51 4.09 8.81 -1.72
C ASN A 51 5.37 8.01 -1.48
N ASP A 52 6.28 8.58 -0.71
CA ASP A 52 7.54 7.92 -0.40
C ASP A 52 7.48 7.22 0.95
N GLY A 53 6.27 6.84 1.36
CA GLY A 53 6.10 6.16 2.63
C GLY A 53 5.47 7.03 3.69
N ALA A 54 4.83 8.13 3.27
CA ALA A 54 4.19 9.04 4.20
C ALA A 54 2.84 9.51 3.67
N VAL A 55 1.99 9.97 4.59
CA VAL A 55 0.65 10.44 4.22
C VAL A 55 0.26 11.67 5.04
N ALA A 56 0.07 12.79 4.35
CA ALA A 56 -0.31 14.04 5.00
C ALA A 56 0.71 14.45 6.05
N GLY A 57 1.96 14.02 5.86
CA GLY A 57 3.02 14.36 6.80
C GLY A 57 3.28 13.25 7.82
N THR A 58 2.48 12.19 7.76
CA THR A 58 2.63 11.07 8.69
C THR A 58 3.30 9.89 8.00
N ARG A 59 4.50 9.56 8.45
CA ARG A 59 5.25 8.44 7.89
C ARG A 59 4.90 7.13 8.58
N TYR A 60 4.40 6.17 7.83
CA TYR A 60 4.02 4.87 8.38
C TYR A 60 5.17 3.88 8.24
N PHE A 61 5.80 3.88 7.08
CA PHE A 61 6.93 2.98 6.82
C PHE A 61 7.99 3.66 5.98
N GLN A 62 9.12 2.99 5.78
CA GLN A 62 10.21 3.54 4.99
C GLN A 62 10.28 2.85 3.63
N CYS A 63 10.27 3.66 2.57
CA CYS A 63 10.34 3.14 1.22
C CYS A 63 10.94 4.17 0.27
N GLN A 64 11.46 3.69 -0.86
CA GLN A 64 12.06 4.56 -1.86
C GLN A 64 11.04 5.58 -2.40
N PRO A 65 11.51 6.62 -3.09
CA PRO A 65 10.64 7.65 -3.67
C PRO A 65 9.69 7.09 -4.72
N LYS A 66 8.43 7.48 -4.65
CA LYS A 66 7.42 7.02 -5.60
C LYS A 66 7.22 5.51 -5.51
N TYR A 67 7.62 4.92 -4.39
CA TYR A 67 7.48 3.48 -4.18
C TYR A 67 6.43 3.18 -3.12
N GLY A 68 6.11 4.18 -2.30
CA GLY A 68 5.13 3.99 -1.25
C GLY A 68 3.70 4.09 -1.76
N LEU A 69 2.95 3.01 -1.62
CA LEU A 69 1.56 2.97 -2.06
C LEU A 69 0.65 2.52 -0.93
N PHE A 70 -0.37 3.33 -0.64
CA PHE A 70 -1.31 3.02 0.43
C PHE A 70 -2.65 2.54 -0.12
N ALA A 71 -2.96 1.27 0.13
CA ALA A 71 -4.23 0.70 -0.34
C ALA A 71 -4.81 -0.26 0.70
N PRO A 72 -6.14 -0.36 0.76
CA PRO A 72 -6.84 -1.25 1.71
C PRO A 72 -6.29 -2.67 1.70
N VAL A 73 -6.60 -3.42 2.76
CA VAL A 73 -6.14 -4.79 2.87
C VAL A 73 -6.88 -5.70 1.89
N HIS A 74 -8.13 -5.36 1.59
CA HIS A 74 -8.93 -6.14 0.66
C HIS A 74 -8.53 -5.84 -0.79
N LYS A 75 -7.99 -4.65 -1.00
CA LYS A 75 -7.55 -4.24 -2.35
C LYS A 75 -6.21 -4.88 -2.68
N VAL A 76 -5.48 -5.31 -1.65
CA VAL A 76 -4.18 -5.93 -1.84
C VAL A 76 -4.30 -7.45 -1.89
N THR A 77 -3.53 -8.06 -2.77
CA THR A 77 -3.54 -9.51 -2.93
C THR A 77 -2.11 -10.06 -3.02
N LYS A 78 -1.86 -11.14 -2.29
CA LYS A 78 -0.54 -11.75 -2.30
C LYS A 78 -0.17 -12.25 -3.69
N ILE A 79 1.05 -11.96 -4.12
CA ILE A 79 1.53 -12.37 -5.43
C ILE A 79 2.22 -13.73 -5.37
N GLY A 80 2.81 -14.03 -4.21
CA GLY A 80 3.50 -15.29 -4.04
C GLY A 80 4.92 -15.12 -3.58
N PHE A 81 5.77 -16.11 -3.86
CA PHE A 81 7.17 -16.06 -3.46
C PHE A 81 8.06 -15.76 -4.67
N GLY B 29 -19.86 2.50 -10.54
CA GLY B 29 -19.41 1.81 -9.35
C GLY B 29 -18.00 2.19 -8.96
N GLU B 30 -17.53 1.66 -7.82
CA GLU B 30 -16.20 1.96 -7.34
C GLU B 30 -15.35 0.69 -7.25
N GLU B 31 -14.49 0.50 -8.25
CA GLU B 31 -13.62 -0.68 -8.28
C GLU B 31 -12.16 -0.28 -8.08
N GLU B 32 -11.79 0.88 -8.62
CA GLU B 32 -10.42 1.38 -8.50
C GLU B 32 -10.40 2.79 -7.93
N GLY B 33 -9.24 3.21 -7.46
CA GLY B 33 -9.11 4.54 -6.88
C GLY B 33 -9.13 4.53 -5.37
N GLU B 34 -8.83 3.37 -4.78
CA GLU B 34 -8.83 3.22 -3.34
C GLU B 34 -7.41 3.15 -2.80
N GLU B 35 -6.46 3.75 -3.51
CA GLU B 35 -5.07 3.73 -3.08
C GLU B 35 -4.42 5.09 -3.27
N TYR B 36 -3.45 5.39 -2.42
CA TYR B 36 -2.74 6.67 -2.48
C TYR B 36 -1.23 6.45 -2.42
N ARG A 8 -8.69 -9.76 5.09
CA ARG A 8 -7.63 -10.51 4.44
C ARG A 8 -6.54 -10.89 5.44
N GLU A 9 -5.67 -11.81 5.04
CA GLU A 9 -4.58 -12.27 5.89
C GLU A 9 -3.23 -11.86 5.33
N LEU A 10 -2.87 -10.60 5.53
CA LEU A 10 -1.60 -10.07 5.04
C LEU A 10 -0.65 -9.79 6.19
N LYS A 11 0.65 -9.97 5.93
CA LYS A 11 1.66 -9.72 6.95
C LYS A 11 2.79 -8.86 6.39
N ILE A 12 3.37 -8.03 7.25
CA ILE A 12 4.47 -7.15 6.83
C ILE A 12 5.64 -7.95 6.30
N GLY A 13 6.25 -7.46 5.23
CA GLY A 13 7.38 -8.14 4.63
C GLY A 13 6.96 -9.14 3.56
N ASP A 14 5.66 -9.29 3.36
CA ASP A 14 5.15 -10.22 2.36
C ASP A 14 4.88 -9.52 1.04
N ARG A 15 5.11 -10.23 -0.06
CA ARG A 15 4.90 -9.67 -1.39
C ARG A 15 3.41 -9.64 -1.72
N VAL A 16 2.94 -8.50 -2.23
CA VAL A 16 1.54 -8.34 -2.57
C VAL A 16 1.35 -7.34 -3.71
N LEU A 17 0.09 -7.07 -4.02
CA LEU A 17 -0.24 -6.12 -5.08
C LEU A 17 -1.15 -5.03 -4.52
N VAL A 18 -0.71 -3.79 -4.62
CA VAL A 18 -1.51 -2.66 -4.14
C VAL A 18 -2.45 -2.17 -5.24
N GLY A 19 -3.74 -2.39 -5.03
CA GLY A 19 -4.73 -1.98 -6.02
C GLY A 19 -4.96 -3.05 -7.09
N GLY A 20 -4.16 -4.11 -7.06
CA GLY A 20 -4.30 -5.17 -8.04
C GLY A 20 -3.43 -4.96 -9.26
N THR A 21 -3.13 -3.70 -9.56
CA THR A 21 -2.32 -3.36 -10.71
C THR A 21 -0.88 -3.07 -10.30
N LYS A 22 -0.70 -2.64 -9.06
CA LYS A 22 0.63 -2.32 -8.54
C LYS A 22 1.14 -3.48 -7.68
N ALA A 23 2.46 -3.67 -7.69
CA ALA A 23 3.07 -4.74 -6.91
C ALA A 23 4.08 -4.19 -5.92
N GLY A 24 4.13 -4.79 -4.74
CA GLY A 24 5.06 -4.35 -3.72
C GLY A 24 5.08 -5.26 -2.50
N VAL A 25 5.71 -4.78 -1.43
CA VAL A 25 5.80 -5.54 -0.19
C VAL A 25 5.13 -4.81 0.96
N VAL A 26 4.31 -5.54 1.72
CA VAL A 26 3.61 -4.95 2.86
C VAL A 26 4.61 -4.41 3.88
N ARG A 27 4.47 -3.14 4.22
CA ARG A 27 5.38 -2.51 5.18
C ARG A 27 4.65 -2.09 6.45
N PHE A 28 3.33 -1.90 6.36
CA PHE A 28 2.54 -1.49 7.51
C PHE A 28 1.05 -1.62 7.21
N LEU A 29 0.26 -1.86 8.24
CA LEU A 29 -1.18 -2.00 8.09
C LEU A 29 -1.94 -1.20 9.14
N GLY A 30 -2.82 -0.31 8.70
CA GLY A 30 -3.58 0.50 9.62
C GLY A 30 -4.38 1.57 8.92
N GLU A 31 -5.08 2.40 9.70
CA GLU A 31 -5.89 3.48 9.16
C GLU A 31 -5.02 4.67 8.80
N THR A 32 -5.54 5.53 7.91
CA THR A 32 -4.80 6.72 7.49
C THR A 32 -5.40 7.97 8.11
N ASP A 33 -4.61 9.03 8.16
CA ASP A 33 -5.06 10.31 8.74
C ASP A 33 -5.82 11.15 7.71
N PHE A 34 -5.96 10.63 6.50
CA PHE A 34 -6.67 11.35 5.45
C PHE A 34 -7.81 10.51 4.86
N ALA A 35 -7.78 9.21 5.11
CA ALA A 35 -8.81 8.30 4.61
C ALA A 35 -9.53 7.59 5.74
N LYS A 36 -10.84 7.43 5.61
CA LYS A 36 -11.64 6.76 6.63
C LYS A 36 -11.67 5.26 6.39
N GLY A 37 -11.41 4.49 7.45
CA GLY A 37 -11.41 3.04 7.33
C GLY A 37 -10.03 2.44 7.54
N GLU A 38 -9.88 1.17 7.19
CA GLU A 38 -8.61 0.48 7.34
C GLU A 38 -7.82 0.51 6.04
N TRP A 39 -6.53 0.78 6.14
CA TRP A 39 -5.65 0.83 4.97
C TRP A 39 -4.38 0.03 5.19
N CYS A 40 -3.62 -0.18 4.12
CA CYS A 40 -2.37 -0.93 4.20
C CYS A 40 -1.26 -0.23 3.42
N GLY A 41 -0.02 -0.51 3.79
CA GLY A 41 1.12 0.08 3.13
C GLY A 41 1.96 -0.95 2.41
N VAL A 42 2.20 -0.73 1.12
CA VAL A 42 3.01 -1.66 0.33
C VAL A 42 4.10 -0.93 -0.43
N GLU A 43 5.31 -1.46 -0.35
CA GLU A 43 6.45 -0.86 -1.05
C GLU A 43 6.50 -1.34 -2.49
N LEU A 44 6.22 -0.43 -3.42
CA LEU A 44 6.21 -0.77 -4.84
C LEU A 44 7.61 -1.12 -5.33
N ASP A 45 7.69 -2.13 -6.19
CA ASP A 45 8.95 -2.57 -6.75
C ASP A 45 9.54 -1.54 -7.71
N GLU A 46 8.67 -0.71 -8.28
CA GLU A 46 9.10 0.33 -9.21
C GLU A 46 8.38 1.65 -8.94
N PRO A 47 8.84 2.75 -9.57
CA PRO A 47 8.24 4.08 -9.38
C PRO A 47 6.81 4.15 -9.92
N LEU A 48 5.90 3.43 -9.27
CA LEU A 48 4.51 3.41 -9.68
C LEU A 48 3.59 3.77 -8.51
N GLY A 49 4.11 4.57 -7.58
CA GLY A 49 3.32 4.97 -6.43
C GLY A 49 2.96 6.44 -6.46
N LYS A 50 2.63 7.00 -5.30
CA LYS A 50 2.27 8.40 -5.19
C LYS A 50 3.11 9.12 -4.14
N ASN A 51 3.32 8.45 -3.01
CA ASN A 51 4.11 9.03 -1.93
C ASN A 51 5.39 8.22 -1.68
N ASP A 52 6.27 8.76 -0.85
CA ASP A 52 7.53 8.09 -0.53
C ASP A 52 7.44 7.40 0.83
N GLY A 53 6.23 7.03 1.23
CA GLY A 53 6.04 6.35 2.50
C GLY A 53 5.43 7.25 3.56
N ALA A 54 4.81 8.35 3.13
CA ALA A 54 4.18 9.28 4.06
C ALA A 54 2.84 9.76 3.53
N VAL A 55 1.95 10.13 4.45
CA VAL A 55 0.62 10.60 4.09
C VAL A 55 0.25 11.85 4.88
N ALA A 56 0.07 12.96 4.18
CA ALA A 56 -0.29 14.22 4.83
C ALA A 56 0.75 14.63 5.86
N GLY A 57 1.97 14.15 5.69
CA GLY A 57 3.04 14.49 6.62
C GLY A 57 3.27 13.41 7.66
N THR A 58 2.65 12.25 7.47
CA THR A 58 2.80 11.14 8.42
C THR A 58 3.46 9.94 7.74
N ARG A 59 4.65 9.61 8.18
CA ARG A 59 5.39 8.47 7.62
C ARG A 59 5.04 7.18 8.35
N TYR A 60 4.31 6.30 7.68
CA TYR A 60 3.92 5.02 8.27
C TYR A 60 5.04 4.00 8.15
N PHE A 61 5.78 4.07 7.05
CA PHE A 61 6.89 3.15 6.81
C PHE A 61 7.95 3.81 5.93
N GLN A 62 9.07 3.13 5.74
CA GLN A 62 10.16 3.65 4.93
C GLN A 62 10.22 2.95 3.57
N CYS A 63 10.25 3.75 2.51
CA CYS A 63 10.30 3.20 1.16
C CYS A 63 10.95 4.21 0.19
N GLN A 64 11.40 3.71 -0.95
CA GLN A 64 12.04 4.55 -1.95
C GLN A 64 11.07 5.63 -2.45
N PRO A 65 11.60 6.65 -3.14
CA PRO A 65 10.78 7.76 -3.67
C PRO A 65 9.76 7.27 -4.68
N LYS A 66 8.51 7.70 -4.52
CA LYS A 66 7.44 7.30 -5.43
C LYS A 66 7.24 5.79 -5.43
N TYR A 67 7.64 5.14 -4.35
CA TYR A 67 7.50 3.69 -4.24
C TYR A 67 6.46 3.31 -3.18
N GLY A 68 6.15 4.25 -2.29
CA GLY A 68 5.16 3.99 -1.26
C GLY A 68 3.74 4.12 -1.75
N LEU A 69 2.95 3.08 -1.53
CA LEU A 69 1.55 3.08 -1.95
C LEU A 69 0.64 2.63 -0.81
N PHE A 70 -0.41 3.39 -0.58
CA PHE A 70 -1.35 3.07 0.50
C PHE A 70 -2.69 2.59 -0.07
N ALA A 71 -3.01 1.32 0.17
CA ALA A 71 -4.26 0.76 -0.31
C ALA A 71 -4.86 -0.19 0.73
N PRO A 72 -6.20 -0.29 0.77
CA PRO A 72 -6.92 -1.16 1.71
C PRO A 72 -6.35 -2.57 1.76
N VAL A 73 -6.69 -3.30 2.82
CA VAL A 73 -6.22 -4.67 2.97
C VAL A 73 -6.93 -5.60 1.99
N HIS A 74 -8.18 -5.27 1.67
CA HIS A 74 -8.96 -6.08 0.73
C HIS A 74 -8.52 -5.80 -0.71
N LYS A 75 -7.99 -4.62 -0.96
CA LYS A 75 -7.53 -4.24 -2.29
C LYS A 75 -6.19 -4.88 -2.59
N VAL A 76 -5.47 -5.29 -1.55
CA VAL A 76 -4.17 -5.91 -1.71
C VAL A 76 -4.28 -7.43 -1.70
N THR A 77 -3.44 -8.07 -2.50
CA THR A 77 -3.43 -9.53 -2.59
C THR A 77 -2.00 -10.05 -2.74
N LYS A 78 -1.73 -11.19 -2.12
CA LYS A 78 -0.41 -11.80 -2.19
C LYS A 78 -0.04 -12.16 -3.63
N ILE A 79 1.16 -11.78 -4.05
CA ILE A 79 1.63 -12.06 -5.40
C ILE A 79 2.51 -13.31 -5.43
N GLY A 80 3.12 -13.62 -4.29
CA GLY A 80 3.98 -14.79 -4.22
C GLY A 80 3.29 -16.05 -4.68
N PHE A 81 3.94 -16.79 -5.56
CA PHE A 81 3.40 -18.04 -6.08
C PHE A 81 3.34 -19.11 -4.98
N GLY B 29 -11.04 -6.65 -9.68
CA GLY B 29 -10.72 -5.65 -8.67
C GLY B 29 -11.93 -4.82 -8.29
N GLU B 30 -12.08 -4.57 -6.99
CA GLU B 30 -13.20 -3.78 -6.49
C GLU B 30 -13.02 -2.31 -6.82
N GLU B 31 -13.33 -1.94 -8.06
CA GLU B 31 -13.21 -0.56 -8.51
C GLU B 31 -11.76 -0.09 -8.43
N GLU B 32 -11.53 1.17 -8.77
CA GLU B 32 -10.19 1.74 -8.74
C GLU B 32 -10.19 3.09 -8.04
N GLY B 33 -9.01 3.55 -7.64
CA GLY B 33 -8.90 4.83 -6.97
C GLY B 33 -9.00 4.70 -5.46
N GLU B 34 -8.70 3.51 -4.94
CA GLU B 34 -8.76 3.26 -3.51
C GLU B 34 -7.35 3.17 -2.92
N GLU B 35 -6.40 3.83 -3.55
CA GLU B 35 -5.03 3.80 -3.07
C GLU B 35 -4.35 5.15 -3.25
N TYR B 36 -3.37 5.42 -2.38
CA TYR B 36 -2.64 6.69 -2.43
C TYR B 36 -1.14 6.45 -2.31
N ARG A 8 -8.49 -13.25 4.46
CA ARG A 8 -7.44 -12.67 3.62
C ARG A 8 -6.61 -11.67 4.40
N GLU A 9 -5.80 -12.18 5.32
CA GLU A 9 -4.94 -11.33 6.15
C GLU A 9 -3.56 -11.18 5.52
N LEU A 10 -2.97 -10.00 5.68
CA LEU A 10 -1.65 -9.71 5.12
C LEU A 10 -0.63 -9.48 6.24
N LYS A 11 0.62 -9.81 5.95
CA LYS A 11 1.70 -9.65 6.91
C LYS A 11 2.81 -8.77 6.34
N ILE A 12 3.44 -7.97 7.20
CA ILE A 12 4.52 -7.09 6.77
C ILE A 12 5.69 -7.88 6.21
N GLY A 13 6.36 -7.31 5.22
CA GLY A 13 7.50 -7.98 4.60
C GLY A 13 7.07 -9.00 3.57
N ASP A 14 5.77 -9.16 3.37
CA ASP A 14 5.24 -10.11 2.40
C ASP A 14 4.98 -9.45 1.06
N ARG A 15 5.21 -10.19 -0.02
CA ARG A 15 4.99 -9.67 -1.36
C ARG A 15 3.50 -9.65 -1.69
N VAL A 16 3.04 -8.54 -2.24
CA VAL A 16 1.63 -8.40 -2.59
C VAL A 16 1.43 -7.41 -3.73
N LEU A 17 0.17 -7.15 -4.06
CA LEU A 17 -0.17 -6.22 -5.12
C LEU A 17 -1.10 -5.13 -4.58
N VAL A 18 -0.67 -3.88 -4.69
CA VAL A 18 -1.49 -2.77 -4.22
C VAL A 18 -2.42 -2.30 -5.33
N GLY A 19 -3.72 -2.52 -5.15
CA GLY A 19 -4.69 -2.12 -6.14
C GLY A 19 -4.89 -3.18 -7.21
N GLY A 20 -4.08 -4.25 -7.16
CA GLY A 20 -4.20 -5.32 -8.14
C GLY A 20 -3.33 -5.09 -9.36
N THR A 21 -3.04 -3.83 -9.65
CA THR A 21 -2.22 -3.48 -10.80
C THR A 21 -0.78 -3.21 -10.38
N LYS A 22 -0.61 -2.74 -9.15
CA LYS A 22 0.71 -2.44 -8.63
C LYS A 22 1.23 -3.58 -7.75
N ALA A 23 2.54 -3.79 -7.76
CA ALA A 23 3.15 -4.84 -6.95
C ALA A 23 4.14 -4.26 -5.95
N GLY A 24 4.17 -4.84 -4.76
CA GLY A 24 5.08 -4.37 -3.74
C GLY A 24 5.11 -5.26 -2.51
N VAL A 25 5.72 -4.77 -1.44
CA VAL A 25 5.83 -5.52 -0.20
C VAL A 25 5.15 -4.78 0.95
N VAL A 26 4.33 -5.51 1.71
CA VAL A 26 3.63 -4.91 2.84
C VAL A 26 4.61 -4.37 3.86
N ARG A 27 4.37 -3.15 4.32
CA ARG A 27 5.26 -2.51 5.28
C ARG A 27 4.51 -2.16 6.58
N PHE A 28 3.32 -1.58 6.43
CA PHE A 28 2.52 -1.20 7.58
C PHE A 28 1.03 -1.38 7.28
N LEU A 29 0.26 -1.78 8.29
CA LEU A 29 -1.17 -1.98 8.11
C LEU A 29 -1.97 -1.25 9.19
N GLY A 30 -2.85 -0.36 8.76
CA GLY A 30 -3.67 0.39 9.70
C GLY A 30 -4.46 1.48 9.02
N GLU A 31 -5.10 2.33 9.81
CA GLU A 31 -5.89 3.43 9.29
C GLU A 31 -5.01 4.61 8.88
N THR A 32 -5.54 5.48 8.02
CA THR A 32 -4.79 6.63 7.55
C THR A 32 -5.34 7.91 8.16
N ASP A 33 -4.53 8.97 8.15
CA ASP A 33 -4.93 10.25 8.71
C ASP A 33 -5.71 11.08 7.69
N PHE A 34 -5.84 10.57 6.47
CA PHE A 34 -6.56 11.28 5.41
C PHE A 34 -7.72 10.43 4.87
N ALA A 35 -7.68 9.13 5.13
CA ALA A 35 -8.73 8.24 4.66
C ALA A 35 -9.42 7.53 5.83
N LYS A 36 -10.74 7.36 5.70
CA LYS A 36 -11.52 6.70 6.74
C LYS A 36 -11.59 5.20 6.51
N GLY A 37 -11.29 4.41 7.54
CA GLY A 37 -11.32 2.97 7.42
C GLY A 37 -9.97 2.34 7.60
N GLU A 38 -9.84 1.07 7.21
CA GLU A 38 -8.58 0.35 7.34
C GLU A 38 -7.79 0.41 6.04
N TRP A 39 -6.49 0.69 6.14
CA TRP A 39 -5.62 0.78 4.97
C TRP A 39 -4.34 0.00 5.19
N CYS A 40 -3.59 -0.22 4.11
CA CYS A 40 -2.33 -0.95 4.19
C CYS A 40 -1.24 -0.25 3.39
N GLY A 41 0.01 -0.50 3.76
CA GLY A 41 1.14 0.09 3.07
C GLY A 41 1.98 -0.94 2.36
N VAL A 42 2.22 -0.73 1.07
CA VAL A 42 3.02 -1.66 0.28
C VAL A 42 4.11 -0.93 -0.49
N GLU A 43 5.34 -1.43 -0.39
CA GLU A 43 6.47 -0.85 -1.10
C GLU A 43 6.53 -1.36 -2.53
N LEU A 44 6.26 -0.48 -3.48
CA LEU A 44 6.27 -0.87 -4.89
C LEU A 44 7.65 -1.23 -5.37
N ASP A 45 7.72 -2.05 -6.41
CA ASP A 45 8.98 -2.50 -6.98
C ASP A 45 9.59 -1.41 -7.86
N GLU A 46 8.74 -0.57 -8.44
CA GLU A 46 9.20 0.51 -9.31
C GLU A 46 8.49 1.82 -8.96
N PRO A 47 8.94 2.95 -9.54
CA PRO A 47 8.33 4.26 -9.30
C PRO A 47 6.90 4.34 -9.82
N LEU A 48 6.00 3.61 -9.16
CA LEU A 48 4.60 3.59 -9.56
C LEU A 48 3.69 3.94 -8.38
N GLY A 49 4.22 4.67 -7.42
CA GLY A 49 3.44 5.06 -6.25
C GLY A 49 3.10 6.54 -6.24
N LYS A 50 2.51 7.01 -5.15
CA LYS A 50 2.14 8.41 -5.03
C LYS A 50 2.93 9.10 -3.92
N ASN A 51 3.29 8.34 -2.88
CA ASN A 51 4.04 8.88 -1.76
C ASN A 51 5.33 8.11 -1.53
N ASP A 52 6.23 8.69 -0.75
CA ASP A 52 7.51 8.06 -0.45
C ASP A 52 7.46 7.31 0.89
N GLY A 53 6.27 6.90 1.29
CA GLY A 53 6.12 6.18 2.54
C GLY A 53 5.48 7.03 3.63
N ALA A 54 4.88 8.16 3.24
CA ALA A 54 4.24 9.05 4.20
C ALA A 54 2.92 9.57 3.65
N VAL A 55 2.05 10.02 4.55
CA VAL A 55 0.74 10.55 4.16
C VAL A 55 0.35 11.73 5.03
N ALA A 56 0.09 12.88 4.39
CA ALA A 56 -0.30 14.09 5.11
C ALA A 56 0.74 14.47 6.16
N GLY A 57 1.98 14.08 5.92
CA GLY A 57 3.05 14.38 6.86
C GLY A 57 3.25 13.30 7.90
N THR A 58 2.63 12.14 7.68
CA THR A 58 2.76 11.02 8.60
C THR A 58 3.41 9.83 7.92
N ARG A 59 4.61 9.48 8.37
CA ARG A 59 5.35 8.36 7.81
C ARG A 59 4.97 7.05 8.49
N TYR A 60 4.32 6.16 7.75
CA TYR A 60 3.89 4.88 8.28
C TYR A 60 5.00 3.84 8.14
N PHE A 61 5.81 3.97 7.09
CA PHE A 61 6.90 3.06 6.85
C PHE A 61 7.98 3.71 5.98
N GLN A 62 9.08 3.00 5.79
CA GLN A 62 10.19 3.52 4.98
C GLN A 62 10.23 2.84 3.61
N CYS A 63 10.23 3.65 2.55
CA CYS A 63 10.26 3.13 1.19
C CYS A 63 10.88 4.14 0.24
N GLN A 64 11.36 3.66 -0.89
CA GLN A 64 11.98 4.52 -1.90
C GLN A 64 10.98 5.53 -2.43
N PRO A 65 11.48 6.57 -3.13
CA PRO A 65 10.61 7.62 -3.68
C PRO A 65 9.64 7.08 -4.74
N LYS A 66 8.40 7.52 -4.67
CA LYS A 66 7.37 7.07 -5.60
C LYS A 66 7.16 5.56 -5.51
N TYR A 67 7.58 4.96 -4.41
CA TYR A 67 7.41 3.53 -4.21
C TYR A 67 6.36 3.23 -3.14
N GLY A 68 6.06 4.23 -2.32
CA GLY A 68 5.07 4.06 -1.27
C GLY A 68 3.65 4.14 -1.79
N LEU A 69 2.90 3.05 -1.62
CA LEU A 69 1.51 3.01 -2.06
C LEU A 69 0.60 2.55 -0.93
N PHE A 70 -0.42 3.33 -0.65
CA PHE A 70 -1.37 3.02 0.42
C PHE A 70 -2.70 2.52 -0.13
N ALA A 71 -3.01 1.25 0.11
CA ALA A 71 -4.26 0.66 -0.35
C ALA A 71 -4.84 -0.29 0.70
N PRO A 72 -6.18 -0.38 0.76
CA PRO A 72 -6.87 -1.26 1.72
C PRO A 72 -6.31 -2.67 1.75
N VAL A 73 -6.62 -3.40 2.82
CA VAL A 73 -6.15 -4.76 2.97
C VAL A 73 -6.83 -5.69 1.97
N HIS A 74 -8.11 -5.43 1.70
CA HIS A 74 -8.85 -6.25 0.75
C HIS A 74 -8.46 -5.93 -0.68
N LYS A 75 -7.95 -4.72 -0.90
CA LYS A 75 -7.52 -4.31 -2.23
C LYS A 75 -6.16 -4.90 -2.58
N VAL A 76 -5.43 -5.31 -1.55
CA VAL A 76 -4.11 -5.90 -1.75
C VAL A 76 -4.19 -7.41 -1.80
N THR A 77 -3.41 -8.00 -2.71
CA THR A 77 -3.39 -9.45 -2.87
C THR A 77 -1.95 -9.96 -2.96
N LYS A 78 -1.69 -11.07 -2.28
CA LYS A 78 -0.37 -11.68 -2.29
C LYS A 78 0.01 -12.17 -3.68
N ILE A 79 1.21 -11.85 -4.13
CA ILE A 79 1.68 -12.27 -5.45
C ILE A 79 2.23 -13.70 -5.40
N GLY A 80 2.75 -14.09 -4.25
CA GLY A 80 3.30 -15.42 -4.09
C GLY A 80 3.99 -15.62 -2.76
N PHE A 81 5.26 -16.02 -2.81
CA PHE A 81 6.02 -16.24 -1.59
C PHE A 81 6.73 -14.95 -1.15
N GLY B 29 -18.01 4.29 -5.57
CA GLY B 29 -17.29 3.14 -5.09
C GLY B 29 -16.23 2.67 -6.08
N GLU B 30 -16.65 1.86 -7.05
CA GLU B 30 -15.73 1.35 -8.05
C GLU B 30 -14.62 0.51 -7.41
N GLU B 31 -13.97 -0.31 -8.22
CA GLU B 31 -12.89 -1.17 -7.73
C GLU B 31 -11.52 -0.52 -7.98
N GLU B 32 -11.52 0.79 -8.17
CA GLU B 32 -10.28 1.53 -8.42
C GLU B 32 -10.29 2.87 -7.70
N GLY B 33 -9.12 3.46 -7.54
CA GLY B 33 -9.02 4.75 -6.88
C GLY B 33 -9.09 4.63 -5.37
N GLU B 34 -8.79 3.44 -4.86
CA GLU B 34 -8.82 3.21 -3.42
C GLU B 34 -7.41 3.13 -2.85
N GLU B 35 -6.46 3.75 -3.52
CA GLU B 35 -5.08 3.73 -3.06
C GLU B 35 -4.41 5.09 -3.25
N TYR B 36 -3.40 5.35 -2.43
CA TYR B 36 -2.68 6.63 -2.49
C TYR B 36 -1.17 6.40 -2.40
N ARG A 8 -7.06 -14.71 4.13
CA ARG A 8 -7.23 -13.48 3.36
C ARG A 8 -6.36 -12.36 3.90
N GLU A 9 -6.10 -12.39 5.21
CA GLU A 9 -5.28 -11.38 5.86
C GLU A 9 -3.89 -11.33 5.24
N LEU A 10 -3.18 -10.23 5.47
CA LEU A 10 -1.84 -10.06 4.94
C LEU A 10 -0.83 -9.85 6.05
N LYS A 11 0.44 -10.13 5.76
CA LYS A 11 1.51 -9.97 6.74
C LYS A 11 2.60 -9.05 6.21
N ILE A 12 3.21 -8.28 7.11
CA ILE A 12 4.27 -7.37 6.74
C ILE A 12 5.48 -8.11 6.18
N GLY A 13 6.09 -7.56 5.14
CA GLY A 13 7.25 -8.19 4.53
C GLY A 13 6.87 -9.19 3.45
N ASP A 14 5.58 -9.36 3.22
CA ASP A 14 5.10 -10.29 2.21
C ASP A 14 4.86 -9.59 0.88
N ARG A 15 5.10 -10.30 -0.21
CA ARG A 15 4.90 -9.74 -1.54
C ARG A 15 3.42 -9.71 -1.88
N VAL A 16 2.94 -8.55 -2.33
CA VAL A 16 1.53 -8.40 -2.67
C VAL A 16 1.34 -7.41 -3.81
N LEU A 17 0.07 -7.14 -4.13
CA LEU A 17 -0.27 -6.19 -5.19
C LEU A 17 -1.20 -5.12 -4.65
N VAL A 18 -0.78 -3.87 -4.76
CA VAL A 18 -1.59 -2.75 -4.28
C VAL A 18 -2.51 -2.27 -5.40
N GLY A 19 -3.80 -2.49 -5.21
CA GLY A 19 -4.77 -2.07 -6.22
C GLY A 19 -4.98 -3.13 -7.28
N GLY A 20 -4.18 -4.19 -7.24
CA GLY A 20 -4.29 -5.26 -8.23
C GLY A 20 -3.43 -5.03 -9.44
N THR A 21 -3.12 -3.77 -9.73
CA THR A 21 -2.30 -3.43 -10.88
C THR A 21 -0.86 -3.15 -10.45
N LYS A 22 -0.70 -2.70 -9.20
CA LYS A 22 0.62 -2.39 -8.67
C LYS A 22 1.12 -3.54 -7.80
N ALA A 23 2.44 -3.74 -7.81
CA ALA A 23 3.05 -4.81 -7.02
C ALA A 23 4.06 -4.24 -6.03
N GLY A 24 4.13 -4.86 -4.85
CA GLY A 24 5.05 -4.41 -3.84
C GLY A 24 5.06 -5.30 -2.61
N VAL A 25 5.70 -4.84 -1.55
CA VAL A 25 5.78 -5.60 -0.31
C VAL A 25 5.10 -4.86 0.84
N VAL A 26 4.31 -5.58 1.62
CA VAL A 26 3.61 -5.00 2.75
C VAL A 26 4.60 -4.49 3.80
N ARG A 27 4.43 -3.25 4.22
CA ARG A 27 5.32 -2.64 5.20
C ARG A 27 4.56 -2.27 6.48
N PHE A 28 3.35 -1.76 6.32
CA PHE A 28 2.53 -1.37 7.47
C PHE A 28 1.05 -1.59 7.19
N LEU A 29 0.28 -1.86 8.23
CA LEU A 29 -1.16 -2.09 8.08
C LEU A 29 -1.94 -1.32 9.15
N GLY A 30 -2.81 -0.43 8.70
CA GLY A 30 -3.61 0.36 9.62
C GLY A 30 -4.40 1.45 8.93
N GLU A 31 -5.06 2.29 9.72
CA GLU A 31 -5.86 3.38 9.17
C GLU A 31 -4.98 4.56 8.78
N THR A 32 -5.52 5.45 7.96
CA THR A 32 -4.78 6.62 7.51
C THR A 32 -5.34 7.90 8.14
N ASP A 33 -4.55 8.97 8.08
CA ASP A 33 -4.97 10.24 8.65
C ASP A 33 -5.76 11.07 7.64
N PHE A 34 -5.90 10.56 6.42
CA PHE A 34 -6.63 11.27 5.37
C PHE A 34 -7.79 10.43 4.84
N ALA A 35 -7.76 9.12 5.11
CA ALA A 35 -8.81 8.22 4.64
C ALA A 35 -9.50 7.53 5.81
N LYS A 36 -10.81 7.37 5.71
CA LYS A 36 -11.59 6.71 6.76
C LYS A 36 -11.70 5.22 6.50
N GLY A 37 -11.21 4.42 7.46
CA GLY A 37 -11.27 2.97 7.31
C GLY A 37 -9.91 2.32 7.50
N GLU A 38 -9.80 1.07 7.09
CA GLU A 38 -8.55 0.32 7.22
C GLU A 38 -7.74 0.40 5.94
N TRP A 39 -6.44 0.67 6.07
CA TRP A 39 -5.56 0.77 4.92
C TRP A 39 -4.26 0.00 5.15
N CYS A 40 -3.47 -0.16 4.10
CA CYS A 40 -2.21 -0.88 4.19
C CYS A 40 -1.12 -0.20 3.36
N GLY A 41 0.13 -0.44 3.75
CA GLY A 41 1.25 0.14 3.05
C GLY A 41 2.08 -0.90 2.33
N VAL A 42 2.29 -0.70 1.03
CA VAL A 42 3.07 -1.64 0.24
C VAL A 42 4.17 -0.92 -0.54
N GLU A 43 5.37 -1.46 -0.48
CA GLU A 43 6.51 -0.89 -1.18
C GLU A 43 6.53 -1.38 -2.62
N LEU A 44 6.26 -0.48 -3.56
CA LEU A 44 6.23 -0.84 -4.97
C LEU A 44 7.62 -1.19 -5.48
N ASP A 45 7.67 -2.16 -6.38
CA ASP A 45 8.92 -2.61 -6.97
C ASP A 45 9.52 -1.53 -7.88
N GLU A 46 8.67 -0.66 -8.39
CA GLU A 46 9.11 0.40 -9.29
C GLU A 46 8.41 1.72 -8.95
N PRO A 47 8.89 2.84 -9.52
CA PRO A 47 8.30 4.16 -9.27
C PRO A 47 6.88 4.27 -9.81
N LEU A 48 5.95 3.57 -9.17
CA LEU A 48 4.55 3.58 -9.58
C LEU A 48 3.63 3.95 -8.42
N GLY A 49 4.18 4.67 -7.44
CA GLY A 49 3.39 5.07 -6.29
C GLY A 49 3.05 6.55 -6.32
N LYS A 50 2.55 7.06 -5.19
CA LYS A 50 2.19 8.47 -5.09
C LYS A 50 3.01 9.17 -4.01
N ASN A 51 3.31 8.46 -2.93
CA ASN A 51 4.08 9.02 -1.83
C ASN A 51 5.35 8.22 -1.58
N ASP A 52 6.25 8.79 -0.79
CA ASP A 52 7.52 8.14 -0.47
C ASP A 52 7.44 7.43 0.87
N GLY A 53 6.23 7.04 1.27
CA GLY A 53 6.05 6.34 2.53
C GLY A 53 5.42 7.22 3.60
N ALA A 54 4.80 8.32 3.18
CA ALA A 54 4.16 9.23 4.12
C ALA A 54 2.81 9.71 3.57
N VAL A 55 1.93 10.13 4.47
CA VAL A 55 0.61 10.61 4.08
C VAL A 55 0.16 11.77 4.98
N ALA A 56 -0.13 12.90 4.36
CA ALA A 56 -0.58 14.08 5.08
C ALA A 56 0.43 14.49 6.15
N GLY A 57 1.72 14.20 5.89
CA GLY A 57 2.76 14.54 6.83
C GLY A 57 3.00 13.46 7.86
N THR A 58 2.42 12.28 7.63
CA THR A 58 2.57 11.16 8.55
C THR A 58 3.29 9.99 7.87
N ARG A 59 4.49 9.68 8.34
CA ARG A 59 5.27 8.59 7.78
C ARG A 59 4.93 7.28 8.46
N TYR A 60 4.31 6.36 7.72
CA TYR A 60 3.93 5.07 8.25
C TYR A 60 5.07 4.06 8.11
N PHE A 61 5.82 4.19 7.02
CA PHE A 61 6.95 3.30 6.77
C PHE A 61 7.99 3.98 5.88
N GLN A 62 9.15 3.35 5.74
CA GLN A 62 10.23 3.90 4.92
C GLN A 62 10.33 3.13 3.60
N CYS A 63 10.35 3.87 2.49
CA CYS A 63 10.46 3.26 1.17
C CYS A 63 11.08 4.23 0.17
N GLN A 64 11.51 3.70 -0.97
CA GLN A 64 12.12 4.52 -2.01
C GLN A 64 11.15 5.57 -2.53
N PRO A 65 11.64 6.58 -3.26
CA PRO A 65 10.80 7.64 -3.80
C PRO A 65 9.79 7.11 -4.82
N LYS A 66 8.53 7.52 -4.67
CA LYS A 66 7.47 7.08 -5.56
C LYS A 66 7.25 5.57 -5.47
N TYR A 67 7.76 4.97 -4.40
CA TYR A 67 7.60 3.53 -4.19
C TYR A 67 6.62 3.23 -3.07
N GLY A 68 6.02 4.28 -2.50
CA GLY A 68 5.07 4.10 -1.43
C GLY A 68 3.63 4.18 -1.89
N LEU A 69 2.91 3.08 -1.75
CA LEU A 69 1.50 3.02 -2.16
C LEU A 69 0.63 2.58 -0.99
N PHE A 70 -0.45 3.32 -0.76
CA PHE A 70 -1.37 3.01 0.33
C PHE A 70 -2.72 2.51 -0.18
N ALA A 71 -3.02 1.24 0.07
CA ALA A 71 -4.28 0.65 -0.36
C ALA A 71 -4.83 -0.30 0.70
N PRO A 72 -6.17 -0.41 0.79
CA PRO A 72 -6.83 -1.29 1.75
C PRO A 72 -6.26 -2.69 1.77
N VAL A 73 -6.54 -3.44 2.84
CA VAL A 73 -6.05 -4.80 2.98
C VAL A 73 -6.77 -5.73 2.00
N HIS A 74 -8.05 -5.48 1.79
CA HIS A 74 -8.84 -6.30 0.87
C HIS A 74 -8.47 -6.00 -0.57
N LYS A 75 -7.98 -4.80 -0.82
CA LYS A 75 -7.58 -4.40 -2.16
C LYS A 75 -6.22 -4.99 -2.52
N VAL A 76 -5.47 -5.38 -1.50
CA VAL A 76 -4.15 -5.96 -1.71
C VAL A 76 -4.21 -7.48 -1.69
N THR A 77 -3.43 -8.11 -2.56
CA THR A 77 -3.39 -9.57 -2.65
C THR A 77 -1.96 -10.05 -2.80
N LYS A 78 -1.66 -11.21 -2.20
CA LYS A 78 -0.32 -11.79 -2.28
C LYS A 78 -0.01 -12.24 -3.69
N ILE A 79 1.18 -11.89 -4.17
CA ILE A 79 1.61 -12.27 -5.51
C ILE A 79 2.30 -13.63 -5.50
N GLY A 80 2.94 -13.96 -4.38
CA GLY A 80 3.64 -15.23 -4.27
C GLY A 80 5.12 -15.11 -4.51
N PHE A 81 5.68 -16.04 -5.28
CA PHE A 81 7.10 -16.02 -5.58
C PHE A 81 7.42 -15.00 -6.67
N GLY B 29 -16.04 3.62 -6.34
CA GLY B 29 -14.86 2.77 -6.22
C GLY B 29 -15.17 1.31 -6.44
N GLU B 30 -14.42 0.68 -7.34
CA GLU B 30 -14.63 -0.74 -7.66
C GLU B 30 -13.35 -1.53 -7.42
N GLU B 31 -12.42 -1.45 -8.37
CA GLU B 31 -11.15 -2.16 -8.26
C GLU B 31 -9.97 -1.20 -8.23
N GLU B 32 -10.23 0.07 -8.49
CA GLU B 32 -9.18 1.08 -8.50
C GLU B 32 -9.67 2.39 -7.87
N GLY B 33 -8.73 3.24 -7.49
CA GLY B 33 -9.09 4.52 -6.88
C GLY B 33 -9.08 4.47 -5.36
N GLU B 34 -8.95 3.27 -4.81
CA GLU B 34 -8.94 3.09 -3.36
C GLU B 34 -7.51 3.03 -2.83
N GLU B 35 -6.59 3.69 -3.52
CA GLU B 35 -5.19 3.68 -3.10
C GLU B 35 -4.54 5.04 -3.31
N TYR B 36 -3.52 5.32 -2.50
CA TYR B 36 -2.80 6.59 -2.58
C TYR B 36 -1.29 6.37 -2.52
N ARG A 8 -6.08 -14.15 2.62
CA ARG A 8 -6.92 -13.06 3.11
C ARG A 8 -6.09 -12.04 3.88
N GLU A 9 -5.59 -12.44 5.05
CA GLU A 9 -4.78 -11.56 5.87
C GLU A 9 -3.40 -11.35 5.26
N LEU A 10 -2.83 -10.16 5.47
CA LEU A 10 -1.52 -9.85 4.94
C LEU A 10 -0.52 -9.58 6.07
N LYS A 11 0.73 -9.99 5.85
CA LYS A 11 1.77 -9.79 6.85
C LYS A 11 2.86 -8.87 6.32
N ILE A 12 3.41 -8.05 7.21
CA ILE A 12 4.46 -7.11 6.83
C ILE A 12 5.68 -7.84 6.30
N GLY A 13 6.25 -7.33 5.21
CA GLY A 13 7.41 -7.95 4.61
C GLY A 13 7.05 -8.97 3.55
N ASP A 14 5.76 -9.18 3.33
CA ASP A 14 5.29 -10.14 2.33
C ASP A 14 5.02 -9.44 1.00
N ARG A 15 5.26 -10.17 -0.09
CA ARG A 15 5.03 -9.63 -1.43
C ARG A 15 3.54 -9.63 -1.75
N VAL A 16 3.06 -8.52 -2.30
CA VAL A 16 1.66 -8.38 -2.65
C VAL A 16 1.46 -7.38 -3.78
N LEU A 17 0.18 -7.13 -4.11
CA LEU A 17 -0.16 -6.18 -5.15
C LEU A 17 -1.09 -5.12 -4.60
N VAL A 18 -0.68 -3.87 -4.69
CA VAL A 18 -1.50 -2.76 -4.20
C VAL A 18 -2.44 -2.28 -5.30
N GLY A 19 -3.73 -2.52 -5.11
CA GLY A 19 -4.71 -2.12 -6.11
C GLY A 19 -4.91 -3.16 -7.18
N GLY A 20 -4.09 -4.21 -7.16
CA GLY A 20 -4.20 -5.27 -8.15
C GLY A 20 -3.33 -5.02 -9.37
N THR A 21 -3.04 -3.76 -9.64
CA THR A 21 -2.22 -3.39 -10.79
C THR A 21 -0.79 -3.10 -10.36
N LYS A 22 -0.62 -2.67 -9.11
CA LYS A 22 0.69 -2.34 -8.57
C LYS A 22 1.21 -3.49 -7.73
N ALA A 23 2.54 -3.68 -7.74
CA ALA A 23 3.15 -4.75 -6.97
C ALA A 23 4.15 -4.19 -5.97
N GLY A 24 4.19 -4.77 -4.78
CA GLY A 24 5.11 -4.31 -3.76
C GLY A 24 5.15 -5.22 -2.55
N VAL A 25 5.74 -4.72 -1.46
CA VAL A 25 5.86 -5.49 -0.23
C VAL A 25 5.17 -4.76 0.93
N VAL A 26 4.38 -5.50 1.69
CA VAL A 26 3.68 -4.91 2.83
C VAL A 26 4.67 -4.37 3.85
N ARG A 27 4.43 -3.15 4.31
CA ARG A 27 5.32 -2.51 5.28
C ARG A 27 4.58 -2.16 6.56
N PHE A 28 3.39 -1.58 6.43
CA PHE A 28 2.59 -1.18 7.58
C PHE A 28 1.11 -1.33 7.29
N LEU A 29 0.35 -1.85 8.24
CA LEU A 29 -1.08 -2.03 8.07
C LEU A 29 -1.87 -1.28 9.14
N GLY A 30 -2.79 -0.43 8.71
CA GLY A 30 -3.59 0.34 9.64
C GLY A 30 -4.39 1.44 8.96
N GLU A 31 -5.06 2.25 9.76
CA GLU A 31 -5.87 3.35 9.22
C GLU A 31 -4.99 4.54 8.84
N THR A 32 -5.52 5.43 8.01
CA THR A 32 -4.78 6.61 7.56
C THR A 32 -5.33 7.86 8.21
N ASP A 33 -4.54 8.93 8.20
CA ASP A 33 -4.95 10.19 8.79
C ASP A 33 -5.75 11.04 7.80
N PHE A 34 -5.88 10.56 6.57
CA PHE A 34 -6.62 11.29 5.54
C PHE A 34 -7.77 10.44 4.98
N ALA A 35 -7.72 9.13 5.21
CA ALA A 35 -8.75 8.23 4.71
C ALA A 35 -9.43 7.49 5.86
N LYS A 36 -10.74 7.29 5.74
CA LYS A 36 -11.50 6.59 6.76
C LYS A 36 -11.54 5.10 6.48
N GLY A 37 -11.39 4.30 7.53
CA GLY A 37 -11.40 2.85 7.38
C GLY A 37 -10.04 2.23 7.59
N GLU A 38 -9.88 0.99 7.13
CA GLU A 38 -8.62 0.28 7.26
C GLU A 38 -7.80 0.36 5.98
N TRP A 39 -6.51 0.65 6.11
CA TRP A 39 -5.63 0.76 4.97
C TRP A 39 -4.33 -0.03 5.18
N CYS A 40 -3.55 -0.19 4.12
CA CYS A 40 -2.30 -0.92 4.20
C CYS A 40 -1.21 -0.23 3.39
N GLY A 41 0.04 -0.48 3.77
CA GLY A 41 1.17 0.11 3.09
C GLY A 41 2.02 -0.93 2.38
N VAL A 42 2.24 -0.72 1.08
CA VAL A 42 3.05 -1.64 0.29
C VAL A 42 4.14 -0.90 -0.48
N GLU A 43 5.36 -1.40 -0.40
CA GLU A 43 6.49 -0.80 -1.10
C GLU A 43 6.54 -1.30 -2.54
N LEU A 44 6.24 -0.42 -3.48
CA LEU A 44 6.23 -0.78 -4.89
C LEU A 44 7.63 -1.11 -5.39
N ASP A 45 7.72 -2.10 -6.26
CA ASP A 45 8.99 -2.52 -6.83
C ASP A 45 9.57 -1.46 -7.77
N GLU A 46 8.69 -0.64 -8.34
CA GLU A 46 9.11 0.42 -9.25
C GLU A 46 8.40 1.72 -8.94
N PRO A 47 8.84 2.84 -9.56
CA PRO A 47 8.23 4.16 -9.34
C PRO A 47 6.81 4.23 -9.88
N LEU A 48 5.91 3.49 -9.25
CA LEU A 48 4.51 3.47 -9.65
C LEU A 48 3.59 3.79 -8.48
N GLY A 49 4.11 4.54 -7.51
CA GLY A 49 3.33 4.91 -6.35
C GLY A 49 2.89 6.35 -6.37
N LYS A 50 2.56 6.89 -5.19
CA LYS A 50 2.13 8.28 -5.08
C LYS A 50 2.97 9.04 -4.06
N ASN A 51 3.27 8.39 -2.94
CA ASN A 51 4.06 9.02 -1.89
C ASN A 51 5.36 8.24 -1.65
N ASP A 52 6.21 8.80 -0.78
CA ASP A 52 7.49 8.17 -0.46
C ASP A 52 7.41 7.44 0.88
N GLY A 53 6.21 7.02 1.26
CA GLY A 53 6.04 6.32 2.52
C GLY A 53 5.42 7.19 3.60
N ALA A 54 4.80 8.30 3.20
CA ALA A 54 4.16 9.20 4.14
C ALA A 54 2.82 9.69 3.62
N VAL A 55 1.96 10.13 4.53
CA VAL A 55 0.64 10.62 4.17
C VAL A 55 0.24 11.81 5.03
N ALA A 56 0.01 12.95 4.40
CA ALA A 56 -0.39 14.16 5.10
C ALA A 56 0.65 14.55 6.16
N GLY A 57 1.89 14.15 5.92
CA GLY A 57 2.97 14.47 6.84
C GLY A 57 3.19 13.39 7.88
N THR A 58 2.59 12.22 7.66
CA THR A 58 2.74 11.09 8.57
C THR A 58 3.41 9.91 7.87
N ARG A 59 4.61 9.57 8.32
CA ARG A 59 5.34 8.46 7.74
C ARG A 59 5.00 7.15 8.44
N TYR A 60 4.30 6.27 7.73
CA TYR A 60 3.90 4.98 8.28
C TYR A 60 5.03 3.96 8.13
N PHE A 61 5.80 4.08 7.06
CA PHE A 61 6.91 3.18 6.81
C PHE A 61 7.97 3.85 5.94
N GLN A 62 9.11 3.18 5.76
CA GLN A 62 10.19 3.71 4.95
C GLN A 62 10.26 3.01 3.60
N CYS A 63 10.27 3.80 2.53
CA CYS A 63 10.33 3.26 1.18
C CYS A 63 10.96 4.25 0.22
N GLN A 64 11.41 3.75 -0.93
CA GLN A 64 12.03 4.60 -1.95
C GLN A 64 11.05 5.65 -2.44
N PRO A 65 11.55 6.68 -3.16
CA PRO A 65 10.71 7.76 -3.68
C PRO A 65 9.71 7.24 -4.72
N LYS A 66 8.46 7.66 -4.59
CA LYS A 66 7.41 7.25 -5.51
C LYS A 66 7.20 5.74 -5.48
N TYR A 67 7.65 5.10 -4.40
CA TYR A 67 7.52 3.66 -4.25
C TYR A 67 6.44 3.32 -3.20
N GLY A 68 6.12 4.28 -2.35
CA GLY A 68 5.12 4.05 -1.32
C GLY A 68 3.70 4.12 -1.86
N LEU A 69 2.90 3.09 -1.52
CA LEU A 69 1.52 3.03 -1.96
C LEU A 69 0.62 2.57 -0.82
N PHE A 70 -0.43 3.34 -0.55
CA PHE A 70 -1.37 3.02 0.53
C PHE A 70 -2.70 2.52 -0.04
N ALA A 71 -3.00 1.24 0.19
CA ALA A 71 -4.26 0.67 -0.28
C ALA A 71 -4.83 -0.29 0.76
N PRO A 72 -6.18 -0.43 0.79
CA PRO A 72 -6.87 -1.31 1.73
C PRO A 72 -6.31 -2.72 1.73
N VAL A 73 -6.63 -3.48 2.78
CA VAL A 73 -6.16 -4.86 2.89
C VAL A 73 -6.90 -5.77 1.92
N HIS A 74 -8.13 -5.38 1.57
CA HIS A 74 -8.93 -6.17 0.64
C HIS A 74 -8.50 -5.92 -0.81
N LYS A 75 -7.95 -4.74 -1.06
CA LYS A 75 -7.50 -4.39 -2.40
C LYS A 75 -6.12 -5.00 -2.69
N VAL A 76 -5.41 -5.38 -1.63
CA VAL A 76 -4.09 -5.97 -1.78
C VAL A 76 -4.18 -7.49 -1.78
N THR A 77 -3.31 -8.11 -2.58
CA THR A 77 -3.27 -9.56 -2.69
C THR A 77 -1.84 -10.06 -2.84
N LYS A 78 -1.55 -11.21 -2.25
CA LYS A 78 -0.21 -11.78 -2.33
C LYS A 78 0.12 -12.21 -3.77
N ILE A 79 1.33 -11.87 -4.21
CA ILE A 79 1.76 -12.21 -5.56
C ILE A 79 2.45 -13.57 -5.58
N GLY A 80 3.10 -13.92 -4.47
CA GLY A 80 3.78 -15.20 -4.38
C GLY A 80 5.10 -15.20 -5.14
N PHE A 81 5.38 -16.30 -5.83
CA PHE A 81 6.61 -16.42 -6.60
C PHE A 81 6.33 -16.36 -8.10
N GLY B 29 -18.69 -4.32 -10.19
CA GLY B 29 -17.33 -4.03 -10.60
C GLY B 29 -16.54 -3.29 -9.53
N GLU B 30 -17.13 -3.10 -8.37
CA GLU B 30 -16.46 -2.40 -7.27
C GLU B 30 -16.06 -0.99 -7.69
N GLU B 31 -15.21 -0.36 -6.88
CA GLU B 31 -14.75 1.00 -7.16
C GLU B 31 -13.24 1.01 -7.41
N GLU B 32 -12.73 2.15 -7.88
CA GLU B 32 -11.32 2.30 -8.16
C GLU B 32 -10.77 3.56 -7.50
N GLY B 33 -9.44 3.64 -7.38
CA GLY B 33 -8.82 4.80 -6.76
C GLY B 33 -8.81 4.71 -5.25
N GLU B 34 -8.83 3.49 -4.73
CA GLU B 34 -8.82 3.27 -3.29
C GLU B 34 -7.40 3.20 -2.74
N GLU B 35 -6.43 3.72 -3.49
CA GLU B 35 -5.04 3.69 -3.05
C GLU B 35 -4.37 5.06 -3.21
N TYR B 36 -3.40 5.33 -2.36
CA TYR B 36 -2.68 6.60 -2.40
C TYR B 36 -1.18 6.38 -2.25
N ARG A 8 -4.37 -10.91 9.94
CA ARG A 8 -5.59 -11.61 9.60
C ARG A 8 -5.66 -11.88 8.10
N GLU A 9 -5.25 -10.91 7.30
CA GLU A 9 -5.27 -11.04 5.85
C GLU A 9 -3.86 -11.00 5.27
N LEU A 10 -3.16 -9.90 5.49
CA LEU A 10 -1.81 -9.72 5.00
C LEU A 10 -0.82 -9.48 6.13
N LYS A 11 0.45 -9.76 5.87
CA LYS A 11 1.50 -9.57 6.87
C LYS A 11 2.64 -8.72 6.30
N ILE A 12 3.31 -7.99 7.18
CA ILE A 12 4.41 -7.13 6.77
C ILE A 12 5.59 -7.96 6.24
N GLY A 13 6.27 -7.44 5.22
CA GLY A 13 7.40 -8.14 4.65
C GLY A 13 6.99 -9.13 3.56
N ASP A 14 5.68 -9.28 3.36
CA ASP A 14 5.17 -10.20 2.35
C ASP A 14 4.91 -9.49 1.03
N ARG A 15 5.17 -10.18 -0.08
CA ARG A 15 4.96 -9.61 -1.41
C ARG A 15 3.47 -9.62 -1.75
N VAL A 16 3.00 -8.50 -2.30
CA VAL A 16 1.60 -8.37 -2.67
C VAL A 16 1.40 -7.37 -3.81
N LEU A 17 0.14 -7.12 -4.15
CA LEU A 17 -0.19 -6.18 -5.19
C LEU A 17 -1.13 -5.11 -4.66
N VAL A 18 -0.72 -3.85 -4.75
CA VAL A 18 -1.55 -2.75 -4.28
C VAL A 18 -2.48 -2.28 -5.39
N GLY A 19 -3.77 -2.52 -5.22
CA GLY A 19 -4.74 -2.13 -6.22
C GLY A 19 -4.94 -3.18 -7.29
N GLY A 20 -4.12 -4.24 -7.25
CA GLY A 20 -4.22 -5.30 -8.23
C GLY A 20 -3.34 -5.06 -9.45
N THR A 21 -3.05 -3.80 -9.72
CA THR A 21 -2.23 -3.44 -10.87
C THR A 21 -0.79 -3.13 -10.43
N LYS A 22 -0.64 -2.69 -9.19
CA LYS A 22 0.67 -2.36 -8.65
C LYS A 22 1.19 -3.49 -7.79
N ALA A 23 2.51 -3.67 -7.77
CA ALA A 23 3.13 -4.73 -6.98
C ALA A 23 4.11 -4.16 -5.96
N GLY A 24 4.20 -4.81 -4.81
CA GLY A 24 5.11 -4.34 -3.78
C GLY A 24 5.13 -5.25 -2.56
N VAL A 25 5.72 -4.76 -1.48
CA VAL A 25 5.81 -5.52 -0.25
C VAL A 25 5.12 -4.79 0.90
N VAL A 26 4.31 -5.52 1.67
CA VAL A 26 3.61 -4.93 2.81
C VAL A 26 4.60 -4.41 3.84
N ARG A 27 4.45 -3.15 4.21
CA ARG A 27 5.35 -2.53 5.19
C ARG A 27 4.61 -2.18 6.48
N PHE A 28 3.43 -1.59 6.35
CA PHE A 28 2.64 -1.21 7.51
C PHE A 28 1.15 -1.30 7.21
N LEU A 29 0.40 -1.91 8.13
CA LEU A 29 -1.04 -2.06 7.96
C LEU A 29 -1.80 -1.33 9.04
N GLY A 30 -2.75 -0.48 8.63
CA GLY A 30 -3.53 0.28 9.58
C GLY A 30 -4.34 1.38 8.91
N GLU A 31 -4.99 2.19 9.72
CA GLU A 31 -5.81 3.29 9.21
C GLU A 31 -4.93 4.48 8.82
N THR A 32 -5.48 5.38 8.01
CA THR A 32 -4.75 6.56 7.57
C THR A 32 -5.30 7.82 8.23
N ASP A 33 -4.52 8.89 8.18
CA ASP A 33 -4.93 10.17 8.77
C ASP A 33 -5.75 10.99 7.78
N PHE A 34 -5.88 10.51 6.56
CA PHE A 34 -6.64 11.22 5.52
C PHE A 34 -7.79 10.37 4.98
N ALA A 35 -7.72 9.06 5.23
CA ALA A 35 -8.76 8.15 4.76
C ALA A 35 -9.41 7.41 5.93
N LYS A 36 -10.73 7.25 5.86
CA LYS A 36 -11.48 6.57 6.91
C LYS A 36 -11.56 5.07 6.63
N GLY A 37 -11.28 4.27 7.65
CA GLY A 37 -11.32 2.83 7.50
C GLY A 37 -9.96 2.19 7.66
N GLU A 38 -9.85 0.92 7.26
CA GLU A 38 -8.60 0.19 7.35
C GLU A 38 -7.82 0.27 6.05
N TRP A 39 -6.53 0.60 6.15
CA TRP A 39 -5.68 0.70 4.97
C TRP A 39 -4.39 -0.09 5.16
N CYS A 40 -3.63 -0.25 4.09
CA CYS A 40 -2.38 -1.00 4.14
C CYS A 40 -1.29 -0.28 3.35
N GLY A 41 -0.04 -0.55 3.72
CA GLY A 41 1.10 0.07 3.05
C GLY A 41 1.96 -0.95 2.34
N VAL A 42 2.19 -0.74 1.06
CA VAL A 42 3.00 -1.65 0.26
C VAL A 42 4.10 -0.90 -0.48
N GLU A 43 5.32 -1.41 -0.41
CA GLU A 43 6.45 -0.80 -1.08
C GLU A 43 6.50 -1.28 -2.54
N LEU A 44 6.24 -0.36 -3.47
CA LEU A 44 6.24 -0.71 -4.88
C LEU A 44 7.64 -1.06 -5.37
N ASP A 45 7.70 -2.04 -6.26
CA ASP A 45 8.97 -2.49 -6.82
C ASP A 45 9.58 -1.42 -7.73
N GLU A 46 8.72 -0.59 -8.31
CA GLU A 46 9.17 0.47 -9.20
C GLU A 46 8.45 1.79 -8.88
N PRO A 47 8.92 2.90 -9.46
CA PRO A 47 8.31 4.22 -9.23
C PRO A 47 6.90 4.31 -9.80
N LEU A 48 5.97 3.59 -9.20
CA LEU A 48 4.59 3.58 -9.64
C LEU A 48 3.64 3.91 -8.49
N GLY A 49 4.13 4.68 -7.52
CA GLY A 49 3.31 5.06 -6.39
C GLY A 49 2.97 6.53 -6.39
N LYS A 50 2.46 7.02 -5.26
CA LYS A 50 2.09 8.43 -5.14
C LYS A 50 2.89 9.12 -4.04
N ASN A 51 3.20 8.37 -2.98
CA ASN A 51 3.97 8.93 -1.87
C ASN A 51 5.27 8.17 -1.66
N ASP A 52 6.13 8.70 -0.78
CA ASP A 52 7.41 8.07 -0.50
C ASP A 52 7.38 7.35 0.84
N GLY A 53 6.20 6.92 1.26
CA GLY A 53 6.05 6.22 2.52
C GLY A 53 5.41 7.07 3.61
N ALA A 54 4.81 8.18 3.21
CA ALA A 54 4.15 9.06 4.16
C ALA A 54 2.82 9.58 3.60
N VAL A 55 1.94 10.01 4.51
CA VAL A 55 0.63 10.52 4.11
C VAL A 55 0.25 11.75 4.93
N ALA A 56 0.05 12.88 4.24
CA ALA A 56 -0.33 14.12 4.90
C ALA A 56 0.72 14.52 5.94
N GLY A 57 1.95 14.09 5.74
CA GLY A 57 3.01 14.42 6.68
C GLY A 57 3.27 13.32 7.70
N THR A 58 2.40 12.31 7.71
CA THR A 58 2.54 11.20 8.65
C THR A 58 3.17 9.99 7.97
N ARG A 59 4.36 9.62 8.42
CA ARG A 59 5.07 8.47 7.86
C ARG A 59 4.65 7.18 8.55
N TYR A 60 4.26 6.19 7.75
CA TYR A 60 3.82 4.91 8.28
C TYR A 60 4.92 3.86 8.14
N PHE A 61 5.72 3.99 7.10
CA PHE A 61 6.82 3.05 6.86
C PHE A 61 7.91 3.71 6.01
N GLN A 62 9.03 3.01 5.87
CA GLN A 62 10.15 3.53 5.09
C GLN A 62 10.25 2.83 3.74
N CYS A 63 10.31 3.62 2.67
CA CYS A 63 10.42 3.07 1.32
C CYS A 63 11.09 4.07 0.38
N GLN A 64 11.60 3.56 -0.73
CA GLN A 64 12.27 4.41 -1.72
C GLN A 64 11.32 5.47 -2.25
N PRO A 65 11.86 6.50 -2.92
CA PRO A 65 11.05 7.59 -3.48
C PRO A 65 10.04 7.08 -4.51
N LYS A 66 8.79 7.48 -4.35
CA LYS A 66 7.72 7.06 -5.25
C LYS A 66 7.53 5.55 -5.23
N TYR A 67 8.00 4.90 -4.17
CA TYR A 67 7.88 3.46 -4.04
C TYR A 67 6.92 3.09 -2.91
N GLY A 68 6.05 4.03 -2.54
CA GLY A 68 5.09 3.78 -1.49
C GLY A 68 3.65 3.97 -1.93
N LEU A 69 2.83 2.95 -1.72
CA LEU A 69 1.43 3.02 -2.11
C LEU A 69 0.53 2.56 -0.96
N PHE A 70 -0.48 3.36 -0.66
CA PHE A 70 -1.42 3.04 0.43
C PHE A 70 -2.75 2.56 -0.12
N ALA A 71 -3.07 1.28 0.11
CA ALA A 71 -4.32 0.71 -0.36
C ALA A 71 -4.90 -0.25 0.67
N PRO A 72 -6.24 -0.35 0.74
CA PRO A 72 -6.94 -1.23 1.67
C PRO A 72 -6.36 -2.64 1.70
N VAL A 73 -6.68 -3.39 2.75
CA VAL A 73 -6.21 -4.76 2.89
C VAL A 73 -6.89 -5.68 1.88
N HIS A 74 -8.16 -5.39 1.58
CA HIS A 74 -8.92 -6.20 0.64
C HIS A 74 -8.51 -5.88 -0.80
N LYS A 75 -8.00 -4.67 -1.02
CA LYS A 75 -7.55 -4.27 -2.35
C LYS A 75 -6.18 -4.87 -2.67
N VAL A 76 -5.46 -5.27 -1.63
CA VAL A 76 -4.14 -5.86 -1.80
C VAL A 76 -4.22 -7.38 -1.83
N THR A 77 -3.43 -7.99 -2.70
CA THR A 77 -3.40 -9.44 -2.82
C THR A 77 -1.97 -9.96 -2.91
N LYS A 78 -1.75 -11.16 -2.37
CA LYS A 78 -0.42 -11.77 -2.39
C LYS A 78 -0.04 -12.20 -3.80
N ILE A 79 1.18 -11.85 -4.21
CA ILE A 79 1.67 -12.21 -5.53
C ILE A 79 2.47 -13.50 -5.50
N GLY A 80 3.04 -13.82 -4.34
CA GLY A 80 3.82 -15.04 -4.19
C GLY A 80 2.96 -16.23 -3.81
N PHE A 81 3.60 -17.37 -3.62
CA PHE A 81 2.90 -18.60 -3.25
C PHE A 81 2.81 -18.73 -1.73
N GLY B 29 -19.67 2.48 -9.48
CA GLY B 29 -18.55 2.02 -8.68
C GLY B 29 -17.25 2.01 -9.46
N GLU B 30 -16.14 2.04 -8.74
CA GLU B 30 -14.82 2.04 -9.37
C GLU B 30 -13.83 1.19 -8.58
N GLU B 31 -13.34 0.13 -9.22
CA GLU B 31 -12.39 -0.77 -8.57
C GLU B 31 -11.12 -0.02 -8.16
N GLU B 32 -10.65 0.85 -9.06
CA GLU B 32 -9.44 1.63 -8.79
C GLU B 32 -9.79 2.95 -8.12
N GLY B 33 -8.79 3.58 -7.51
CA GLY B 33 -9.01 4.85 -6.84
C GLY B 33 -9.03 4.71 -5.33
N GLU B 34 -8.89 3.48 -4.83
CA GLU B 34 -8.90 3.24 -3.40
C GLU B 34 -7.48 3.15 -2.85
N GLU B 35 -6.54 3.81 -3.53
CA GLU B 35 -5.15 3.79 -3.08
C GLU B 35 -4.50 5.15 -3.25
N TYR B 36 -3.48 5.41 -2.43
CA TYR B 36 -2.76 6.68 -2.47
C TYR B 36 -1.26 6.45 -2.39
N ARG A 8 -9.18 -12.61 4.28
CA ARG A 8 -8.07 -11.66 4.18
C ARG A 8 -7.08 -11.86 5.33
N GLU A 9 -5.80 -11.73 5.03
CA GLU A 9 -4.75 -11.88 6.02
C GLU A 9 -3.38 -11.62 5.42
N LEU A 10 -2.88 -10.40 5.59
CA LEU A 10 -1.57 -10.02 5.05
C LEU A 10 -0.59 -9.75 6.18
N LYS A 11 0.68 -10.07 5.93
CA LYS A 11 1.73 -9.87 6.93
C LYS A 11 2.81 -8.93 6.38
N ILE A 12 3.37 -8.11 7.26
CA ILE A 12 4.42 -7.17 6.87
C ILE A 12 5.63 -7.90 6.31
N GLY A 13 6.22 -7.35 5.27
CA GLY A 13 7.38 -7.97 4.65
C GLY A 13 7.02 -8.98 3.58
N ASP A 14 5.73 -9.20 3.38
CA ASP A 14 5.25 -10.15 2.39
C ASP A 14 4.96 -9.45 1.05
N ARG A 15 5.22 -10.16 -0.04
CA ARG A 15 4.98 -9.62 -1.37
C ARG A 15 3.50 -9.64 -1.70
N VAL A 16 3.01 -8.53 -2.26
CA VAL A 16 1.61 -8.42 -2.62
C VAL A 16 1.40 -7.43 -3.76
N LEU A 17 0.13 -7.19 -4.08
CA LEU A 17 -0.22 -6.27 -5.15
C LEU A 17 -1.14 -5.18 -4.61
N VAL A 18 -0.71 -3.93 -4.73
CA VAL A 18 -1.51 -2.81 -4.25
C VAL A 18 -2.44 -2.33 -5.36
N GLY A 19 -3.74 -2.54 -5.18
CA GLY A 19 -4.71 -2.14 -6.18
C GLY A 19 -4.95 -3.21 -7.23
N GLY A 20 -4.15 -4.29 -7.17
CA GLY A 20 -4.30 -5.37 -8.11
C GLY A 20 -3.43 -5.19 -9.35
N THR A 21 -3.11 -3.95 -9.66
CA THR A 21 -2.28 -3.65 -10.83
C THR A 21 -0.85 -3.33 -10.41
N LYS A 22 -0.69 -2.85 -9.18
CA LYS A 22 0.63 -2.51 -8.66
C LYS A 22 1.16 -3.64 -7.78
N ALA A 23 2.48 -3.81 -7.78
CA ALA A 23 3.10 -4.86 -6.97
C ALA A 23 4.09 -4.27 -5.98
N GLY A 24 4.15 -4.86 -4.80
CA GLY A 24 5.06 -4.38 -3.77
C GLY A 24 5.12 -5.28 -2.56
N VAL A 25 5.69 -4.76 -1.47
CA VAL A 25 5.82 -5.52 -0.24
C VAL A 25 5.14 -4.79 0.92
N VAL A 26 4.33 -5.50 1.68
CA VAL A 26 3.64 -4.92 2.83
C VAL A 26 4.65 -4.37 3.83
N ARG A 27 4.42 -3.15 4.28
CA ARG A 27 5.32 -2.50 5.24
C ARG A 27 4.60 -2.12 6.53
N PHE A 28 3.37 -1.63 6.39
CA PHE A 28 2.58 -1.23 7.55
C PHE A 28 1.09 -1.35 7.26
N LEU A 29 0.34 -1.86 8.22
CA LEU A 29 -1.11 -2.02 8.05
C LEU A 29 -1.87 -1.26 9.12
N GLY A 30 -2.73 -0.35 8.69
CA GLY A 30 -3.52 0.43 9.63
C GLY A 30 -4.34 1.52 8.94
N GLU A 31 -5.02 2.32 9.73
CA GLU A 31 -5.86 3.40 9.18
C GLU A 31 -5.00 4.61 8.81
N THR A 32 -5.56 5.50 8.01
CA THR A 32 -4.86 6.70 7.58
C THR A 32 -5.47 7.95 8.21
N ASP A 33 -4.76 9.06 8.11
CA ASP A 33 -5.24 10.32 8.67
C ASP A 33 -6.02 11.13 7.64
N PHE A 34 -6.08 10.63 6.41
CA PHE A 34 -6.82 11.32 5.35
C PHE A 34 -7.92 10.44 4.77
N ALA A 35 -7.86 9.14 5.03
CA ALA A 35 -8.86 8.21 4.54
C ALA A 35 -9.55 7.48 5.68
N LYS A 36 -10.86 7.27 5.54
CA LYS A 36 -11.64 6.57 6.56
C LYS A 36 -11.64 5.06 6.32
N GLY A 37 -11.44 4.30 7.39
CA GLY A 37 -11.41 2.86 7.28
C GLY A 37 -10.03 2.28 7.48
N GLU A 38 -9.87 0.99 7.16
CA GLU A 38 -8.58 0.32 7.31
C GLU A 38 -7.79 0.36 6.01
N TRP A 39 -6.52 0.70 6.11
CA TRP A 39 -5.64 0.78 4.95
C TRP A 39 -4.35 0.01 5.17
N CYS A 40 -3.59 -0.20 4.10
CA CYS A 40 -2.33 -0.94 4.18
C CYS A 40 -1.24 -0.25 3.38
N GLY A 41 0.01 -0.51 3.75
CA GLY A 41 1.14 0.08 3.07
C GLY A 41 1.98 -0.95 2.36
N VAL A 42 2.21 -0.74 1.07
CA VAL A 42 3.00 -1.67 0.28
C VAL A 42 4.09 -0.94 -0.50
N GLU A 43 5.32 -1.45 -0.43
CA GLU A 43 6.44 -0.85 -1.13
C GLU A 43 6.48 -1.34 -2.57
N LEU A 44 6.19 -0.45 -3.51
CA LEU A 44 6.17 -0.82 -4.92
C LEU A 44 7.57 -1.16 -5.42
N ASP A 45 7.64 -2.11 -6.35
CA ASP A 45 8.91 -2.54 -6.93
C ASP A 45 9.50 -1.45 -7.83
N GLU A 46 8.63 -0.61 -8.39
CA GLU A 46 9.06 0.46 -9.26
C GLU A 46 8.35 1.77 -8.92
N PRO A 47 8.82 2.91 -9.49
CA PRO A 47 8.21 4.21 -9.24
C PRO A 47 6.79 4.32 -9.78
N LEU A 48 5.87 3.60 -9.15
CA LEU A 48 4.47 3.59 -9.57
C LEU A 48 3.55 3.93 -8.40
N GLY A 49 4.08 4.66 -7.43
CA GLY A 49 3.28 5.03 -6.27
C GLY A 49 2.87 6.49 -6.29
N LYS A 50 2.53 7.02 -5.13
CA LYS A 50 2.12 8.42 -5.01
C LYS A 50 2.96 9.16 -3.99
N ASN A 51 3.25 8.50 -2.87
CA ASN A 51 4.06 9.11 -1.81
C ASN A 51 5.35 8.32 -1.57
N ASP A 52 6.23 8.88 -0.75
CA ASP A 52 7.50 8.24 -0.44
C ASP A 52 7.41 7.49 0.89
N GLY A 53 6.21 7.08 1.27
CA GLY A 53 6.02 6.37 2.52
C GLY A 53 5.39 7.22 3.60
N ALA A 54 4.74 8.30 3.20
CA ALA A 54 4.09 9.20 4.15
C ALA A 54 2.73 9.65 3.64
N VAL A 55 1.88 10.10 4.56
CA VAL A 55 0.54 10.56 4.21
C VAL A 55 0.13 11.75 5.06
N ALA A 56 -0.16 12.87 4.41
CA ALA A 56 -0.57 14.09 5.12
C ALA A 56 0.48 14.52 6.13
N GLY A 57 1.74 14.17 5.87
CA GLY A 57 2.82 14.53 6.77
C GLY A 57 3.10 13.46 7.81
N THR A 58 2.50 12.28 7.64
CA THR A 58 2.69 11.18 8.57
C THR A 58 3.36 9.99 7.89
N ARG A 59 4.57 9.67 8.33
CA ARG A 59 5.31 8.55 7.75
C ARG A 59 4.96 7.24 8.47
N TYR A 60 4.36 6.32 7.73
CA TYR A 60 3.97 5.04 8.29
C TYR A 60 5.11 4.02 8.16
N PHE A 61 5.79 4.04 7.02
CA PHE A 61 6.89 3.13 6.77
C PHE A 61 7.96 3.80 5.90
N GLN A 62 9.10 3.13 5.75
CA GLN A 62 10.19 3.66 4.94
C GLN A 62 10.29 2.92 3.62
N CYS A 63 10.33 3.68 2.52
CA CYS A 63 10.42 3.09 1.19
C CYS A 63 11.08 4.06 0.21
N GLN A 64 11.51 3.53 -0.93
CA GLN A 64 12.15 4.34 -1.95
C GLN A 64 11.21 5.43 -2.46
N PRO A 65 11.74 6.43 -3.17
CA PRO A 65 10.93 7.53 -3.70
C PRO A 65 9.88 7.04 -4.69
N LYS A 66 8.63 7.44 -4.48
CA LYS A 66 7.53 7.03 -5.35
C LYS A 66 7.29 5.53 -5.28
N TYR A 67 7.85 4.89 -4.25
CA TYR A 67 7.69 3.45 -4.07
C TYR A 67 6.73 3.13 -2.93
N GLY A 68 6.00 4.14 -2.47
CA GLY A 68 5.06 3.94 -1.38
C GLY A 68 3.61 4.07 -1.83
N LEU A 69 2.89 2.95 -1.79
CA LEU A 69 1.49 2.93 -2.18
C LEU A 69 0.61 2.49 -1.03
N PHE A 70 -0.43 3.28 -0.74
CA PHE A 70 -1.35 2.97 0.36
C PHE A 70 -2.69 2.47 -0.18
N ALA A 71 -2.99 1.19 0.06
CA ALA A 71 -4.25 0.62 -0.39
C ALA A 71 -4.84 -0.31 0.67
N PRO A 72 -6.18 -0.40 0.73
CA PRO A 72 -6.87 -1.25 1.70
C PRO A 72 -6.35 -2.69 1.71
N VAL A 73 -6.66 -3.42 2.78
CA VAL A 73 -6.23 -4.80 2.91
C VAL A 73 -7.00 -5.70 1.93
N HIS A 74 -8.22 -5.31 1.60
CA HIS A 74 -9.04 -6.08 0.68
C HIS A 74 -8.60 -5.87 -0.77
N LYS A 75 -7.97 -4.74 -1.03
CA LYS A 75 -7.48 -4.43 -2.37
C LYS A 75 -6.12 -5.04 -2.61
N VAL A 76 -5.42 -5.37 -1.53
CA VAL A 76 -4.09 -5.98 -1.64
C VAL A 76 -4.18 -7.49 -1.65
N THR A 77 -3.33 -8.11 -2.45
CA THR A 77 -3.30 -9.56 -2.57
C THR A 77 -1.87 -10.07 -2.73
N LYS A 78 -1.61 -11.27 -2.24
CA LYS A 78 -0.28 -11.87 -2.33
C LYS A 78 0.00 -12.34 -3.76
N ILE A 79 1.19 -12.03 -4.25
CA ILE A 79 1.58 -12.42 -5.60
C ILE A 79 2.22 -13.81 -5.61
N GLY A 80 2.97 -14.11 -4.55
CA GLY A 80 3.63 -15.40 -4.45
C GLY A 80 4.63 -15.63 -5.57
N PHE A 81 4.16 -16.19 -6.67
CA PHE A 81 5.02 -16.46 -7.82
C PHE A 81 5.01 -15.29 -8.80
N GLY B 29 -20.24 0.41 -11.22
CA GLY B 29 -19.24 0.69 -10.20
C GLY B 29 -17.83 0.45 -10.71
N GLU B 30 -16.85 1.03 -10.03
CA GLU B 30 -15.45 0.88 -10.43
C GLU B 30 -14.66 0.15 -9.34
N GLU B 31 -13.48 -0.33 -9.70
CA GLU B 31 -12.62 -1.04 -8.75
C GLU B 31 -11.24 -0.42 -8.70
N GLU B 32 -11.18 0.90 -8.88
CA GLU B 32 -9.92 1.62 -8.85
C GLU B 32 -10.07 2.95 -8.10
N GLY B 33 -8.95 3.53 -7.70
CA GLY B 33 -8.97 4.78 -6.98
C GLY B 33 -9.06 4.60 -5.47
N GLU B 34 -8.73 3.40 -5.00
CA GLU B 34 -8.77 3.10 -3.57
C GLU B 34 -7.37 3.03 -2.99
N GLU B 35 -6.43 3.74 -3.61
CA GLU B 35 -5.06 3.73 -3.13
C GLU B 35 -4.42 5.10 -3.27
N TYR B 36 -3.39 5.35 -2.46
CA TYR B 36 -2.69 6.62 -2.48
C TYR B 36 -1.18 6.43 -2.34
N ARG A 8 -7.76 -13.84 4.33
CA ARG A 8 -7.82 -13.51 5.75
C ARG A 8 -7.21 -12.15 6.02
N GLU A 9 -5.88 -12.09 6.02
CA GLU A 9 -5.17 -10.84 6.27
C GLU A 9 -3.81 -10.85 5.60
N LEU A 10 -3.05 -9.76 5.75
CA LEU A 10 -1.73 -9.65 5.16
C LEU A 10 -0.68 -9.40 6.23
N LYS A 11 0.51 -9.96 6.03
CA LYS A 11 1.61 -9.79 6.97
C LYS A 11 2.67 -8.85 6.42
N ILE A 12 3.29 -8.08 7.30
CA ILE A 12 4.33 -7.14 6.90
C ILE A 12 5.55 -7.87 6.37
N GLY A 13 6.05 -7.42 5.21
CA GLY A 13 7.21 -8.04 4.61
C GLY A 13 6.84 -9.08 3.57
N ASP A 14 5.55 -9.27 3.34
CA ASP A 14 5.07 -10.23 2.35
C ASP A 14 4.83 -9.57 1.00
N ARG A 15 5.05 -10.32 -0.07
CA ARG A 15 4.85 -9.81 -1.42
C ARG A 15 3.36 -9.76 -1.75
N VAL A 16 2.91 -8.62 -2.25
CA VAL A 16 1.51 -8.45 -2.60
C VAL A 16 1.33 -7.45 -3.73
N LEU A 17 0.07 -7.16 -4.06
CA LEU A 17 -0.24 -6.22 -5.11
C LEU A 17 -1.16 -5.13 -4.58
N VAL A 18 -0.71 -3.88 -4.67
CA VAL A 18 -1.51 -2.76 -4.19
C VAL A 18 -2.44 -2.27 -5.30
N GLY A 19 -3.74 -2.47 -5.11
CA GLY A 19 -4.70 -2.06 -6.10
C GLY A 19 -4.94 -3.12 -7.17
N GLY A 20 -4.14 -4.20 -7.12
CA GLY A 20 -4.28 -5.27 -8.09
C GLY A 20 -3.42 -5.07 -9.32
N THR A 21 -3.09 -3.81 -9.61
CA THR A 21 -2.27 -3.48 -10.77
C THR A 21 -0.82 -3.22 -10.35
N LYS A 22 -0.64 -2.75 -9.12
CA LYS A 22 0.69 -2.46 -8.61
C LYS A 22 1.19 -3.60 -7.73
N ALA A 23 2.51 -3.83 -7.74
CA ALA A 23 3.10 -4.89 -6.93
C ALA A 23 4.09 -4.32 -5.93
N GLY A 24 4.13 -4.92 -4.75
CA GLY A 24 5.05 -4.46 -3.72
C GLY A 24 5.06 -5.35 -2.50
N VAL A 25 5.68 -4.86 -1.42
CA VAL A 25 5.77 -5.61 -0.17
C VAL A 25 5.10 -4.85 0.96
N VAL A 26 4.29 -5.55 1.74
CA VAL A 26 3.60 -4.95 2.87
C VAL A 26 4.61 -4.40 3.89
N ARG A 27 4.39 -3.18 4.35
CA ARG A 27 5.30 -2.56 5.30
C ARG A 27 4.58 -2.17 6.58
N PHE A 28 3.40 -1.56 6.44
CA PHE A 28 2.62 -1.14 7.60
C PHE A 28 1.12 -1.25 7.31
N LEU A 29 0.38 -1.83 8.25
CA LEU A 29 -1.06 -1.99 8.07
C LEU A 29 -1.83 -1.24 9.15
N GLY A 30 -2.77 -0.40 8.73
CA GLY A 30 -3.56 0.38 9.66
C GLY A 30 -4.35 1.47 8.97
N GLU A 31 -5.02 2.31 9.77
CA GLU A 31 -5.81 3.40 9.23
C GLU A 31 -4.92 4.59 8.84
N THR A 32 -5.45 5.45 7.97
CA THR A 32 -4.71 6.62 7.53
C THR A 32 -5.27 7.89 8.16
N ASP A 33 -4.46 8.94 8.14
CA ASP A 33 -4.87 10.22 8.72
C ASP A 33 -5.66 11.06 7.71
N PHE A 34 -5.80 10.55 6.48
CA PHE A 34 -6.54 11.26 5.44
C PHE A 34 -7.70 10.42 4.90
N ALA A 35 -7.66 9.12 5.15
CA ALA A 35 -8.71 8.22 4.68
C ALA A 35 -9.38 7.50 5.85
N LYS A 36 -10.69 7.26 5.72
CA LYS A 36 -11.44 6.58 6.76
C LYS A 36 -11.47 5.07 6.51
N GLY A 37 -11.37 4.30 7.58
CA GLY A 37 -11.38 2.85 7.46
C GLY A 37 -10.01 2.24 7.66
N GLU A 38 -9.85 1.00 7.20
CA GLU A 38 -8.58 0.30 7.33
C GLU A 38 -7.77 0.39 6.04
N TRP A 39 -6.48 0.67 6.18
CA TRP A 39 -5.60 0.78 5.02
C TRP A 39 -4.32 -0.01 5.24
N CYS A 40 -3.54 -0.17 4.17
CA CYS A 40 -2.28 -0.92 4.24
C CYS A 40 -1.20 -0.23 3.43
N GLY A 41 0.05 -0.50 3.79
CA GLY A 41 1.18 0.09 3.10
C GLY A 41 2.02 -0.95 2.39
N VAL A 42 2.25 -0.75 1.10
CA VAL A 42 3.04 -1.69 0.31
C VAL A 42 4.14 -0.97 -0.47
N GLU A 43 5.35 -1.50 -0.39
CA GLU A 43 6.48 -0.91 -1.10
C GLU A 43 6.51 -1.42 -2.53
N LEU A 44 6.26 -0.53 -3.48
CA LEU A 44 6.23 -0.90 -4.88
C LEU A 44 7.62 -1.28 -5.38
N ASP A 45 7.66 -2.08 -6.44
CA ASP A 45 8.92 -2.54 -7.02
C ASP A 45 9.54 -1.44 -7.88
N GLU A 46 8.70 -0.60 -8.48
CA GLU A 46 9.16 0.49 -9.32
C GLU A 46 8.47 1.79 -8.98
N PRO A 47 8.93 2.92 -9.54
CA PRO A 47 8.33 4.24 -9.29
C PRO A 47 6.90 4.34 -9.81
N LEU A 48 5.99 3.61 -9.17
CA LEU A 48 4.59 3.60 -9.57
C LEU A 48 3.68 3.95 -8.38
N GLY A 49 4.23 4.64 -7.39
CA GLY A 49 3.44 5.01 -6.23
C GLY A 49 3.07 6.48 -6.22
N LYS A 50 2.59 6.97 -5.09
CA LYS A 50 2.19 8.37 -4.96
C LYS A 50 3.02 9.09 -3.90
N ASN A 51 3.38 8.36 -2.84
CA ASN A 51 4.17 8.93 -1.75
C ASN A 51 5.43 8.12 -1.52
N ASP A 52 6.34 8.68 -0.70
CA ASP A 52 7.60 8.02 -0.39
C ASP A 52 7.52 7.28 0.94
N GLY A 53 6.31 6.89 1.32
CA GLY A 53 6.12 6.18 2.58
C GLY A 53 5.48 7.03 3.65
N ALA A 54 4.86 8.14 3.24
CA ALA A 54 4.21 9.04 4.19
C ALA A 54 2.87 9.53 3.65
N VAL A 55 2.01 9.97 4.56
CA VAL A 55 0.68 10.47 4.18
C VAL A 55 0.25 11.63 5.07
N ALA A 56 -0.02 12.77 4.45
CA ALA A 56 -0.45 13.96 5.18
C ALA A 56 0.58 14.37 6.22
N GLY A 57 1.85 14.01 5.98
CA GLY A 57 2.90 14.36 6.91
C GLY A 57 3.22 13.24 7.88
N THR A 58 2.38 12.21 7.90
CA THR A 58 2.57 11.08 8.80
C THR A 58 3.25 9.92 8.07
N ARG A 59 4.44 9.55 8.53
CA ARG A 59 5.18 8.45 7.92
C ARG A 59 4.83 7.12 8.58
N TYR A 60 4.33 6.19 7.77
CA TYR A 60 3.95 4.87 8.28
C TYR A 60 5.08 3.86 8.09
N PHE A 61 5.86 4.04 7.03
CA PHE A 61 6.98 3.15 6.74
C PHE A 61 8.01 3.85 5.87
N GLN A 62 9.17 3.24 5.72
CA GLN A 62 10.24 3.81 4.91
C GLN A 62 10.37 3.06 3.57
N CYS A 63 10.35 3.82 2.49
CA CYS A 63 10.46 3.24 1.15
C CYS A 63 11.03 4.25 0.16
N GLN A 64 11.51 3.74 -0.97
CA GLN A 64 12.08 4.58 -2.01
C GLN A 64 11.05 5.58 -2.53
N PRO A 65 11.49 6.62 -3.27
CA PRO A 65 10.60 7.63 -3.82
C PRO A 65 9.64 7.05 -4.85
N LYS A 66 8.38 7.46 -4.78
CA LYS A 66 7.36 6.99 -5.71
C LYS A 66 7.16 5.47 -5.59
N TYR A 67 7.55 4.91 -4.44
CA TYR A 67 7.42 3.48 -4.21
C TYR A 67 6.37 3.19 -3.14
N GLY A 68 6.06 4.20 -2.33
CA GLY A 68 5.08 4.03 -1.28
C GLY A 68 3.66 4.12 -1.77
N LEU A 69 2.91 3.03 -1.62
CA LEU A 69 1.52 2.99 -2.06
C LEU A 69 0.62 2.54 -0.92
N PHE A 70 -0.40 3.33 -0.61
CA PHE A 70 -1.33 3.02 0.46
C PHE A 70 -2.66 2.53 -0.09
N ALA A 71 -2.97 1.25 0.15
CA ALA A 71 -4.22 0.67 -0.31
C ALA A 71 -4.80 -0.28 0.73
N PRO A 72 -6.14 -0.36 0.81
CA PRO A 72 -6.83 -1.24 1.77
C PRO A 72 -6.29 -2.67 1.76
N VAL A 73 -6.60 -3.41 2.81
CA VAL A 73 -6.16 -4.79 2.92
C VAL A 73 -6.90 -5.69 1.94
N HIS A 74 -8.15 -5.33 1.65
CA HIS A 74 -8.98 -6.09 0.72
C HIS A 74 -8.55 -5.84 -0.72
N LYS A 75 -7.99 -4.66 -0.98
CA LYS A 75 -7.55 -4.30 -2.31
C LYS A 75 -6.19 -4.93 -2.62
N VAL A 76 -5.47 -5.31 -1.57
CA VAL A 76 -4.16 -5.93 -1.73
C VAL A 76 -4.27 -7.45 -1.75
N THR A 77 -3.47 -8.07 -2.61
CA THR A 77 -3.45 -9.52 -2.73
C THR A 77 -2.02 -10.04 -2.83
N LYS A 78 -1.79 -11.22 -2.24
CA LYS A 78 -0.47 -11.83 -2.26
C LYS A 78 -0.11 -12.29 -3.68
N ILE A 79 1.12 -11.99 -4.08
CA ILE A 79 1.59 -12.37 -5.41
C ILE A 79 2.21 -13.77 -5.41
N GLY A 80 2.29 -14.39 -4.23
CA GLY A 80 2.87 -15.72 -4.14
C GLY A 80 2.16 -16.71 -5.03
N PHE A 81 0.84 -16.58 -5.13
CA PHE A 81 0.05 -17.48 -5.96
C PHE A 81 -0.30 -16.84 -7.29
N GLY B 29 -15.05 3.36 -8.86
CA GLY B 29 -13.96 2.77 -8.11
C GLY B 29 -14.23 1.33 -7.72
N GLU B 30 -13.58 0.40 -8.42
CA GLU B 30 -13.75 -1.03 -8.15
C GLU B 30 -12.41 -1.69 -7.82
N GLU B 31 -11.44 -1.51 -8.72
CA GLU B 31 -10.12 -2.09 -8.52
C GLU B 31 -9.09 -1.01 -8.21
N GLU B 32 -9.31 0.18 -8.77
CA GLU B 32 -8.40 1.30 -8.54
C GLU B 32 -9.14 2.50 -7.95
N GLY B 33 -8.39 3.42 -7.37
CA GLY B 33 -9.00 4.60 -6.78
C GLY B 33 -8.98 4.57 -5.26
N GLU B 34 -8.86 3.37 -4.70
CA GLU B 34 -8.83 3.20 -3.25
C GLU B 34 -7.40 3.15 -2.73
N GLU B 35 -6.47 3.71 -3.49
CA GLU B 35 -5.07 3.69 -3.08
C GLU B 35 -4.44 5.07 -3.22
N TYR B 36 -3.39 5.31 -2.45
CA TYR B 36 -2.69 6.59 -2.49
C TYR B 36 -1.18 6.40 -2.36
N ARG A 8 -5.92 -10.84 10.11
CA ARG A 8 -4.78 -11.69 9.81
C ARG A 8 -4.80 -12.12 8.34
N GLU A 9 -5.07 -11.18 7.46
CA GLU A 9 -5.12 -11.47 6.03
C GLU A 9 -3.74 -11.32 5.39
N LEU A 10 -3.11 -10.18 5.61
CA LEU A 10 -1.78 -9.91 5.06
C LEU A 10 -0.76 -9.72 6.17
N LYS A 11 0.50 -9.98 5.87
CA LYS A 11 1.58 -9.83 6.85
C LYS A 11 2.67 -8.91 6.30
N ILE A 12 3.29 -8.15 7.19
CA ILE A 12 4.35 -7.23 6.81
C ILE A 12 5.56 -7.99 6.26
N GLY A 13 6.15 -7.45 5.19
CA GLY A 13 7.30 -8.09 4.59
C GLY A 13 6.93 -9.09 3.52
N ASP A 14 5.63 -9.28 3.30
CA ASP A 14 5.15 -10.22 2.29
C ASP A 14 4.89 -9.52 0.96
N ARG A 15 5.13 -10.23 -0.13
CA ARG A 15 4.92 -9.68 -1.46
C ARG A 15 3.43 -9.66 -1.80
N VAL A 16 2.96 -8.51 -2.27
CA VAL A 16 1.56 -8.37 -2.62
C VAL A 16 1.38 -7.38 -3.76
N LEU A 17 0.12 -7.12 -4.11
CA LEU A 17 -0.21 -6.17 -5.17
C LEU A 17 -1.14 -5.09 -4.63
N VAL A 18 -0.70 -3.84 -4.73
CA VAL A 18 -1.52 -2.73 -4.25
C VAL A 18 -2.43 -2.23 -5.37
N GLY A 19 -3.73 -2.45 -5.21
CA GLY A 19 -4.68 -2.04 -6.21
C GLY A 19 -4.89 -3.09 -7.30
N GLY A 20 -4.09 -4.16 -7.25
CA GLY A 20 -4.19 -5.21 -8.24
C GLY A 20 -3.30 -4.98 -9.44
N THR A 21 -2.98 -3.72 -9.71
CA THR A 21 -2.14 -3.38 -10.84
C THR A 21 -0.71 -3.09 -10.39
N LYS A 22 -0.58 -2.66 -9.14
CA LYS A 22 0.73 -2.34 -8.58
C LYS A 22 1.24 -3.50 -7.72
N ALA A 23 2.55 -3.70 -7.72
CA ALA A 23 3.16 -4.77 -6.94
C ALA A 23 4.16 -4.23 -5.93
N GLY A 24 4.20 -4.84 -4.75
CA GLY A 24 5.12 -4.39 -3.72
C GLY A 24 5.13 -5.30 -2.51
N VAL A 25 5.71 -4.80 -1.42
CA VAL A 25 5.80 -5.57 -0.18
C VAL A 25 5.10 -4.84 0.96
N VAL A 26 4.28 -5.57 1.72
CA VAL A 26 3.57 -4.98 2.84
C VAL A 26 4.55 -4.45 3.88
N ARG A 27 4.33 -3.22 4.34
CA ARG A 27 5.21 -2.59 5.31
C ARG A 27 4.46 -2.21 6.59
N PHE A 28 3.29 -1.61 6.44
CA PHE A 28 2.48 -1.20 7.57
C PHE A 28 1.00 -1.29 7.25
N LEU A 29 0.24 -1.90 8.16
CA LEU A 29 -1.21 -2.05 7.96
C LEU A 29 -1.98 -1.30 9.04
N GLY A 30 -2.82 -0.37 8.60
CA GLY A 30 -3.61 0.42 9.54
C GLY A 30 -4.41 1.51 8.85
N GLU A 31 -5.09 2.34 9.64
CA GLU A 31 -5.88 3.43 9.10
C GLU A 31 -5.01 4.61 8.73
N THR A 32 -5.53 5.49 7.88
CA THR A 32 -4.79 6.67 7.45
C THR A 32 -5.35 7.94 8.10
N ASP A 33 -4.57 9.01 8.03
CA ASP A 33 -4.99 10.28 8.61
C ASP A 33 -5.76 11.14 7.61
N PHE A 34 -5.93 10.63 6.40
CA PHE A 34 -6.66 11.36 5.36
C PHE A 34 -7.82 10.54 4.80
N ALA A 35 -7.80 9.23 5.04
CA ALA A 35 -8.85 8.35 4.55
C ALA A 35 -9.55 7.63 5.70
N LYS A 36 -10.85 7.47 5.59
CA LYS A 36 -11.65 6.79 6.62
C LYS A 36 -11.67 5.29 6.37
N GLY A 37 -11.49 4.52 7.45
CA GLY A 37 -11.50 3.07 7.33
C GLY A 37 -10.12 2.46 7.53
N GLU A 38 -9.95 1.22 7.09
CA GLU A 38 -8.68 0.53 7.23
C GLU A 38 -7.89 0.57 5.93
N TRP A 39 -6.57 0.72 6.04
CA TRP A 39 -5.71 0.78 4.87
C TRP A 39 -4.43 -0.02 5.10
N CYS A 40 -3.66 -0.23 4.04
CA CYS A 40 -2.41 -0.97 4.13
C CYS A 40 -1.30 -0.28 3.33
N GLY A 41 -0.06 -0.55 3.72
CA GLY A 41 1.08 0.04 3.06
C GLY A 41 1.94 -0.99 2.37
N VAL A 42 2.20 -0.78 1.08
CA VAL A 42 3.01 -1.71 0.30
C VAL A 42 4.12 -0.97 -0.45
N GLU A 43 5.33 -1.49 -0.36
CA GLU A 43 6.48 -0.89 -1.04
C GLU A 43 6.54 -1.37 -2.48
N LEU A 44 6.27 -0.47 -3.41
CA LEU A 44 6.27 -0.81 -4.83
C LEU A 44 7.68 -1.16 -5.31
N ASP A 45 7.75 -2.12 -6.22
CA ASP A 45 9.02 -2.55 -6.78
C ASP A 45 9.60 -1.51 -7.73
N GLU A 46 8.73 -0.68 -8.31
CA GLU A 46 9.17 0.36 -9.23
C GLU A 46 8.44 1.67 -8.96
N PRO A 47 8.87 2.77 -9.59
CA PRO A 47 8.26 4.09 -9.40
C PRO A 47 6.83 4.14 -9.95
N LEU A 48 5.93 3.41 -9.30
CA LEU A 48 4.53 3.37 -9.71
C LEU A 48 3.61 3.69 -8.54
N GLY A 49 4.13 4.47 -7.58
CA GLY A 49 3.34 4.84 -6.42
C GLY A 49 2.96 6.30 -6.42
N LYS A 50 2.61 6.82 -5.25
CA LYS A 50 2.21 8.22 -5.12
C LYS A 50 3.04 8.93 -4.06
N ASN A 51 3.29 8.25 -2.94
CA ASN A 51 4.06 8.82 -1.85
C ASN A 51 5.36 8.06 -1.63
N ASP A 52 6.21 8.59 -0.76
CA ASP A 52 7.49 7.95 -0.44
C ASP A 52 7.42 7.22 0.90
N GLY A 53 6.22 6.81 1.29
CA GLY A 53 6.05 6.11 2.55
C GLY A 53 5.45 6.98 3.63
N ALA A 54 4.87 8.11 3.23
CA ALA A 54 4.25 9.02 4.19
C ALA A 54 2.91 9.53 3.67
N VAL A 55 2.06 10.00 4.59
CA VAL A 55 0.75 10.52 4.23
C VAL A 55 0.36 11.69 5.12
N ALA A 56 0.15 12.85 4.50
CA ALA A 56 -0.23 14.05 5.25
C ALA A 56 0.81 14.40 6.31
N GLY A 57 2.05 14.02 6.06
CA GLY A 57 3.12 14.30 7.01
C GLY A 57 3.32 13.18 8.01
N THR A 58 2.69 12.03 7.75
CA THR A 58 2.81 10.89 8.65
C THR A 58 3.47 9.71 7.94
N ARG A 59 4.66 9.34 8.39
CA ARG A 59 5.39 8.23 7.80
C ARG A 59 5.04 6.92 8.49
N TYR A 60 4.34 6.06 7.77
CA TYR A 60 3.94 4.76 8.31
C TYR A 60 5.04 3.73 8.15
N PHE A 61 5.80 3.85 7.06
CA PHE A 61 6.90 2.93 6.78
C PHE A 61 7.97 3.60 5.93
N GLN A 62 9.08 2.91 5.73
CA GLN A 62 10.18 3.45 4.93
C GLN A 62 10.23 2.77 3.57
N CYS A 63 10.25 3.58 2.52
CA CYS A 63 10.31 3.07 1.16
C CYS A 63 10.93 4.09 0.21
N GLN A 64 11.38 3.62 -0.95
CA GLN A 64 12.00 4.48 -1.95
C GLN A 64 11.02 5.57 -2.41
N PRO A 65 11.52 6.62 -3.08
CA PRO A 65 10.69 7.71 -3.58
C PRO A 65 9.71 7.24 -4.65
N LYS A 66 8.45 7.66 -4.53
CA LYS A 66 7.42 7.28 -5.48
C LYS A 66 7.22 5.77 -5.51
N TYR A 67 7.60 5.11 -4.43
CA TYR A 67 7.47 3.66 -4.33
C TYR A 67 6.42 3.27 -3.29
N GLY A 68 6.10 4.20 -2.40
CA GLY A 68 5.11 3.93 -1.37
C GLY A 68 3.68 4.05 -1.87
N LEU A 69 2.86 3.05 -1.57
CA LEU A 69 1.47 3.05 -1.98
C LEU A 69 0.56 2.60 -0.85
N PHE A 70 -0.48 3.37 -0.57
CA PHE A 70 -1.43 3.05 0.50
C PHE A 70 -2.75 2.55 -0.06
N ALA A 71 -3.05 1.27 0.16
CA ALA A 71 -4.30 0.69 -0.33
C ALA A 71 -4.89 -0.27 0.70
N PRO A 72 -6.23 -0.39 0.72
CA PRO A 72 -6.93 -1.29 1.65
C PRO A 72 -6.41 -2.72 1.59
N VAL A 73 -6.73 -3.49 2.62
CA VAL A 73 -6.32 -4.89 2.68
C VAL A 73 -7.03 -5.71 1.62
N HIS A 74 -8.31 -5.44 1.43
CA HIS A 74 -9.11 -6.16 0.46
C HIS A 74 -8.63 -5.87 -0.97
N LYS A 75 -8.01 -4.71 -1.16
CA LYS A 75 -7.51 -4.32 -2.48
C LYS A 75 -6.13 -4.93 -2.73
N VAL A 76 -5.46 -5.34 -1.65
CA VAL A 76 -4.14 -5.94 -1.76
C VAL A 76 -4.21 -7.46 -1.71
N THR A 77 -3.40 -8.11 -2.52
CA THR A 77 -3.37 -9.56 -2.58
C THR A 77 -1.94 -10.07 -2.72
N LYS A 78 -1.67 -11.23 -2.13
CA LYS A 78 -0.34 -11.81 -2.18
C LYS A 78 0.00 -12.28 -3.59
N ILE A 79 1.16 -11.88 -4.08
CA ILE A 79 1.60 -12.26 -5.42
C ILE A 79 2.16 -13.68 -5.44
N GLY A 80 2.50 -14.20 -4.25
CA GLY A 80 3.04 -15.55 -4.17
C GLY A 80 4.50 -15.56 -3.78
N PHE A 81 5.16 -16.69 -3.99
CA PHE A 81 6.57 -16.83 -3.67
C PHE A 81 7.39 -17.11 -4.93
N GLY B 29 -13.16 -0.07 -15.23
CA GLY B 29 -13.20 -1.53 -15.23
C GLY B 29 -12.29 -2.13 -14.18
N GLU B 30 -11.01 -1.77 -14.22
CA GLU B 30 -10.04 -2.28 -13.27
C GLU B 30 -10.40 -1.86 -11.84
N GLU B 31 -9.58 -2.29 -10.89
CA GLU B 31 -9.82 -1.96 -9.48
C GLU B 31 -8.79 -0.95 -8.98
N GLU B 32 -9.00 0.32 -9.32
CA GLU B 32 -8.10 1.38 -8.90
C GLU B 32 -8.88 2.57 -8.34
N GLY B 33 -8.18 3.44 -7.61
CA GLY B 33 -8.83 4.60 -7.03
C GLY B 33 -8.87 4.54 -5.52
N GLU B 34 -8.75 3.33 -4.96
CA GLU B 34 -8.79 3.15 -3.51
C GLU B 34 -7.38 3.07 -2.94
N GLU B 35 -6.44 3.72 -3.60
CA GLU B 35 -5.06 3.71 -3.12
C GLU B 35 -4.38 5.06 -3.29
N TYR B 36 -3.41 5.34 -2.44
CA TYR B 36 -2.69 6.61 -2.48
C TYR B 36 -1.19 6.39 -2.31
N ARG A 8 -7.31 -14.30 3.47
CA ARG A 8 -5.94 -14.44 4.01
C ARG A 8 -5.36 -13.09 4.35
N GLU A 9 -5.08 -12.88 5.64
CA GLU A 9 -4.52 -11.62 6.11
C GLU A 9 -3.14 -11.38 5.50
N LEU A 10 -2.62 -10.18 5.66
CA LEU A 10 -1.30 -9.82 5.14
C LEU A 10 -0.34 -9.44 6.26
N LYS A 11 0.94 -9.68 6.03
CA LYS A 11 1.97 -9.37 7.03
C LYS A 11 3.10 -8.56 6.40
N ILE A 12 3.68 -7.66 7.19
CA ILE A 12 4.78 -6.83 6.71
C ILE A 12 5.93 -7.68 6.19
N GLY A 13 6.43 -7.34 5.01
CA GLY A 13 7.53 -8.08 4.43
C GLY A 13 7.05 -9.10 3.40
N ASP A 14 5.74 -9.21 3.23
CA ASP A 14 5.16 -10.16 2.29
C ASP A 14 4.92 -9.50 0.94
N ARG A 15 5.13 -10.26 -0.13
CA ARG A 15 4.92 -9.76 -1.49
C ARG A 15 3.43 -9.71 -1.81
N VAL A 16 2.99 -8.58 -2.36
CA VAL A 16 1.58 -8.41 -2.71
C VAL A 16 1.40 -7.41 -3.84
N LEU A 17 0.14 -7.13 -4.16
CA LEU A 17 -0.18 -6.17 -5.21
C LEU A 17 -1.09 -5.08 -4.66
N VAL A 18 -0.64 -3.84 -4.75
CA VAL A 18 -1.42 -2.70 -4.27
C VAL A 18 -2.37 -2.23 -5.36
N GLY A 19 -3.67 -2.44 -5.14
CA GLY A 19 -4.65 -2.03 -6.12
C GLY A 19 -4.90 -3.11 -7.17
N GLY A 20 -4.10 -4.17 -7.14
CA GLY A 20 -4.26 -5.25 -8.10
C GLY A 20 -3.41 -5.05 -9.34
N THR A 21 -3.12 -3.79 -9.67
CA THR A 21 -2.31 -3.48 -10.84
C THR A 21 -0.87 -3.20 -10.44
N LYS A 22 -0.67 -2.72 -9.21
CA LYS A 22 0.66 -2.41 -8.72
C LYS A 22 1.18 -3.54 -7.84
N ALA A 23 2.50 -3.74 -7.84
CA ALA A 23 3.11 -4.79 -7.04
C ALA A 23 4.10 -4.20 -6.03
N GLY A 24 4.16 -4.82 -4.86
CA GLY A 24 5.05 -4.35 -3.83
C GLY A 24 5.08 -5.25 -2.61
N VAL A 25 5.71 -4.77 -1.53
CA VAL A 25 5.80 -5.52 -0.30
C VAL A 25 5.15 -4.77 0.86
N VAL A 26 4.34 -5.48 1.64
CA VAL A 26 3.67 -4.87 2.78
C VAL A 26 4.68 -4.34 3.79
N ARG A 27 4.48 -3.10 4.22
CA ARG A 27 5.39 -2.47 5.17
C ARG A 27 4.67 -2.07 6.45
N PHE A 28 3.41 -1.66 6.32
CA PHE A 28 2.62 -1.26 7.48
C PHE A 28 1.14 -1.49 7.23
N LEU A 29 0.39 -1.81 8.28
CA LEU A 29 -1.03 -2.06 8.15
C LEU A 29 -1.81 -1.33 9.24
N GLY A 30 -2.77 -0.51 8.83
CA GLY A 30 -3.58 0.23 9.78
C GLY A 30 -4.38 1.34 9.12
N GLU A 31 -5.09 2.12 9.93
CA GLU A 31 -5.90 3.22 9.41
C GLU A 31 -5.03 4.43 9.10
N THR A 32 -5.49 5.26 8.16
CA THR A 32 -4.76 6.45 7.78
C THR A 32 -5.36 7.69 8.43
N ASP A 33 -4.65 8.81 8.31
CA ASP A 33 -5.11 10.08 8.89
C ASP A 33 -5.89 10.91 7.87
N PHE A 34 -6.07 10.38 6.66
CA PHE A 34 -6.80 11.08 5.62
C PHE A 34 -7.96 10.25 5.09
N ALA A 35 -7.94 8.95 5.34
CA ALA A 35 -9.00 8.06 4.88
C ALA A 35 -9.67 7.35 6.05
N LYS A 36 -10.98 7.11 5.91
CA LYS A 36 -11.74 6.44 6.96
C LYS A 36 -11.81 4.94 6.70
N GLY A 37 -11.32 4.16 7.65
CA GLY A 37 -11.33 2.71 7.50
C GLY A 37 -9.96 2.10 7.66
N GLU A 38 -9.83 0.84 7.26
CA GLU A 38 -8.55 0.13 7.36
C GLU A 38 -7.73 0.30 6.09
N TRP A 39 -6.44 0.58 6.24
CA TRP A 39 -5.55 0.77 5.10
C TRP A 39 -4.25 -0.02 5.29
N CYS A 40 -3.51 -0.19 4.21
CA CYS A 40 -2.24 -0.93 4.26
C CYS A 40 -1.17 -0.23 3.42
N GLY A 41 0.08 -0.47 3.78
CA GLY A 41 1.19 0.13 3.06
C GLY A 41 2.02 -0.91 2.34
N VAL A 42 2.24 -0.69 1.05
CA VAL A 42 3.03 -1.62 0.25
C VAL A 42 4.12 -0.89 -0.52
N GLU A 43 5.35 -1.41 -0.44
CA GLU A 43 6.47 -0.81 -1.14
C GLU A 43 6.52 -1.31 -2.58
N LEU A 44 6.24 -0.43 -3.52
CA LEU A 44 6.24 -0.79 -4.93
C LEU A 44 7.64 -1.13 -5.43
N ASP A 45 7.72 -2.12 -6.32
CA ASP A 45 8.99 -2.55 -6.87
C ASP A 45 9.57 -1.49 -7.79
N GLU A 46 8.71 -0.66 -8.36
CA GLU A 46 9.15 0.40 -9.27
C GLU A 46 8.46 1.72 -8.94
N PRO A 47 8.94 2.83 -9.52
CA PRO A 47 8.35 4.16 -9.28
C PRO A 47 6.94 4.28 -9.85
N LEU A 48 6.01 3.56 -9.24
CA LEU A 48 4.62 3.57 -9.68
C LEU A 48 3.67 3.92 -8.54
N GLY A 49 4.17 4.68 -7.57
CA GLY A 49 3.35 5.06 -6.43
C GLY A 49 2.95 6.52 -6.47
N LYS A 50 2.60 7.07 -5.32
CA LYS A 50 2.19 8.47 -5.22
C LYS A 50 3.01 9.21 -4.16
N ASN A 51 3.23 8.56 -3.03
CA ASN A 51 4.00 9.17 -1.95
C ASN A 51 5.30 8.42 -1.70
N ASP A 52 6.15 8.98 -0.85
CA ASP A 52 7.43 8.35 -0.52
C ASP A 52 7.37 7.61 0.80
N GLY A 53 6.17 7.18 1.19
CA GLY A 53 6.00 6.46 2.44
C GLY A 53 5.34 7.28 3.52
N ALA A 54 4.66 8.35 3.11
CA ALA A 54 3.98 9.23 4.07
C ALA A 54 2.60 9.65 3.55
N VAL A 55 1.74 10.06 4.47
CA VAL A 55 0.39 10.48 4.11
C VAL A 55 -0.05 11.68 4.95
N ALA A 56 -0.38 12.77 4.28
CA ALA A 56 -0.83 13.98 4.96
C ALA A 56 0.22 14.49 5.94
N GLY A 57 1.48 14.16 5.67
CA GLY A 57 2.55 14.59 6.54
C GLY A 57 2.88 13.57 7.62
N THR A 58 2.27 12.40 7.54
CA THR A 58 2.50 11.34 8.51
C THR A 58 3.14 10.13 7.85
N ARG A 59 4.36 9.81 8.26
CA ARG A 59 5.08 8.67 7.71
C ARG A 59 4.71 7.38 8.44
N TYR A 60 4.32 6.37 7.67
CA TYR A 60 3.94 5.08 8.23
C TYR A 60 5.08 4.06 8.10
N PHE A 61 5.81 4.16 7.00
CA PHE A 61 6.93 3.25 6.75
C PHE A 61 7.97 3.92 5.86
N GLN A 62 9.13 3.27 5.74
CA GLN A 62 10.22 3.80 4.93
C GLN A 62 10.35 3.03 3.62
N CYS A 63 10.41 3.75 2.51
CA CYS A 63 10.54 3.14 1.20
C CYS A 63 11.20 4.08 0.21
N GLN A 64 11.63 3.54 -0.93
CA GLN A 64 12.28 4.34 -1.96
C GLN A 64 11.34 5.43 -2.47
N PRO A 65 11.88 6.43 -3.19
CA PRO A 65 11.07 7.52 -3.73
C PRO A 65 10.03 7.02 -4.74
N LYS A 66 8.78 7.42 -4.53
CA LYS A 66 7.69 7.00 -5.41
C LYS A 66 7.47 5.50 -5.35
N TYR A 67 8.00 4.86 -4.29
CA TYR A 67 7.84 3.42 -4.12
C TYR A 67 6.89 3.11 -2.97
N GLY A 68 6.09 4.09 -2.57
CA GLY A 68 5.15 3.89 -1.48
C GLY A 68 3.71 4.06 -1.92
N LEU A 69 2.94 2.99 -1.84
CA LEU A 69 1.53 3.02 -2.23
C LEU A 69 0.64 2.57 -1.07
N PHE A 70 -0.32 3.41 -0.71
CA PHE A 70 -1.23 3.11 0.39
C PHE A 70 -2.57 2.59 -0.12
N ALA A 71 -2.86 1.31 0.13
CA ALA A 71 -4.11 0.71 -0.29
C ALA A 71 -4.69 -0.19 0.80
N PRO A 72 -6.02 -0.32 0.84
CA PRO A 72 -6.71 -1.15 1.84
C PRO A 72 -6.41 -2.64 1.66
N VAL A 73 -6.69 -3.40 2.71
CA VAL A 73 -6.44 -4.85 2.68
C VAL A 73 -7.30 -5.55 1.64
N HIS A 74 -8.49 -5.01 1.38
CA HIS A 74 -9.38 -5.61 0.40
C HIS A 74 -8.90 -5.33 -1.04
N LYS A 75 -7.87 -4.50 -1.17
CA LYS A 75 -7.33 -4.17 -2.48
C LYS A 75 -5.97 -4.83 -2.70
N VAL A 76 -5.32 -5.22 -1.59
CA VAL A 76 -4.02 -5.86 -1.67
C VAL A 76 -4.14 -7.38 -1.64
N THR A 77 -3.32 -8.03 -2.45
CA THR A 77 -3.33 -9.49 -2.53
C THR A 77 -1.92 -10.03 -2.73
N LYS A 78 -1.67 -11.24 -2.23
CA LYS A 78 -0.36 -11.86 -2.35
C LYS A 78 -0.11 -12.29 -3.79
N ILE A 79 1.03 -11.89 -4.34
CA ILE A 79 1.40 -12.22 -5.71
C ILE A 79 1.81 -13.69 -5.81
N GLY A 80 2.37 -14.22 -4.74
CA GLY A 80 2.80 -15.62 -4.74
C GLY A 80 3.83 -15.90 -3.67
N PHE A 81 3.41 -16.58 -2.61
CA PHE A 81 4.31 -16.93 -1.51
C PHE A 81 4.72 -18.40 -1.58
N GLY B 29 -20.30 2.57 -11.33
CA GLY B 29 -19.51 1.91 -10.30
C GLY B 29 -18.08 2.41 -10.26
N GLU B 30 -17.30 1.89 -9.32
CA GLU B 30 -15.91 2.28 -9.19
C GLU B 30 -15.10 1.20 -8.50
N GLU B 31 -13.99 0.80 -9.13
CA GLU B 31 -13.12 -0.23 -8.58
C GLU B 31 -11.78 0.36 -8.17
N GLU B 32 -11.24 1.24 -9.00
CA GLU B 32 -9.96 1.89 -8.73
C GLU B 32 -10.17 3.18 -7.96
N GLY B 33 -9.09 3.68 -7.34
CA GLY B 33 -9.18 4.90 -6.58
C GLY B 33 -9.21 4.67 -5.08
N GLU B 34 -8.82 3.46 -4.66
CA GLU B 34 -8.81 3.12 -3.24
C GLU B 34 -7.40 3.11 -2.69
N GLU B 35 -6.47 3.75 -3.40
CA GLU B 35 -5.08 3.79 -2.96
C GLU B 35 -4.47 5.17 -3.15
N TYR B 36 -3.41 5.45 -2.40
CA TYR B 36 -2.73 6.74 -2.48
C TYR B 36 -1.22 6.55 -2.46
N ARG A 8 -6.69 -9.38 10.25
CA ARG A 8 -5.33 -9.38 9.74
C ARG A 8 -5.08 -10.59 8.85
N GLU A 9 -5.03 -10.36 7.54
CA GLU A 9 -4.79 -11.45 6.59
C GLU A 9 -3.42 -11.32 5.95
N LEU A 10 -2.90 -10.11 5.89
CA LEU A 10 -1.58 -9.86 5.30
C LEU A 10 -0.57 -9.52 6.39
N LYS A 11 0.69 -9.88 6.14
CA LYS A 11 1.77 -9.61 7.09
C LYS A 11 2.84 -8.73 6.47
N ILE A 12 3.46 -7.90 7.28
CA ILE A 12 4.51 -6.99 6.80
C ILE A 12 5.69 -7.77 6.24
N GLY A 13 6.30 -7.23 5.20
CA GLY A 13 7.43 -7.89 4.57
C GLY A 13 7.02 -8.92 3.55
N ASP A 14 5.71 -9.08 3.35
CA ASP A 14 5.20 -10.05 2.39
C ASP A 14 4.94 -9.40 1.04
N ARG A 15 5.18 -10.14 -0.02
CA ARG A 15 4.97 -9.64 -1.38
C ARG A 15 3.49 -9.64 -1.73
N VAL A 16 3.01 -8.53 -2.28
CA VAL A 16 1.60 -8.40 -2.63
C VAL A 16 1.42 -7.42 -3.78
N LEU A 17 0.16 -7.16 -4.12
CA LEU A 17 -0.17 -6.23 -5.18
C LEU A 17 -1.12 -5.15 -4.67
N VAL A 18 -0.69 -3.90 -4.78
CA VAL A 18 -1.51 -2.79 -4.33
C VAL A 18 -2.44 -2.33 -5.45
N GLY A 19 -3.73 -2.56 -5.26
CA GLY A 19 -4.71 -2.18 -6.27
C GLY A 19 -4.90 -3.26 -7.32
N GLY A 20 -4.09 -4.32 -7.25
CA GLY A 20 -4.20 -5.40 -8.20
C GLY A 20 -3.33 -5.21 -9.43
N THR A 21 -3.04 -3.95 -9.76
CA THR A 21 -2.20 -3.62 -10.91
C THR A 21 -0.77 -3.32 -10.48
N LYS A 22 -0.62 -2.84 -9.24
CA LYS A 22 0.69 -2.51 -8.72
C LYS A 22 1.21 -3.62 -7.82
N ALA A 23 2.53 -3.82 -7.82
CA ALA A 23 3.15 -4.85 -7.00
C ALA A 23 4.12 -4.25 -6.00
N GLY A 24 4.20 -4.87 -4.82
CA GLY A 24 5.10 -4.38 -3.79
C GLY A 24 5.13 -5.27 -2.57
N VAL A 25 5.71 -4.77 -1.49
CA VAL A 25 5.81 -5.50 -0.24
C VAL A 25 5.14 -4.75 0.90
N VAL A 26 4.31 -5.46 1.67
CA VAL A 26 3.62 -4.84 2.80
C VAL A 26 4.63 -4.29 3.80
N ARG A 27 4.39 -3.06 4.24
CA ARG A 27 5.29 -2.41 5.19
C ARG A 27 4.56 -2.02 6.47
N PHE A 28 3.35 -1.49 6.33
CA PHE A 28 2.56 -1.08 7.48
C PHE A 28 1.08 -1.22 7.20
N LEU A 29 0.34 -1.82 8.13
CA LEU A 29 -1.10 -2.02 7.97
C LEU A 29 -1.87 -1.29 9.05
N GLY A 30 -2.90 -0.55 8.65
CA GLY A 30 -3.71 0.19 9.60
C GLY A 30 -4.48 1.31 8.95
N GLU A 31 -5.15 2.12 9.77
CA GLU A 31 -5.93 3.25 9.26
C GLU A 31 -5.03 4.43 8.94
N THR A 32 -5.51 5.32 8.09
CA THR A 32 -4.73 6.50 7.70
C THR A 32 -5.28 7.76 8.38
N ASP A 33 -4.55 8.86 8.25
CA ASP A 33 -4.97 10.11 8.85
C ASP A 33 -5.72 10.99 7.85
N PHE A 34 -5.92 10.48 6.64
CA PHE A 34 -6.63 11.23 5.60
C PHE A 34 -7.82 10.44 5.07
N ALA A 35 -7.84 9.13 5.30
CA ALA A 35 -8.92 8.28 4.83
C ALA A 35 -9.61 7.57 6.00
N LYS A 36 -10.92 7.37 5.88
CA LYS A 36 -11.69 6.70 6.92
C LYS A 36 -11.77 5.20 6.65
N GLY A 37 -11.29 4.40 7.59
CA GLY A 37 -11.31 2.95 7.43
C GLY A 37 -9.94 2.32 7.59
N GLU A 38 -9.84 1.05 7.22
CA GLU A 38 -8.58 0.33 7.33
C GLU A 38 -7.81 0.37 6.01
N TRP A 39 -6.51 0.63 6.10
CA TRP A 39 -5.66 0.71 4.92
C TRP A 39 -4.37 -0.07 5.13
N CYS A 40 -3.62 -0.25 4.04
CA CYS A 40 -2.37 -0.99 4.10
C CYS A 40 -1.28 -0.29 3.29
N GLY A 41 -0.03 -0.52 3.67
CA GLY A 41 1.09 0.09 2.98
C GLY A 41 1.96 -0.94 2.28
N VAL A 42 2.19 -0.73 0.99
CA VAL A 42 3.01 -1.65 0.20
C VAL A 42 4.10 -0.91 -0.55
N GLU A 43 5.32 -1.43 -0.48
CA GLU A 43 6.45 -0.81 -1.17
C GLU A 43 6.50 -1.31 -2.61
N LEU A 44 6.22 -0.41 -3.54
CA LEU A 44 6.21 -0.77 -4.95
C LEU A 44 7.62 -1.09 -5.46
N ASP A 45 7.69 -2.04 -6.38
CA ASP A 45 8.96 -2.47 -6.95
C ASP A 45 9.55 -1.39 -7.85
N GLU A 46 8.68 -0.57 -8.45
CA GLU A 46 9.12 0.49 -9.34
C GLU A 46 8.40 1.80 -8.99
N PRO A 47 8.83 2.93 -9.60
CA PRO A 47 8.24 4.24 -9.35
C PRO A 47 6.80 4.30 -9.87
N LEU A 48 5.90 3.57 -9.23
CA LEU A 48 4.50 3.54 -9.62
C LEU A 48 3.59 3.86 -8.44
N GLY A 49 4.10 4.65 -7.50
CA GLY A 49 3.31 5.01 -6.33
C GLY A 49 2.95 6.48 -6.31
N LYS A 50 2.52 6.97 -5.14
CA LYS A 50 2.14 8.37 -5.00
C LYS A 50 3.02 9.07 -3.98
N ASN A 51 3.36 8.37 -2.90
CA ASN A 51 4.19 8.93 -1.85
C ASN A 51 5.43 8.06 -1.59
N ASP A 52 6.36 8.58 -0.81
CA ASP A 52 7.58 7.85 -0.49
C ASP A 52 7.47 7.14 0.86
N GLY A 53 6.24 6.82 1.26
CA GLY A 53 6.02 6.14 2.52
C GLY A 53 5.42 7.04 3.58
N ALA A 54 4.79 8.13 3.14
CA ALA A 54 4.17 9.08 4.07
C ALA A 54 2.81 9.54 3.56
N VAL A 55 1.96 9.98 4.47
CA VAL A 55 0.63 10.46 4.12
C VAL A 55 0.25 11.70 4.92
N ALA A 56 0.06 12.82 4.23
CA ALA A 56 -0.32 14.07 4.90
C ALA A 56 0.72 14.48 5.93
N GLY A 57 1.95 14.01 5.75
CA GLY A 57 3.02 14.35 6.68
C GLY A 57 3.29 13.23 7.68
N THR A 58 2.48 12.19 7.65
CA THR A 58 2.65 11.07 8.58
C THR A 58 3.33 9.89 7.88
N ARG A 59 4.53 9.55 8.32
CA ARG A 59 5.28 8.45 7.74
C ARG A 59 4.96 7.14 8.46
N TYR A 60 4.33 6.22 7.73
CA TYR A 60 3.96 4.92 8.30
C TYR A 60 5.11 3.92 8.15
N PHE A 61 5.76 3.95 6.99
CA PHE A 61 6.87 3.04 6.72
C PHE A 61 7.93 3.74 5.86
N GLN A 62 9.09 3.10 5.75
CA GLN A 62 10.18 3.67 4.96
C GLN A 62 10.33 2.93 3.63
N CYS A 63 10.35 3.69 2.54
CA CYS A 63 10.48 3.12 1.20
C CYS A 63 11.11 4.12 0.24
N GLN A 64 11.60 3.63 -0.89
CA GLN A 64 12.23 4.47 -1.89
C GLN A 64 11.23 5.50 -2.42
N PRO A 65 11.74 6.54 -3.12
CA PRO A 65 10.88 7.59 -3.68
C PRO A 65 9.90 7.03 -4.71
N LYS A 66 8.63 7.41 -4.58
CA LYS A 66 7.59 6.94 -5.49
C LYS A 66 7.42 5.43 -5.41
N TYR A 67 7.93 4.83 -4.34
CA TYR A 67 7.81 3.39 -4.15
C TYR A 67 6.85 3.05 -3.01
N GLY A 68 5.99 4.01 -2.67
CA GLY A 68 5.04 3.79 -1.59
C GLY A 68 3.60 3.96 -2.05
N LEU A 69 2.80 2.92 -1.83
CA LEU A 69 1.40 2.95 -2.22
C LEU A 69 0.51 2.49 -1.07
N PHE A 70 -0.47 3.32 -0.72
CA PHE A 70 -1.39 3.01 0.38
C PHE A 70 -2.73 2.51 -0.16
N ALA A 71 -3.03 1.24 0.07
CA ALA A 71 -4.29 0.66 -0.39
C ALA A 71 -4.88 -0.28 0.66
N PRO A 72 -6.22 -0.39 0.69
CA PRO A 72 -6.92 -1.26 1.64
C PRO A 72 -6.37 -2.68 1.65
N VAL A 73 -6.70 -3.42 2.71
CA VAL A 73 -6.26 -4.80 2.84
C VAL A 73 -6.99 -5.72 1.86
N HIS A 74 -8.21 -5.33 1.50
CA HIS A 74 -9.02 -6.12 0.56
C HIS A 74 -8.56 -5.89 -0.87
N LYS A 75 -7.99 -4.72 -1.14
CA LYS A 75 -7.51 -4.40 -2.48
C LYS A 75 -6.15 -5.02 -2.74
N VAL A 76 -5.45 -5.38 -1.67
CA VAL A 76 -4.13 -5.98 -1.79
C VAL A 76 -4.22 -7.50 -1.77
N THR A 77 -3.37 -8.13 -2.58
CA THR A 77 -3.35 -9.59 -2.66
C THR A 77 -1.92 -10.11 -2.78
N LYS A 78 -1.68 -11.28 -2.21
CA LYS A 78 -0.35 -11.89 -2.25
C LYS A 78 -0.03 -12.38 -3.66
N ILE A 79 1.16 -12.03 -4.15
CA ILE A 79 1.58 -12.43 -5.48
C ILE A 79 2.13 -13.86 -5.48
N GLY A 80 2.69 -14.27 -4.35
CA GLY A 80 3.23 -15.62 -4.23
C GLY A 80 4.61 -15.62 -3.58
N PHE A 81 5.58 -16.19 -4.28
CA PHE A 81 6.94 -16.26 -3.77
C PHE A 81 7.78 -15.08 -4.26
N GLY B 29 -13.06 -2.67 -12.19
CA GLY B 29 -13.96 -1.95 -13.06
C GLY B 29 -14.92 -1.06 -12.30
N GLU B 30 -14.80 0.25 -12.51
CA GLU B 30 -15.67 1.21 -11.84
C GLU B 30 -15.50 1.14 -10.33
N GLU B 31 -14.30 0.79 -9.89
CA GLU B 31 -14.01 0.69 -8.46
C GLU B 31 -12.53 0.99 -8.19
N GLU B 32 -11.95 1.83 -9.01
CA GLU B 32 -10.54 2.21 -8.87
C GLU B 32 -10.41 3.53 -8.11
N GLY B 33 -9.21 3.80 -7.61
CA GLY B 33 -8.97 5.02 -6.86
C GLY B 33 -9.05 4.81 -5.36
N GLU B 34 -8.80 3.59 -4.93
CA GLU B 34 -8.83 3.26 -3.50
C GLU B 34 -7.42 3.18 -2.92
N GLU B 35 -6.47 3.82 -3.59
CA GLU B 35 -5.09 3.80 -3.11
C GLU B 35 -4.44 5.16 -3.25
N TYR B 36 -3.46 5.43 -2.39
CA TYR B 36 -2.74 6.70 -2.42
C TYR B 36 -1.24 6.48 -2.32
N ARG A 8 -8.56 -13.73 7.29
CA ARG A 8 -8.00 -13.17 6.06
C ARG A 8 -7.31 -11.84 6.34
N GLU A 9 -5.98 -11.85 6.27
CA GLU A 9 -5.19 -10.65 6.52
C GLU A 9 -3.84 -10.73 5.82
N LEU A 10 -3.05 -9.68 5.95
CA LEU A 10 -1.72 -9.62 5.34
C LEU A 10 -0.64 -9.38 6.39
N LYS A 11 0.57 -9.83 6.10
CA LYS A 11 1.69 -9.66 7.03
C LYS A 11 2.79 -8.81 6.38
N ILE A 12 3.47 -8.02 7.20
CA ILE A 12 4.56 -7.17 6.72
C ILE A 12 5.69 -8.01 6.15
N GLY A 13 6.33 -7.50 5.10
CA GLY A 13 7.43 -8.21 4.47
C GLY A 13 6.97 -9.20 3.43
N ASP A 14 5.66 -9.32 3.25
CA ASP A 14 5.09 -10.24 2.27
C ASP A 14 4.83 -9.54 0.94
N ARG A 15 5.06 -10.26 -0.15
CA ARG A 15 4.84 -9.71 -1.49
C ARG A 15 3.35 -9.67 -1.81
N VAL A 16 2.89 -8.54 -2.31
CA VAL A 16 1.48 -8.38 -2.65
C VAL A 16 1.29 -7.39 -3.80
N LEU A 17 0.03 -7.11 -4.11
CA LEU A 17 -0.31 -6.17 -5.16
C LEU A 17 -1.21 -5.08 -4.62
N VAL A 18 -0.77 -3.83 -4.73
CA VAL A 18 -1.55 -2.71 -4.25
C VAL A 18 -2.49 -2.21 -5.34
N GLY A 19 -3.79 -2.41 -5.13
CA GLY A 19 -4.77 -2.00 -6.11
C GLY A 19 -5.02 -3.07 -7.17
N GLY A 20 -4.23 -4.14 -7.14
CA GLY A 20 -4.38 -5.20 -8.11
C GLY A 20 -3.53 -5.00 -9.35
N THR A 21 -3.22 -3.75 -9.64
CA THR A 21 -2.41 -3.42 -10.81
C THR A 21 -0.96 -3.14 -10.42
N LYS A 22 -0.78 -2.69 -9.19
CA LYS A 22 0.56 -2.38 -8.68
C LYS A 22 1.07 -3.52 -7.81
N ALA A 23 2.39 -3.73 -7.83
CA ALA A 23 2.99 -4.79 -7.03
C ALA A 23 3.99 -4.23 -6.03
N GLY A 24 4.11 -4.89 -4.88
CA GLY A 24 5.02 -4.43 -3.86
C GLY A 24 5.05 -5.36 -2.66
N VAL A 25 5.59 -4.86 -1.55
CA VAL A 25 5.69 -5.64 -0.32
C VAL A 25 5.05 -4.90 0.85
N VAL A 26 4.23 -5.60 1.62
CA VAL A 26 3.58 -5.02 2.77
C VAL A 26 4.60 -4.51 3.78
N ARG A 27 4.41 -3.27 4.25
CA ARG A 27 5.34 -2.67 5.19
C ARG A 27 4.64 -2.28 6.49
N PHE A 28 3.44 -1.71 6.37
CA PHE A 28 2.67 -1.30 7.53
C PHE A 28 1.18 -1.39 7.24
N LEU A 29 0.40 -1.88 8.21
CA LEU A 29 -1.03 -2.00 8.04
C LEU A 29 -1.78 -1.24 9.13
N GLY A 30 -2.69 -0.36 8.70
CA GLY A 30 -3.46 0.43 9.64
C GLY A 30 -4.28 1.50 8.96
N GLU A 31 -5.06 2.25 9.75
CA GLU A 31 -5.90 3.31 9.20
C GLU A 31 -5.08 4.56 8.93
N THR A 32 -5.54 5.36 7.97
CA THR A 32 -4.86 6.60 7.60
C THR A 32 -5.55 7.81 8.24
N ASP A 33 -4.82 8.92 8.32
CA ASP A 33 -5.36 10.13 8.91
C ASP A 33 -6.17 10.92 7.88
N PHE A 34 -5.77 10.82 6.62
CA PHE A 34 -6.46 11.53 5.54
C PHE A 34 -7.60 10.69 4.95
N ALA A 35 -7.57 9.39 5.20
CA ALA A 35 -8.59 8.49 4.68
C ALA A 35 -9.30 7.75 5.81
N LYS A 36 -10.57 7.45 5.61
CA LYS A 36 -11.36 6.75 6.62
C LYS A 36 -11.40 5.26 6.33
N GLY A 37 -11.29 4.45 7.38
CA GLY A 37 -11.31 3.01 7.22
C GLY A 37 -9.95 2.38 7.39
N GLU A 38 -9.86 1.08 7.14
CA GLU A 38 -8.60 0.36 7.28
C GLU A 38 -7.79 0.43 5.98
N TRP A 39 -6.49 0.70 6.11
CA TRP A 39 -5.62 0.80 4.95
C TRP A 39 -4.33 0.00 5.17
N CYS A 40 -3.61 -0.25 4.09
CA CYS A 40 -2.35 -0.99 4.17
C CYS A 40 -1.25 -0.30 3.37
N GLY A 41 -0.01 -0.59 3.74
CA GLY A 41 1.14 0.00 3.06
C GLY A 41 1.97 -1.03 2.35
N VAL A 42 2.21 -0.81 1.06
CA VAL A 42 2.99 -1.73 0.26
C VAL A 42 4.09 -1.01 -0.50
N GLU A 43 5.31 -1.54 -0.43
CA GLU A 43 6.45 -0.93 -1.12
C GLU A 43 6.48 -1.41 -2.56
N LEU A 44 6.21 -0.49 -3.49
CA LEU A 44 6.20 -0.82 -4.90
C LEU A 44 7.59 -1.18 -5.42
N ASP A 45 7.64 -2.16 -6.31
CA ASP A 45 8.90 -2.61 -6.88
C ASP A 45 9.50 -1.55 -7.80
N GLU A 46 8.65 -0.67 -8.33
CA GLU A 46 9.10 0.39 -9.23
C GLU A 46 8.43 1.72 -8.88
N PRO A 47 8.90 2.82 -9.48
CA PRO A 47 8.34 4.15 -9.23
C PRO A 47 6.91 4.28 -9.77
N LEU A 48 5.98 3.58 -9.12
CA LEU A 48 4.58 3.61 -9.53
C LEU A 48 3.67 3.99 -8.37
N GLY A 49 4.22 4.66 -7.37
CA GLY A 49 3.43 5.06 -6.22
C GLY A 49 3.11 6.54 -6.22
N LYS A 50 2.48 7.01 -5.15
CA LYS A 50 2.11 8.42 -5.04
C LYS A 50 2.89 9.11 -3.93
N ASN A 51 3.27 8.34 -2.91
CA ASN A 51 4.02 8.90 -1.78
C ASN A 51 5.33 8.13 -1.56
N ASP A 52 6.21 8.71 -0.76
CA ASP A 52 7.49 8.09 -0.46
C ASP A 52 7.45 7.39 0.91
N GLY A 53 6.26 6.99 1.33
CA GLY A 53 6.11 6.31 2.61
C GLY A 53 5.46 7.18 3.66
N ALA A 54 4.83 8.27 3.23
CA ALA A 54 4.16 9.19 4.15
C ALA A 54 2.81 9.64 3.60
N VAL A 55 1.93 10.10 4.48
CA VAL A 55 0.61 10.56 4.09
C VAL A 55 0.20 11.79 4.89
N ALA A 56 0.03 12.91 4.20
CA ALA A 56 -0.37 14.15 4.85
C ALA A 56 0.65 14.57 5.92
N GLY A 57 1.89 14.15 5.73
CA GLY A 57 2.94 14.49 6.68
C GLY A 57 3.13 13.42 7.74
N THR A 58 2.52 12.25 7.53
CA THR A 58 2.64 11.15 8.49
C THR A 58 3.32 9.95 7.84
N ARG A 59 4.51 9.62 8.32
CA ARG A 59 5.27 8.50 7.80
C ARG A 59 4.89 7.21 8.51
N TYR A 60 4.29 6.28 7.78
CA TYR A 60 3.87 5.01 8.36
C TYR A 60 5.00 3.98 8.26
N PHE A 61 5.71 3.99 7.13
CA PHE A 61 6.81 3.06 6.92
C PHE A 61 7.91 3.71 6.07
N GLN A 62 9.02 2.99 5.92
CA GLN A 62 10.14 3.50 5.14
C GLN A 62 10.22 2.80 3.79
N CYS A 63 10.29 3.59 2.72
CA CYS A 63 10.37 3.04 1.37
C CYS A 63 11.05 4.03 0.43
N GLN A 64 11.57 3.52 -0.69
CA GLN A 64 12.24 4.36 -1.66
C GLN A 64 11.28 5.40 -2.23
N PRO A 65 11.83 6.43 -2.91
CA PRO A 65 11.01 7.50 -3.49
C PRO A 65 10.03 6.97 -4.53
N LYS A 66 8.75 7.33 -4.37
CA LYS A 66 7.71 6.90 -5.29
C LYS A 66 7.50 5.39 -5.22
N TYR A 67 8.03 4.76 -4.18
CA TYR A 67 7.89 3.31 -4.01
C TYR A 67 6.90 2.99 -2.90
N GLY A 68 6.09 3.97 -2.52
CA GLY A 68 5.10 3.77 -1.47
C GLY A 68 3.67 3.93 -1.96
N LEU A 69 2.85 2.91 -1.72
CA LEU A 69 1.46 2.95 -2.14
C LEU A 69 0.55 2.49 -1.00
N PHE A 70 -0.43 3.33 -0.66
CA PHE A 70 -1.36 3.01 0.42
C PHE A 70 -2.69 2.51 -0.12
N ALA A 71 -3.01 1.24 0.10
CA ALA A 71 -4.26 0.67 -0.36
C ALA A 71 -4.84 -0.28 0.69
N PRO A 72 -6.18 -0.36 0.76
CA PRO A 72 -6.88 -1.23 1.71
C PRO A 72 -6.34 -2.66 1.71
N VAL A 73 -6.65 -3.40 2.78
CA VAL A 73 -6.21 -4.78 2.90
C VAL A 73 -6.95 -5.68 1.91
N HIS A 74 -8.21 -5.34 1.63
CA HIS A 74 -9.02 -6.12 0.71
C HIS A 74 -8.60 -5.86 -0.73
N LYS A 75 -8.05 -4.67 -0.98
CA LYS A 75 -7.59 -4.29 -2.32
C LYS A 75 -6.24 -4.94 -2.62
N VAL A 76 -5.53 -5.33 -1.57
CA VAL A 76 -4.22 -5.95 -1.73
C VAL A 76 -4.32 -7.47 -1.72
N THR A 77 -3.49 -8.11 -2.53
CA THR A 77 -3.48 -9.57 -2.62
C THR A 77 -2.07 -10.08 -2.80
N LYS A 78 -1.74 -11.18 -2.12
CA LYS A 78 -0.42 -11.78 -2.22
C LYS A 78 -0.14 -12.26 -3.63
N ILE A 79 1.01 -11.87 -4.18
CA ILE A 79 1.40 -12.27 -5.53
C ILE A 79 1.90 -13.71 -5.57
N GLY A 80 2.47 -14.15 -4.45
CA GLY A 80 2.97 -15.51 -4.38
C GLY A 80 1.88 -16.55 -4.49
N PHE A 81 1.66 -17.31 -3.43
CA PHE A 81 0.64 -18.34 -3.42
C PHE A 81 -0.56 -17.92 -2.56
N GLY B 29 -18.58 -2.77 -8.15
CA GLY B 29 -18.19 -2.21 -6.85
C GLY B 29 -17.03 -1.25 -6.97
N GLU B 30 -15.87 -1.77 -7.36
CA GLU B 30 -14.68 -0.95 -7.50
C GLU B 30 -13.52 -1.75 -8.10
N GLU B 31 -12.34 -1.16 -8.13
CA GLU B 31 -11.17 -1.82 -8.67
C GLU B 31 -9.93 -0.93 -8.54
N GLU B 32 -10.11 0.36 -8.76
CA GLU B 32 -9.01 1.32 -8.66
C GLU B 32 -9.49 2.62 -8.03
N GLY B 33 -8.53 3.43 -7.56
CA GLY B 33 -8.87 4.69 -6.94
C GLY B 33 -8.89 4.62 -5.42
N GLU B 34 -8.79 3.40 -4.88
CA GLU B 34 -8.80 3.20 -3.44
C GLU B 34 -7.38 3.11 -2.89
N GLU B 35 -6.44 3.77 -3.55
CA GLU B 35 -5.06 3.74 -3.10
C GLU B 35 -4.39 5.10 -3.26
N TYR B 36 -3.40 5.37 -2.42
CA TYR B 36 -2.68 6.64 -2.47
C TYR B 36 -1.18 6.42 -2.36
N ARG A 8 -5.60 -14.92 7.87
CA ARG A 8 -6.33 -13.70 7.52
C ARG A 8 -5.40 -12.48 7.56
N GLU A 9 -5.86 -11.39 6.95
CA GLU A 9 -5.08 -10.16 6.91
C GLU A 9 -3.77 -10.37 6.16
N LEU A 10 -2.91 -9.35 6.17
CA LEU A 10 -1.63 -9.42 5.49
C LEU A 10 -0.48 -9.22 6.47
N LYS A 11 0.63 -9.91 6.22
CA LYS A 11 1.81 -9.81 7.07
C LYS A 11 2.87 -8.92 6.43
N ILE A 12 3.53 -8.11 7.25
CA ILE A 12 4.58 -7.22 6.76
C ILE A 12 5.73 -8.00 6.15
N GLY A 13 6.37 -7.41 5.15
CA GLY A 13 7.49 -8.07 4.49
C GLY A 13 7.03 -9.09 3.47
N ASP A 14 5.72 -9.22 3.29
CA ASP A 14 5.17 -10.18 2.34
C ASP A 14 4.91 -9.52 0.99
N ARG A 15 5.12 -10.28 -0.08
CA ARG A 15 4.91 -9.77 -1.44
C ARG A 15 3.42 -9.72 -1.76
N VAL A 16 2.97 -8.60 -2.31
CA VAL A 16 1.57 -8.43 -2.65
C VAL A 16 1.39 -7.44 -3.79
N LEU A 17 0.13 -7.17 -4.14
CA LEU A 17 -0.20 -6.23 -5.19
C LEU A 17 -1.12 -5.15 -4.66
N VAL A 18 -0.69 -3.91 -4.76
CA VAL A 18 -1.51 -2.79 -4.29
C VAL A 18 -2.42 -2.30 -5.40
N GLY A 19 -3.72 -2.52 -5.22
CA GLY A 19 -4.68 -2.12 -6.22
C GLY A 19 -4.90 -3.19 -7.29
N GLY A 20 -4.09 -4.24 -7.24
CA GLY A 20 -4.21 -5.31 -8.22
C GLY A 20 -3.33 -5.09 -9.44
N THR A 21 -3.04 -3.83 -9.73
CA THR A 21 -2.21 -3.50 -10.88
C THR A 21 -0.77 -3.21 -10.45
N LYS A 22 -0.62 -2.76 -9.21
CA LYS A 22 0.70 -2.46 -8.68
C LYS A 22 1.21 -3.59 -7.80
N ALA A 23 2.52 -3.82 -7.82
CA ALA A 23 3.13 -4.88 -7.03
C ALA A 23 4.13 -4.31 -6.03
N GLY A 24 4.17 -4.92 -4.85
CA GLY A 24 5.09 -4.45 -3.82
C GLY A 24 5.11 -5.35 -2.60
N VAL A 25 5.71 -4.86 -1.52
CA VAL A 25 5.80 -5.63 -0.29
C VAL A 25 5.14 -4.87 0.86
N VAL A 26 4.35 -5.57 1.66
CA VAL A 26 3.67 -4.96 2.80
C VAL A 26 4.70 -4.42 3.79
N ARG A 27 4.49 -3.19 4.24
CA ARG A 27 5.40 -2.55 5.18
C ARG A 27 4.68 -2.16 6.47
N PHE A 28 3.50 -1.56 6.33
CA PHE A 28 2.72 -1.14 7.48
C PHE A 28 1.23 -1.24 7.19
N LEU A 29 0.47 -1.78 8.14
CA LEU A 29 -0.96 -1.93 7.97
C LEU A 29 -1.73 -1.19 9.07
N GLY A 30 -2.75 -0.44 8.67
CA GLY A 30 -3.54 0.31 9.62
C GLY A 30 -4.36 1.40 8.95
N GLU A 31 -5.03 2.22 9.77
CA GLU A 31 -5.85 3.30 9.26
C GLU A 31 -4.98 4.50 8.89
N THR A 32 -5.51 5.37 8.02
CA THR A 32 -4.78 6.55 7.59
C THR A 32 -5.36 7.81 8.24
N ASP A 33 -4.61 8.90 8.16
CA ASP A 33 -5.04 10.17 8.74
C ASP A 33 -5.83 11.00 7.73
N PHE A 34 -5.95 10.50 6.50
CA PHE A 34 -6.68 11.22 5.46
C PHE A 34 -7.83 10.37 4.90
N ALA A 35 -7.78 9.07 5.15
CA ALA A 35 -8.82 8.16 4.67
C ALA A 35 -9.50 7.44 5.83
N LYS A 36 -10.81 7.25 5.72
CA LYS A 36 -11.58 6.57 6.75
C LYS A 36 -11.61 5.07 6.50
N GLY A 37 -11.32 4.29 7.55
CA GLY A 37 -11.32 2.84 7.42
C GLY A 37 -9.94 2.24 7.61
N GLU A 38 -9.79 0.98 7.21
CA GLU A 38 -8.51 0.29 7.34
C GLU A 38 -7.73 0.34 6.02
N TRP A 39 -6.45 0.66 6.12
CA TRP A 39 -5.59 0.75 4.94
C TRP A 39 -4.31 -0.04 5.14
N CYS A 40 -3.57 -0.25 4.05
CA CYS A 40 -2.32 -1.00 4.12
C CYS A 40 -1.22 -0.30 3.31
N GLY A 41 0.02 -0.57 3.68
CA GLY A 41 1.16 0.04 2.99
C GLY A 41 2.02 -0.99 2.30
N VAL A 42 2.24 -0.79 1.00
CA VAL A 42 3.05 -1.72 0.22
C VAL A 42 4.14 -0.98 -0.55
N GLU A 43 5.37 -1.50 -0.47
CA GLU A 43 6.49 -0.92 -1.17
C GLU A 43 6.55 -1.42 -2.61
N LEU A 44 6.27 -0.53 -3.56
CA LEU A 44 6.26 -0.91 -4.96
C LEU A 44 7.66 -1.27 -5.45
N ASP A 45 7.71 -2.17 -6.44
CA ASP A 45 8.97 -2.62 -7.01
C ASP A 45 9.58 -1.54 -7.90
N GLU A 46 8.73 -0.69 -8.46
CA GLU A 46 9.20 0.39 -9.33
C GLU A 46 8.47 1.70 -9.01
N PRO A 47 8.92 2.82 -9.60
CA PRO A 47 8.32 4.13 -9.38
C PRO A 47 6.89 4.20 -9.90
N LEU A 48 5.99 3.47 -9.24
CA LEU A 48 4.58 3.44 -9.63
C LEU A 48 3.68 3.78 -8.45
N GLY A 49 4.20 4.56 -7.51
CA GLY A 49 3.41 4.94 -6.35
C GLY A 49 3.01 6.40 -6.37
N LYS A 50 2.59 6.92 -5.22
CA LYS A 50 2.17 8.32 -5.12
C LYS A 50 2.96 9.06 -4.05
N ASN A 51 3.21 8.38 -2.93
CA ASN A 51 3.96 8.99 -1.83
C ASN A 51 5.28 8.25 -1.58
N ASP A 52 6.13 8.84 -0.75
CA ASP A 52 7.42 8.23 -0.43
C ASP A 52 7.34 7.47 0.89
N GLY A 53 6.15 7.02 1.26
CA GLY A 53 5.98 6.28 2.49
C GLY A 53 5.34 7.12 3.59
N ALA A 54 4.72 8.23 3.22
CA ALA A 54 4.09 9.10 4.19
C ALA A 54 2.73 9.61 3.68
N VAL A 55 1.88 10.04 4.60
CA VAL A 55 0.56 10.54 4.24
C VAL A 55 0.11 11.65 5.18
N ALA A 56 -0.27 12.78 4.60
CA ALA A 56 -0.71 13.93 5.39
C ALA A 56 0.35 14.36 6.40
N GLY A 57 1.61 14.09 6.07
CA GLY A 57 2.70 14.46 6.95
C GLY A 57 3.01 13.38 7.97
N THR A 58 2.41 12.21 7.81
CA THR A 58 2.64 11.10 8.73
C THR A 58 3.27 9.92 8.01
N ARG A 59 4.48 9.55 8.43
CA ARG A 59 5.19 8.44 7.82
C ARG A 59 4.81 7.12 8.49
N TYR A 60 4.22 6.21 7.70
CA TYR A 60 3.81 4.92 8.23
C TYR A 60 4.93 3.89 8.08
N PHE A 61 5.73 4.05 7.04
CA PHE A 61 6.85 3.14 6.78
C PHE A 61 7.91 3.81 5.91
N GLN A 62 9.04 3.15 5.74
CA GLN A 62 10.13 3.68 4.94
C GLN A 62 10.21 2.98 3.59
N CYS A 63 10.21 3.76 2.51
CA CYS A 63 10.29 3.20 1.17
C CYS A 63 10.90 4.21 0.20
N GLN A 64 11.39 3.70 -0.93
CA GLN A 64 12.00 4.55 -1.95
C GLN A 64 11.01 5.57 -2.49
N PRO A 65 11.49 6.60 -3.20
CA PRO A 65 10.62 7.65 -3.76
C PRO A 65 9.66 7.10 -4.81
N LYS A 66 8.40 7.49 -4.72
CA LYS A 66 7.38 7.03 -5.66
C LYS A 66 7.17 5.52 -5.56
N TYR A 67 7.60 4.94 -4.45
CA TYR A 67 7.45 3.50 -4.23
C TYR A 67 6.41 3.20 -3.16
N GLY A 68 6.06 4.21 -2.38
CA GLY A 68 5.07 4.04 -1.33
C GLY A 68 3.65 4.12 -1.84
N LEU A 69 2.91 3.03 -1.69
CA LEU A 69 1.51 2.98 -2.14
C LEU A 69 0.61 2.53 -0.99
N PHE A 70 -0.41 3.34 -0.72
CA PHE A 70 -1.35 3.03 0.36
C PHE A 70 -2.69 2.53 -0.19
N ALA A 71 -2.99 1.26 0.07
CA ALA A 71 -4.25 0.67 -0.40
C ALA A 71 -4.83 -0.28 0.66
N PRO A 72 -6.16 -0.38 0.72
CA PRO A 72 -6.85 -1.25 1.68
C PRO A 72 -6.29 -2.67 1.70
N VAL A 73 -6.60 -3.41 2.76
CA VAL A 73 -6.14 -4.78 2.90
C VAL A 73 -6.84 -5.69 1.89
N HIS A 74 -8.11 -5.41 1.62
CA HIS A 74 -8.88 -6.21 0.68
C HIS A 74 -8.48 -5.89 -0.76
N LYS A 75 -7.96 -4.69 -0.97
CA LYS A 75 -7.53 -4.27 -2.30
C LYS A 75 -6.17 -4.88 -2.64
N VAL A 76 -5.44 -5.29 -1.62
CA VAL A 76 -4.12 -5.88 -1.81
C VAL A 76 -4.23 -7.41 -1.93
N THR A 77 -3.48 -7.97 -2.86
CA THR A 77 -3.48 -9.41 -3.07
C THR A 77 -2.05 -9.95 -3.11
N LYS A 78 -1.82 -11.03 -2.37
CA LYS A 78 -0.50 -11.65 -2.32
C LYS A 78 -0.11 -12.19 -3.69
N ILE A 79 1.10 -11.86 -4.13
CA ILE A 79 1.59 -12.31 -5.43
C ILE A 79 2.30 -13.65 -5.30
N GLY A 80 2.89 -13.90 -4.14
CA GLY A 80 3.60 -15.15 -3.92
C GLY A 80 2.65 -16.34 -3.87
N PHE A 81 2.85 -17.27 -4.80
CA PHE A 81 2.01 -18.46 -4.87
C PHE A 81 2.56 -19.56 -3.96
N GLY B 29 -16.49 2.93 -10.30
CA GLY B 29 -15.17 2.48 -9.93
C GLY B 29 -15.19 1.51 -8.76
N GLU B 30 -15.04 0.23 -9.06
CA GLU B 30 -15.04 -0.81 -8.03
C GLU B 30 -13.86 -1.75 -8.20
N GLU B 31 -12.65 -1.17 -8.23
CA GLU B 31 -11.43 -1.96 -8.39
C GLU B 31 -10.20 -1.09 -8.18
N GLU B 32 -10.24 0.11 -8.73
CA GLU B 32 -9.13 1.05 -8.62
C GLU B 32 -9.59 2.38 -8.05
N GLY B 33 -8.64 3.18 -7.56
CA GLY B 33 -8.98 4.47 -6.99
C GLY B 33 -8.98 4.46 -5.47
N GLU B 34 -8.87 3.27 -4.88
CA GLU B 34 -8.85 3.13 -3.43
C GLU B 34 -7.43 3.08 -2.89
N GLU B 35 -6.51 3.75 -3.58
CA GLU B 35 -5.11 3.74 -3.14
C GLU B 35 -4.49 5.12 -3.30
N TYR B 36 -3.47 5.40 -2.49
CA TYR B 36 -2.79 6.68 -2.53
C TYR B 36 -1.28 6.48 -2.44
N ARG A 8 -4.76 -12.95 10.37
CA ARG A 8 -4.70 -11.71 9.61
C ARG A 8 -4.75 -11.97 8.11
N GLU A 9 -5.14 -10.95 7.35
CA GLU A 9 -5.23 -11.08 5.90
C GLU A 9 -3.84 -11.05 5.27
N LEU A 10 -3.10 -9.97 5.50
CA LEU A 10 -1.75 -9.83 4.95
C LEU A 10 -0.73 -9.63 6.06
N LYS A 11 0.49 -10.09 5.84
CA LYS A 11 1.56 -9.95 6.81
C LYS A 11 2.63 -9.00 6.31
N ILE A 12 3.23 -8.24 7.23
CA ILE A 12 4.27 -7.29 6.87
C ILE A 12 5.52 -8.01 6.35
N GLY A 13 6.15 -7.44 5.33
CA GLY A 13 7.33 -8.04 4.76
C GLY A 13 7.02 -9.05 3.67
N ASP A 14 5.73 -9.28 3.43
CA ASP A 14 5.30 -10.22 2.41
C ASP A 14 5.03 -9.53 1.09
N ARG A 15 5.29 -10.23 -0.02
CA ARG A 15 5.08 -9.68 -1.35
C ARG A 15 3.59 -9.68 -1.70
N VAL A 16 3.12 -8.56 -2.24
CA VAL A 16 1.72 -8.43 -2.60
C VAL A 16 1.53 -7.43 -3.73
N LEU A 17 0.26 -7.18 -4.07
CA LEU A 17 -0.06 -6.22 -5.12
C LEU A 17 -1.02 -5.18 -4.59
N VAL A 18 -0.62 -3.92 -4.67
CA VAL A 18 -1.46 -2.82 -4.19
C VAL A 18 -2.38 -2.35 -5.31
N GLY A 19 -3.68 -2.59 -5.14
CA GLY A 19 -4.65 -2.21 -6.14
C GLY A 19 -4.82 -3.27 -7.22
N GLY A 20 -3.99 -4.30 -7.18
CA GLY A 20 -4.08 -5.37 -8.16
C GLY A 20 -3.19 -5.13 -9.37
N THR A 21 -2.93 -3.86 -9.66
CA THR A 21 -2.09 -3.49 -10.79
C THR A 21 -0.67 -3.18 -10.34
N LYS A 22 -0.53 -2.75 -9.10
CA LYS A 22 0.78 -2.42 -8.55
C LYS A 22 1.31 -3.55 -7.69
N ALA A 23 2.62 -3.73 -7.68
CA ALA A 23 3.25 -4.79 -6.89
C ALA A 23 4.22 -4.20 -5.87
N GLY A 24 4.30 -4.84 -4.70
CA GLY A 24 5.20 -4.37 -3.66
C GLY A 24 5.22 -5.28 -2.45
N VAL A 25 5.82 -4.79 -1.37
CA VAL A 25 5.91 -5.56 -0.13
C VAL A 25 5.20 -4.84 1.01
N VAL A 26 4.37 -5.58 1.74
CA VAL A 26 3.64 -5.00 2.86
C VAL A 26 4.59 -4.47 3.92
N ARG A 27 4.34 -3.26 4.40
CA ARG A 27 5.19 -2.64 5.40
C ARG A 27 4.41 -2.31 6.67
N PHE A 28 3.20 -1.80 6.50
CA PHE A 28 2.36 -1.44 7.63
C PHE A 28 0.88 -1.62 7.30
N LEU A 29 0.07 -1.92 8.31
CA LEU A 29 -1.36 -2.10 8.11
C LEU A 29 -2.16 -1.37 9.18
N GLY A 30 -2.99 -0.42 8.75
CA GLY A 30 -3.80 0.34 9.68
C GLY A 30 -4.57 1.46 9.01
N GLU A 31 -5.21 2.30 9.81
CA GLU A 31 -5.98 3.41 9.28
C GLU A 31 -5.08 4.58 8.90
N THR A 32 -5.59 5.46 8.04
CA THR A 32 -4.82 6.62 7.59
C THR A 32 -5.35 7.89 8.23
N ASP A 33 -4.54 8.95 8.20
CA ASP A 33 -4.94 10.23 8.77
C ASP A 33 -5.75 11.07 7.77
N PHE A 34 -5.89 10.57 6.55
CA PHE A 34 -6.63 11.28 5.52
C PHE A 34 -7.76 10.41 4.95
N ALA A 35 -7.68 9.11 5.16
CA ALA A 35 -8.70 8.19 4.67
C ALA A 35 -9.37 7.42 5.81
N LYS A 36 -10.67 7.18 5.67
CA LYS A 36 -11.43 6.46 6.68
C LYS A 36 -11.34 4.95 6.45
N GLY A 37 -11.55 4.18 7.51
CA GLY A 37 -11.50 2.74 7.40
C GLY A 37 -10.10 2.19 7.62
N GLU A 38 -9.87 0.96 7.16
CA GLU A 38 -8.56 0.33 7.32
C GLU A 38 -7.78 0.36 6.01
N TRP A 39 -6.49 0.66 6.11
CA TRP A 39 -5.62 0.72 4.93
C TRP A 39 -4.34 -0.07 5.15
N CYS A 40 -3.59 -0.28 4.08
CA CYS A 40 -2.33 -1.02 4.17
C CYS A 40 -1.22 -0.31 3.39
N GLY A 41 0.02 -0.58 3.79
CA GLY A 41 1.16 0.03 3.14
C GLY A 41 2.02 -1.01 2.42
N VAL A 42 2.28 -0.78 1.14
CA VAL A 42 3.09 -1.69 0.35
C VAL A 42 4.20 -0.96 -0.39
N GLU A 43 5.41 -1.48 -0.30
CA GLU A 43 6.55 -0.88 -0.97
C GLU A 43 6.62 -1.34 -2.42
N LEU A 44 6.36 -0.44 -3.35
CA LEU A 44 6.36 -0.76 -4.77
C LEU A 44 7.77 -1.09 -5.25
N ASP A 45 7.85 -2.03 -6.19
CA ASP A 45 9.12 -2.45 -6.76
C ASP A 45 9.69 -1.41 -7.70
N GLU A 46 8.81 -0.56 -8.24
CA GLU A 46 9.22 0.49 -9.16
C GLU A 46 8.48 1.79 -8.86
N PRO A 47 8.90 2.91 -9.49
CA PRO A 47 8.28 4.22 -9.28
C PRO A 47 6.84 4.26 -9.80
N LEU A 48 5.96 3.52 -9.13
CA LEU A 48 4.56 3.47 -9.52
C LEU A 48 3.65 3.81 -8.34
N GLY A 49 4.16 4.63 -7.42
CA GLY A 49 3.38 5.02 -6.26
C GLY A 49 3.00 6.48 -6.28
N LYS A 50 2.39 6.96 -5.20
CA LYS A 50 1.97 8.35 -5.10
C LYS A 50 2.71 9.06 -3.97
N ASN A 51 3.14 8.31 -2.95
CA ASN A 51 3.85 8.90 -1.82
C ASN A 51 5.19 8.21 -1.61
N ASP A 52 6.03 8.81 -0.76
CA ASP A 52 7.34 8.26 -0.46
C ASP A 52 7.34 7.54 0.89
N GLY A 53 6.17 7.05 1.30
CA GLY A 53 6.07 6.35 2.57
C GLY A 53 5.43 7.19 3.66
N ALA A 54 4.85 8.32 3.27
CA ALA A 54 4.19 9.21 4.23
C ALA A 54 2.86 9.71 3.69
N VAL A 55 1.97 10.11 4.59
CA VAL A 55 0.67 10.63 4.22
C VAL A 55 0.25 11.78 5.11
N ALA A 56 -0.02 12.93 4.50
CA ALA A 56 -0.44 14.12 5.23
C ALA A 56 0.61 14.51 6.28
N GLY A 57 1.86 14.14 6.01
CA GLY A 57 2.94 14.47 6.95
C GLY A 57 3.17 13.37 7.97
N THR A 58 2.55 12.22 7.76
CA THR A 58 2.71 11.09 8.68
C THR A 58 3.36 9.90 7.97
N ARG A 59 4.56 9.55 8.43
CA ARG A 59 5.28 8.43 7.84
C ARG A 59 4.90 7.11 8.52
N TYR A 60 4.26 6.23 7.77
CA TYR A 60 3.84 4.94 8.30
C TYR A 60 4.94 3.91 8.18
N PHE A 61 5.75 4.02 7.12
CA PHE A 61 6.86 3.11 6.90
C PHE A 61 7.93 3.76 6.03
N GLN A 62 9.02 3.04 5.80
CA GLN A 62 10.12 3.55 5.00
C GLN A 62 10.14 2.91 3.62
N CYS A 63 10.17 3.75 2.58
CA CYS A 63 10.18 3.26 1.21
C CYS A 63 10.82 4.29 0.28
N GLN A 64 11.33 3.83 -0.86
CA GLN A 64 11.96 4.70 -1.83
C GLN A 64 10.98 5.74 -2.35
N PRO A 65 11.48 6.79 -3.02
CA PRO A 65 10.65 7.86 -3.57
C PRO A 65 9.67 7.36 -4.62
N LYS A 66 8.41 7.75 -4.51
CA LYS A 66 7.39 7.33 -5.46
C LYS A 66 7.23 5.81 -5.47
N TYR A 67 7.62 5.18 -4.37
CA TYR A 67 7.50 3.72 -4.26
C TYR A 67 6.45 3.32 -3.22
N GLY A 68 6.11 4.25 -2.34
CA GLY A 68 5.13 3.97 -1.31
C GLY A 68 3.71 4.08 -1.82
N LEU A 69 2.92 3.02 -1.59
CA LEU A 69 1.53 2.99 -2.03
C LEU A 69 0.62 2.54 -0.88
N PHE A 70 -0.42 3.31 -0.63
CA PHE A 70 -1.37 2.99 0.44
C PHE A 70 -2.71 2.51 -0.11
N ALA A 71 -3.02 1.24 0.12
CA ALA A 71 -4.27 0.66 -0.34
C ALA A 71 -4.83 -0.32 0.68
N PRO A 72 -6.17 -0.41 0.76
CA PRO A 72 -6.85 -1.31 1.70
C PRO A 72 -6.28 -2.73 1.68
N VAL A 73 -6.58 -3.48 2.73
CA VAL A 73 -6.10 -4.86 2.84
C VAL A 73 -6.76 -5.73 1.77
N HIS A 74 -8.07 -5.55 1.62
CA HIS A 74 -8.83 -6.34 0.63
C HIS A 74 -8.43 -5.96 -0.79
N LYS A 75 -7.93 -4.74 -0.97
CA LYS A 75 -7.51 -4.29 -2.28
C LYS A 75 -6.16 -4.86 -2.65
N VAL A 76 -5.41 -5.30 -1.65
CA VAL A 76 -4.09 -5.88 -1.88
C VAL A 76 -4.17 -7.40 -1.99
N THR A 77 -3.42 -7.95 -2.93
CA THR A 77 -3.41 -9.40 -3.15
C THR A 77 -1.99 -9.93 -3.21
N LYS A 78 -1.74 -11.05 -2.54
CA LYS A 78 -0.42 -11.66 -2.53
C LYS A 78 0.01 -12.08 -3.93
N ILE A 79 1.25 -11.78 -4.27
CA ILE A 79 1.78 -12.12 -5.59
C ILE A 79 2.52 -13.46 -5.55
N GLY A 80 3.10 -13.77 -4.40
CA GLY A 80 3.82 -15.02 -4.26
C GLY A 80 3.91 -15.48 -2.81
N PHE A 81 3.79 -16.78 -2.59
CA PHE A 81 3.86 -17.35 -1.25
C PHE A 81 5.27 -17.23 -0.68
N GLY B 29 -18.25 -5.50 -4.05
CA GLY B 29 -16.94 -5.60 -3.43
C GLY B 29 -15.82 -5.29 -4.39
N GLU B 30 -16.11 -4.47 -5.39
CA GLU B 30 -15.11 -4.11 -6.40
C GLU B 30 -15.13 -2.60 -6.65
N GLU B 31 -14.05 -1.93 -6.26
CA GLU B 31 -13.94 -0.48 -6.44
C GLU B 31 -12.58 -0.12 -7.04
N GLU B 32 -12.41 1.17 -7.33
CA GLU B 32 -11.16 1.66 -7.91
C GLU B 32 -10.74 2.97 -7.26
N GLY B 33 -9.48 3.33 -7.43
CA GLY B 33 -8.99 4.57 -6.85
C GLY B 33 -8.97 4.54 -5.34
N GLU B 34 -8.87 3.34 -4.77
CA GLU B 34 -8.85 3.17 -3.33
C GLU B 34 -7.43 3.10 -2.80
N GLU B 35 -6.50 3.72 -3.50
CA GLU B 35 -5.10 3.71 -3.08
C GLU B 35 -4.47 5.08 -3.23
N TYR B 36 -3.44 5.35 -2.44
CA TYR B 36 -2.73 6.62 -2.47
C TYR B 36 -1.23 6.41 -2.36
N ARG A 8 -3.57 -9.79 11.21
CA ARG A 8 -4.27 -9.18 10.08
C ARG A 8 -4.31 -10.14 8.90
N GLU A 9 -5.06 -9.77 7.87
CA GLU A 9 -5.19 -10.59 6.67
C GLU A 9 -3.85 -10.72 5.95
N LEU A 10 -3.03 -9.67 6.04
CA LEU A 10 -1.73 -9.66 5.39
C LEU A 10 -0.62 -9.44 6.41
N LYS A 11 0.56 -10.00 6.13
CA LYS A 11 1.70 -9.85 7.03
C LYS A 11 2.75 -8.93 6.42
N ILE A 12 3.39 -8.13 7.27
CA ILE A 12 4.42 -7.21 6.82
C ILE A 12 5.62 -7.96 6.23
N GLY A 13 6.28 -7.34 5.26
CA GLY A 13 7.43 -7.97 4.64
C GLY A 13 7.06 -8.98 3.58
N ASP A 14 5.75 -9.17 3.37
CA ASP A 14 5.27 -10.12 2.38
C ASP A 14 4.99 -9.44 1.05
N ARG A 15 5.22 -10.15 -0.04
CA ARG A 15 4.99 -9.61 -1.37
C ARG A 15 3.50 -9.60 -1.70
N VAL A 16 3.03 -8.48 -2.24
CA VAL A 16 1.63 -8.34 -2.58
C VAL A 16 1.42 -7.35 -3.73
N LEU A 17 0.16 -7.08 -4.05
CA LEU A 17 -0.17 -6.15 -5.11
C LEU A 17 -1.10 -5.06 -4.57
N VAL A 18 -0.67 -3.81 -4.67
CA VAL A 18 -1.47 -2.69 -4.20
C VAL A 18 -2.41 -2.22 -5.31
N GLY A 19 -3.70 -2.42 -5.11
CA GLY A 19 -4.68 -2.02 -6.09
C GLY A 19 -4.91 -3.10 -7.14
N GLY A 20 -4.11 -4.16 -7.09
CA GLY A 20 -4.25 -5.25 -8.05
C GLY A 20 -3.41 -5.04 -9.30
N THR A 21 -3.10 -3.78 -9.60
CA THR A 21 -2.30 -3.46 -10.78
C THR A 21 -0.85 -3.19 -10.39
N LYS A 22 -0.65 -2.70 -9.16
CA LYS A 22 0.69 -2.41 -8.67
C LYS A 22 1.20 -3.53 -7.78
N ALA A 23 2.51 -3.76 -7.80
CA ALA A 23 3.12 -4.80 -6.99
C ALA A 23 4.12 -4.22 -6.00
N GLY A 24 4.18 -4.82 -4.82
CA GLY A 24 5.11 -4.35 -3.80
C GLY A 24 5.14 -5.26 -2.59
N VAL A 25 5.72 -4.75 -1.50
CA VAL A 25 5.83 -5.52 -0.27
C VAL A 25 5.16 -4.78 0.89
N VAL A 26 4.35 -5.50 1.65
CA VAL A 26 3.67 -4.92 2.80
C VAL A 26 4.67 -4.38 3.81
N ARG A 27 4.47 -3.16 4.26
CA ARG A 27 5.37 -2.53 5.22
C ARG A 27 4.64 -2.14 6.50
N PHE A 28 3.47 -1.52 6.36
CA PHE A 28 2.68 -1.09 7.50
C PHE A 28 1.20 -1.21 7.21
N LEU A 29 0.45 -1.75 8.16
CA LEU A 29 -1.00 -1.91 7.99
C LEU A 29 -1.77 -1.15 9.06
N GLY A 30 -2.74 -0.36 8.64
CA GLY A 30 -3.54 0.41 9.59
C GLY A 30 -4.35 1.49 8.91
N GLU A 31 -5.05 2.30 9.70
CA GLU A 31 -5.87 3.37 9.18
C GLU A 31 -5.01 4.58 8.83
N THR A 32 -5.56 5.48 8.01
CA THR A 32 -4.84 6.69 7.61
C THR A 32 -5.43 7.92 8.28
N ASP A 33 -4.73 9.04 8.15
CA ASP A 33 -5.20 10.30 8.74
C ASP A 33 -5.95 11.15 7.72
N PHE A 34 -6.06 10.65 6.49
CA PHE A 34 -6.76 11.39 5.44
C PHE A 34 -7.90 10.57 4.83
N ALA A 35 -7.87 9.26 5.05
CA ALA A 35 -8.90 8.38 4.52
C ALA A 35 -9.61 7.62 5.64
N LYS A 36 -10.90 7.37 5.46
CA LYS A 36 -11.68 6.64 6.45
C LYS A 36 -11.65 5.14 6.18
N GLY A 37 -11.48 4.36 7.25
CA GLY A 37 -11.44 2.91 7.11
C GLY A 37 -10.05 2.35 7.32
N GLU A 38 -9.88 1.07 7.05
CA GLU A 38 -8.60 0.40 7.21
C GLU A 38 -7.79 0.46 5.92
N TRP A 39 -6.50 0.73 6.04
CA TRP A 39 -5.62 0.83 4.88
C TRP A 39 -4.33 0.04 5.11
N CYS A 40 -3.56 -0.15 4.04
CA CYS A 40 -2.31 -0.89 4.13
C CYS A 40 -1.21 -0.20 3.33
N GLY A 41 0.03 -0.46 3.70
CA GLY A 41 1.17 0.13 3.02
C GLY A 41 2.03 -0.91 2.32
N VAL A 42 2.26 -0.71 1.04
CA VAL A 42 3.06 -1.64 0.26
C VAL A 42 4.16 -0.91 -0.52
N GLU A 43 5.38 -1.43 -0.43
CA GLU A 43 6.51 -0.84 -1.14
C GLU A 43 6.55 -1.35 -2.58
N LEU A 44 6.28 -0.45 -3.52
CA LEU A 44 6.26 -0.82 -4.92
C LEU A 44 7.66 -1.17 -5.43
N ASP A 45 7.71 -2.11 -6.38
CA ASP A 45 8.97 -2.56 -6.95
C ASP A 45 9.59 -1.46 -7.81
N GLU A 46 8.76 -0.59 -8.38
CA GLU A 46 9.24 0.49 -9.22
C GLU A 46 8.53 1.80 -8.88
N PRO A 47 9.00 2.92 -9.44
CA PRO A 47 8.40 4.24 -9.19
C PRO A 47 6.99 4.35 -9.76
N LEU A 48 6.06 3.63 -9.13
CA LEU A 48 4.67 3.64 -9.58
C LEU A 48 3.72 3.98 -8.42
N GLY A 49 4.25 4.68 -7.41
CA GLY A 49 3.43 5.06 -6.28
C GLY A 49 3.06 6.52 -6.29
N LYS A 50 2.59 7.02 -5.15
CA LYS A 50 2.19 8.42 -5.04
C LYS A 50 3.03 9.16 -4.00
N ASN A 51 3.34 8.47 -2.90
CA ASN A 51 4.14 9.07 -1.84
C ASN A 51 5.40 8.25 -1.56
N ASP A 52 6.28 8.80 -0.75
CA ASP A 52 7.53 8.13 -0.40
C ASP A 52 7.41 7.40 0.94
N GLY A 53 6.19 7.03 1.31
CA GLY A 53 5.96 6.34 2.56
C GLY A 53 5.35 7.22 3.63
N ALA A 54 4.72 8.31 3.20
CA ALA A 54 4.10 9.23 4.15
C ALA A 54 2.73 9.70 3.64
N VAL A 55 1.91 10.18 4.56
CA VAL A 55 0.58 10.67 4.20
C VAL A 55 0.17 11.84 5.09
N ALA A 56 -0.10 12.98 4.46
CA ALA A 56 -0.51 14.18 5.19
C ALA A 56 0.55 14.58 6.21
N GLY A 57 1.80 14.23 5.95
CA GLY A 57 2.87 14.57 6.86
C GLY A 57 3.14 13.48 7.89
N THR A 58 2.51 12.32 7.71
CA THR A 58 2.69 11.21 8.63
C THR A 58 3.33 10.02 7.92
N ARG A 59 4.53 9.65 8.35
CA ARG A 59 5.23 8.52 7.75
C ARG A 59 4.88 7.22 8.46
N TYR A 60 4.24 6.32 7.73
CA TYR A 60 3.83 5.03 8.29
C TYR A 60 4.96 4.01 8.14
N PHE A 61 5.74 4.15 7.07
CA PHE A 61 6.85 3.24 6.81
C PHE A 61 7.91 3.92 5.94
N GLN A 62 9.07 3.30 5.85
CA GLN A 62 10.16 3.86 5.04
C GLN A 62 10.31 3.09 3.73
N CYS A 63 10.36 3.82 2.62
CA CYS A 63 10.51 3.21 1.31
C CYS A 63 11.14 4.18 0.32
N GLN A 64 11.62 3.65 -0.80
CA GLN A 64 12.25 4.47 -1.83
C GLN A 64 11.27 5.50 -2.37
N PRO A 65 11.77 6.51 -3.11
CA PRO A 65 10.93 7.57 -3.68
C PRO A 65 9.94 7.00 -4.70
N LYS A 66 8.68 7.43 -4.58
CA LYS A 66 7.63 6.96 -5.49
C LYS A 66 7.41 5.45 -5.36
N TYR A 67 7.87 4.88 -4.26
CA TYR A 67 7.72 3.45 -4.03
C TYR A 67 6.70 3.17 -2.92
N GLY A 68 6.04 4.22 -2.44
CA GLY A 68 5.07 4.06 -1.38
C GLY A 68 3.64 4.15 -1.87
N LEU A 69 2.89 3.07 -1.71
CA LEU A 69 1.50 3.03 -2.14
C LEU A 69 0.59 2.57 -1.01
N PHE A 70 -0.42 3.36 -0.71
CA PHE A 70 -1.36 3.06 0.37
C PHE A 70 -2.69 2.56 -0.17
N ALA A 71 -3.00 1.29 0.06
CA ALA A 71 -4.26 0.71 -0.41
C ALA A 71 -4.83 -0.25 0.63
N PRO A 72 -6.18 -0.34 0.69
CA PRO A 72 -6.87 -1.21 1.65
C PRO A 72 -6.29 -2.62 1.69
N VAL A 73 -6.61 -3.35 2.75
CA VAL A 73 -6.13 -4.72 2.91
C VAL A 73 -6.83 -5.65 1.92
N HIS A 74 -8.11 -5.38 1.65
CA HIS A 74 -8.88 -6.20 0.72
C HIS A 74 -8.48 -5.91 -0.72
N LYS A 75 -7.96 -4.71 -0.97
CA LYS A 75 -7.52 -4.31 -2.30
C LYS A 75 -6.17 -4.93 -2.62
N VAL A 76 -5.43 -5.33 -1.59
CA VAL A 76 -4.12 -5.92 -1.78
C VAL A 76 -4.21 -7.44 -1.82
N THR A 77 -3.43 -8.04 -2.70
CA THR A 77 -3.40 -9.49 -2.85
C THR A 77 -1.97 -10.01 -2.93
N LYS A 78 -1.70 -11.11 -2.24
CA LYS A 78 -0.36 -11.70 -2.24
C LYS A 78 0.03 -12.13 -3.64
N ILE A 79 1.23 -11.74 -4.06
CA ILE A 79 1.74 -12.09 -5.38
C ILE A 79 2.64 -13.32 -5.32
N GLY A 80 3.33 -13.48 -4.20
CA GLY A 80 4.22 -14.61 -4.03
C GLY A 80 3.55 -15.80 -3.36
N PHE A 81 2.69 -16.48 -4.11
CA PHE A 81 1.97 -17.63 -3.58
C PHE A 81 2.89 -18.85 -3.48
N GLY B 29 -12.39 6.48 -10.41
CA GLY B 29 -12.59 5.15 -10.96
C GLY B 29 -13.57 4.33 -10.15
N GLU B 30 -13.96 3.17 -10.69
CA GLU B 30 -14.91 2.29 -10.01
C GLU B 30 -14.18 1.32 -9.09
N GLU B 31 -13.55 0.30 -9.69
CA GLU B 31 -12.81 -0.70 -8.93
C GLU B 31 -11.50 -0.14 -8.42
N GLU B 32 -10.87 0.73 -9.22
CA GLU B 32 -9.60 1.34 -8.85
C GLU B 32 -9.82 2.74 -8.28
N GLY B 33 -8.82 3.25 -7.59
CA GLY B 33 -8.92 4.58 -7.00
C GLY B 33 -8.94 4.55 -5.48
N GLU B 34 -8.82 3.36 -4.91
CA GLU B 34 -8.82 3.21 -3.46
C GLU B 34 -7.40 3.15 -2.91
N GLU B 35 -6.46 3.79 -3.60
CA GLU B 35 -5.08 3.78 -3.16
C GLU B 35 -4.43 5.15 -3.31
N TYR B 36 -3.44 5.42 -2.47
CA TYR B 36 -2.73 6.70 -2.50
C TYR B 36 -1.22 6.49 -2.42
N ARG A 8 -6.13 -15.23 4.20
CA ARG A 8 -7.03 -14.13 4.46
C ARG A 8 -6.41 -13.11 5.41
N GLU A 9 -5.09 -13.01 5.37
CA GLU A 9 -4.36 -12.06 6.22
C GLU A 9 -3.04 -11.67 5.59
N LEU A 10 -2.71 -10.39 5.69
CA LEU A 10 -1.46 -9.88 5.13
C LEU A 10 -0.46 -9.56 6.23
N LYS A 11 0.81 -9.83 5.97
CA LYS A 11 1.88 -9.57 6.94
C LYS A 11 3.00 -8.76 6.31
N ILE A 12 3.62 -7.91 7.11
CA ILE A 12 4.72 -7.07 6.64
C ILE A 12 5.85 -7.92 6.08
N GLY A 13 6.48 -7.42 5.02
CA GLY A 13 7.57 -8.14 4.40
C GLY A 13 7.09 -9.15 3.36
N ASP A 14 5.78 -9.26 3.21
CA ASP A 14 5.21 -10.19 2.24
C ASP A 14 4.92 -9.50 0.91
N ARG A 15 5.14 -10.21 -0.18
CA ARG A 15 4.91 -9.67 -1.51
C ARG A 15 3.42 -9.65 -1.83
N VAL A 16 2.95 -8.54 -2.36
CA VAL A 16 1.54 -8.39 -2.70
C VAL A 16 1.34 -7.38 -3.83
N LEU A 17 0.08 -7.12 -4.14
CA LEU A 17 -0.26 -6.16 -5.19
C LEU A 17 -1.19 -5.09 -4.63
N VAL A 18 -0.75 -3.84 -4.72
CA VAL A 18 -1.55 -2.72 -4.23
C VAL A 18 -2.47 -2.21 -5.33
N GLY A 19 -3.77 -2.42 -5.14
CA GLY A 19 -4.75 -2.00 -6.13
C GLY A 19 -4.97 -3.05 -7.21
N GLY A 20 -4.16 -4.11 -7.18
CA GLY A 20 -4.30 -5.17 -8.18
C GLY A 20 -3.43 -4.93 -9.40
N THR A 21 -3.14 -3.67 -9.68
CA THR A 21 -2.31 -3.32 -10.82
C THR A 21 -0.88 -3.05 -10.41
N LYS A 22 -0.70 -2.61 -9.17
CA LYS A 22 0.64 -2.31 -8.64
C LYS A 22 1.14 -3.47 -7.78
N ALA A 23 2.45 -3.69 -7.81
CA ALA A 23 3.06 -4.77 -7.03
C ALA A 23 4.06 -4.21 -6.02
N GLY A 24 4.11 -4.82 -4.85
CA GLY A 24 5.04 -4.38 -3.83
C GLY A 24 5.07 -5.29 -2.62
N VAL A 25 5.65 -4.81 -1.53
CA VAL A 25 5.76 -5.58 -0.31
C VAL A 25 5.10 -4.84 0.86
N VAL A 26 4.30 -5.57 1.64
CA VAL A 26 3.61 -4.98 2.78
C VAL A 26 4.63 -4.45 3.80
N ARG A 27 4.42 -3.22 4.26
CA ARG A 27 5.33 -2.60 5.21
C ARG A 27 4.60 -2.22 6.49
N PHE A 28 3.35 -1.79 6.37
CA PHE A 28 2.56 -1.40 7.53
C PHE A 28 1.08 -1.52 7.23
N LEU A 29 0.28 -1.79 8.26
CA LEU A 29 -1.16 -1.93 8.09
C LEU A 29 -1.92 -1.16 9.16
N GLY A 30 -2.90 -0.38 8.73
CA GLY A 30 -3.68 0.40 9.68
C GLY A 30 -4.47 1.51 8.99
N GLU A 31 -5.12 2.34 9.80
CA GLU A 31 -5.92 3.44 9.25
C GLU A 31 -5.03 4.62 8.87
N THR A 32 -5.57 5.51 8.05
CA THR A 32 -4.82 6.68 7.61
C THR A 32 -5.39 7.96 8.21
N ASP A 33 -4.59 9.02 8.21
CA ASP A 33 -5.01 10.31 8.77
C ASP A 33 -5.78 11.14 7.74
N PHE A 34 -5.86 10.63 6.51
CA PHE A 34 -6.56 11.34 5.44
C PHE A 34 -7.71 10.49 4.87
N ALA A 35 -7.66 9.18 5.13
CA ALA A 35 -8.70 8.28 4.63
C ALA A 35 -9.42 7.59 5.77
N LYS A 36 -10.74 7.47 5.66
CA LYS A 36 -11.55 6.83 6.68
C LYS A 36 -11.58 5.31 6.46
N GLY A 37 -11.36 4.56 7.54
CA GLY A 37 -11.37 3.11 7.45
C GLY A 37 -10.00 2.50 7.65
N GLU A 38 -9.84 1.25 7.23
CA GLU A 38 -8.56 0.56 7.37
C GLU A 38 -7.79 0.57 6.05
N TRP A 39 -6.48 0.77 6.14
CA TRP A 39 -5.63 0.79 4.94
C TRP A 39 -4.36 0.00 5.17
N CYS A 40 -3.61 -0.23 4.09
CA CYS A 40 -2.36 -0.98 4.17
C CYS A 40 -1.25 -0.29 3.38
N GLY A 41 -0.01 -0.57 3.75
CA GLY A 41 1.12 0.03 3.08
C GLY A 41 1.97 -1.00 2.36
N VAL A 42 2.20 -0.79 1.07
CA VAL A 42 2.99 -1.71 0.27
C VAL A 42 4.08 -0.97 -0.50
N GLU A 43 5.31 -1.48 -0.42
CA GLU A 43 6.43 -0.88 -1.12
C GLU A 43 6.49 -1.38 -2.55
N LEU A 44 6.20 -0.49 -3.49
CA LEU A 44 6.20 -0.85 -4.91
C LEU A 44 7.60 -1.19 -5.40
N ASP A 45 7.66 -2.18 -6.29
CA ASP A 45 8.93 -2.62 -6.85
C ASP A 45 9.53 -1.56 -7.77
N GLU A 46 8.69 -0.68 -8.28
CA GLU A 46 9.14 0.39 -9.18
C GLU A 46 8.45 1.72 -8.83
N PRO A 47 8.96 2.83 -9.38
CA PRO A 47 8.39 4.17 -9.14
C PRO A 47 6.98 4.31 -9.71
N LEU A 48 6.03 3.61 -9.11
CA LEU A 48 4.64 3.66 -9.55
C LEU A 48 3.71 4.00 -8.40
N GLY A 49 4.24 4.67 -7.38
CA GLY A 49 3.43 5.05 -6.24
C GLY A 49 3.10 6.53 -6.23
N LYS A 50 2.36 6.96 -5.21
CA LYS A 50 1.98 8.37 -5.08
C LYS A 50 2.66 9.02 -3.89
N ASN A 51 3.00 8.22 -2.88
CA ASN A 51 3.66 8.73 -1.68
C ASN A 51 5.04 8.11 -1.50
N ASP A 52 5.87 8.78 -0.71
CA ASP A 52 7.22 8.28 -0.44
C ASP A 52 7.29 7.55 0.89
N GLY A 53 6.15 7.02 1.33
CA GLY A 53 6.10 6.29 2.58
C GLY A 53 5.41 7.07 3.69
N ALA A 54 4.96 8.28 3.37
CA ALA A 54 4.27 9.12 4.35
C ALA A 54 2.94 9.62 3.80
N VAL A 55 2.05 10.00 4.70
CA VAL A 55 0.73 10.50 4.31
C VAL A 55 0.31 11.67 5.20
N ALA A 56 0.10 12.84 4.59
CA ALA A 56 -0.30 14.02 5.32
C ALA A 56 0.72 14.40 6.38
N GLY A 57 1.97 14.00 6.15
CA GLY A 57 3.03 14.31 7.10
C GLY A 57 3.25 13.19 8.11
N THR A 58 2.64 12.04 7.88
CA THR A 58 2.78 10.91 8.78
C THR A 58 3.45 9.73 8.07
N ARG A 59 4.63 9.35 8.56
CA ARG A 59 5.37 8.24 7.98
C ARG A 59 4.97 6.92 8.62
N TYR A 60 4.35 6.04 7.85
CA TYR A 60 3.92 4.74 8.34
C TYR A 60 5.03 3.70 8.18
N PHE A 61 5.81 3.85 7.12
CA PHE A 61 6.91 2.93 6.85
C PHE A 61 7.97 3.60 5.98
N GLN A 62 9.08 2.90 5.78
CA GLN A 62 10.18 3.43 4.96
C GLN A 62 10.22 2.76 3.59
N CYS A 63 10.26 3.57 2.55
CA CYS A 63 10.30 3.07 1.17
C CYS A 63 10.97 4.05 0.23
N GLN A 64 11.41 3.57 -0.92
CA GLN A 64 12.07 4.40 -1.91
C GLN A 64 11.14 5.51 -2.39
N PRO A 65 11.70 6.54 -3.07
CA PRO A 65 10.91 7.66 -3.57
C PRO A 65 9.91 7.22 -4.65
N LYS A 66 8.65 7.59 -4.47
CA LYS A 66 7.60 7.24 -5.41
C LYS A 66 7.38 5.73 -5.44
N TYR A 67 7.72 5.06 -4.34
CA TYR A 67 7.55 3.61 -4.23
C TYR A 67 6.47 3.26 -3.22
N GLY A 68 6.14 4.20 -2.34
CA GLY A 68 5.13 3.95 -1.34
C GLY A 68 3.72 4.04 -1.89
N LEU A 69 2.90 3.04 -1.56
CA LEU A 69 1.52 3.00 -2.02
C LEU A 69 0.59 2.55 -0.89
N PHE A 70 -0.43 3.36 -0.61
CA PHE A 70 -1.37 3.04 0.46
C PHE A 70 -2.71 2.55 -0.11
N ALA A 71 -3.03 1.28 0.12
CA ALA A 71 -4.28 0.70 -0.35
C ALA A 71 -4.88 -0.24 0.69
N PRO A 72 -6.21 -0.33 0.73
CA PRO A 72 -6.92 -1.20 1.68
C PRO A 72 -6.38 -2.63 1.69
N VAL A 73 -6.72 -3.36 2.74
CA VAL A 73 -6.27 -4.75 2.87
C VAL A 73 -6.94 -5.62 1.82
N HIS A 74 -8.23 -5.44 1.65
CA HIS A 74 -8.98 -6.22 0.68
C HIS A 74 -8.56 -5.89 -0.75
N LYS A 75 -8.01 -4.69 -0.94
CA LYS A 75 -7.55 -4.26 -2.25
C LYS A 75 -6.19 -4.86 -2.58
N VAL A 76 -5.47 -5.28 -1.53
CA VAL A 76 -4.16 -5.88 -1.71
C VAL A 76 -4.25 -7.39 -1.78
N THR A 77 -3.48 -7.98 -2.68
CA THR A 77 -3.46 -9.44 -2.84
C THR A 77 -2.03 -9.95 -2.94
N LYS A 78 -1.79 -11.11 -2.33
CA LYS A 78 -0.46 -11.71 -2.35
C LYS A 78 -0.12 -12.23 -3.74
N ILE A 79 1.06 -11.90 -4.23
CA ILE A 79 1.50 -12.33 -5.55
C ILE A 79 2.09 -13.74 -5.50
N GLY A 80 2.65 -14.10 -4.35
CA GLY A 80 3.23 -15.43 -4.20
C GLY A 80 4.73 -15.41 -4.37
N PHE A 81 5.20 -16.05 -5.44
CA PHE A 81 6.63 -16.11 -5.72
C PHE A 81 7.04 -15.04 -6.73
N GLY B 29 -18.18 -4.71 -10.63
CA GLY B 29 -18.09 -3.33 -10.21
C GLY B 29 -16.76 -2.70 -10.56
N GLU B 30 -16.51 -1.52 -10.00
CA GLU B 30 -15.26 -0.81 -10.26
C GLU B 30 -14.48 -0.60 -8.97
N GLU B 31 -13.39 -1.35 -8.82
CA GLU B 31 -12.55 -1.26 -7.63
C GLU B 31 -11.24 -0.53 -7.94
N GLU B 32 -11.33 0.78 -8.10
CA GLU B 32 -10.16 1.61 -8.42
C GLU B 32 -10.22 2.93 -7.68
N GLY B 33 -9.07 3.60 -7.59
CA GLY B 33 -9.00 4.88 -6.91
C GLY B 33 -9.07 4.75 -5.40
N GLU B 34 -8.75 3.56 -4.89
CA GLU B 34 -8.78 3.31 -3.45
C GLU B 34 -7.37 3.23 -2.89
N GLU B 35 -6.41 3.84 -3.57
CA GLU B 35 -5.03 3.81 -3.10
C GLU B 35 -4.37 5.18 -3.26
N TYR B 36 -3.35 5.43 -2.45
CA TYR B 36 -2.62 6.69 -2.49
C TYR B 36 -1.12 6.47 -2.38
N ARG A 8 -7.88 -15.23 5.59
CA ARG A 8 -6.76 -14.66 4.87
C ARG A 8 -6.35 -13.31 5.47
N GLU A 9 -5.05 -13.07 5.52
CA GLU A 9 -4.52 -11.83 6.07
C GLU A 9 -3.16 -11.48 5.46
N LEU A 10 -2.75 -10.24 5.61
CA LEU A 10 -1.47 -9.78 5.07
C LEU A 10 -0.50 -9.43 6.19
N LYS A 11 0.78 -9.66 5.94
CA LYS A 11 1.82 -9.38 6.93
C LYS A 11 2.96 -8.57 6.31
N ILE A 12 3.58 -7.72 7.13
CA ILE A 12 4.69 -6.90 6.65
C ILE A 12 5.83 -7.76 6.12
N GLY A 13 6.42 -7.34 5.01
CA GLY A 13 7.51 -8.09 4.42
C GLY A 13 7.04 -9.09 3.39
N ASP A 14 5.72 -9.20 3.22
CA ASP A 14 5.15 -10.13 2.26
C ASP A 14 4.89 -9.45 0.92
N ARG A 15 5.14 -10.17 -0.17
CA ARG A 15 4.93 -9.65 -1.50
C ARG A 15 3.45 -9.64 -1.85
N VAL A 16 2.96 -8.50 -2.33
CA VAL A 16 1.55 -8.37 -2.69
C VAL A 16 1.36 -7.37 -3.83
N LEU A 17 0.10 -7.13 -4.17
CA LEU A 17 -0.24 -6.19 -5.22
C LEU A 17 -1.20 -5.12 -4.69
N VAL A 18 -0.78 -3.87 -4.78
CA VAL A 18 -1.62 -2.77 -4.32
C VAL A 18 -2.52 -2.27 -5.44
N GLY A 19 -3.81 -2.51 -5.29
CA GLY A 19 -4.76 -2.10 -6.31
C GLY A 19 -4.94 -3.15 -7.40
N GLY A 20 -4.12 -4.21 -7.35
CA GLY A 20 -4.21 -5.26 -8.34
C GLY A 20 -3.31 -5.01 -9.54
N THR A 21 -3.01 -3.75 -9.80
CA THR A 21 -2.16 -3.39 -10.93
C THR A 21 -0.74 -3.08 -10.45
N LYS A 22 -0.62 -2.65 -9.21
CA LYS A 22 0.69 -2.32 -8.64
C LYS A 22 1.19 -3.46 -7.78
N ALA A 23 2.51 -3.66 -7.75
CA ALA A 23 3.11 -4.71 -6.97
C ALA A 23 4.10 -4.15 -5.95
N GLY A 24 4.18 -4.79 -4.79
CA GLY A 24 5.09 -4.32 -3.76
C GLY A 24 5.10 -5.22 -2.54
N VAL A 25 5.70 -4.73 -1.46
CA VAL A 25 5.79 -5.49 -0.22
C VAL A 25 5.10 -4.75 0.92
N VAL A 26 4.29 -5.49 1.69
CA VAL A 26 3.58 -4.89 2.82
C VAL A 26 4.57 -4.35 3.84
N ARG A 27 4.36 -3.11 4.25
CA ARG A 27 5.25 -2.47 5.22
C ARG A 27 4.51 -2.08 6.50
N PHE A 28 3.24 -1.72 6.36
CA PHE A 28 2.43 -1.32 7.51
C PHE A 28 0.94 -1.50 7.21
N LEU A 29 0.16 -1.81 8.24
CA LEU A 29 -1.27 -2.00 8.07
C LEU A 29 -2.06 -1.27 9.16
N GLY A 30 -2.91 -0.34 8.74
CA GLY A 30 -3.71 0.42 9.68
C GLY A 30 -4.50 1.52 9.02
N GLU A 31 -5.14 2.36 9.83
CA GLU A 31 -5.95 3.45 9.30
C GLU A 31 -5.05 4.64 8.90
N THR A 32 -5.61 5.53 8.09
CA THR A 32 -4.86 6.69 7.63
C THR A 32 -5.43 7.98 8.24
N ASP A 33 -4.65 9.06 8.16
CA ASP A 33 -5.07 10.33 8.71
C ASP A 33 -5.86 11.15 7.68
N PHE A 34 -5.96 10.64 6.46
CA PHE A 34 -6.69 11.33 5.40
C PHE A 34 -7.82 10.47 4.84
N ALA A 35 -7.78 9.17 5.11
CA ALA A 35 -8.80 8.25 4.63
C ALA A 35 -9.50 7.54 5.78
N LYS A 36 -10.82 7.39 5.67
CA LYS A 36 -11.61 6.73 6.70
C LYS A 36 -11.62 5.22 6.48
N GLY A 37 -11.38 4.48 7.56
CA GLY A 37 -11.37 3.02 7.46
C GLY A 37 -9.99 2.44 7.64
N GLU A 38 -9.84 1.17 7.30
CA GLU A 38 -8.56 0.48 7.42
C GLU A 38 -7.81 0.48 6.10
N TRP A 39 -6.51 0.74 6.16
CA TRP A 39 -5.68 0.78 4.96
C TRP A 39 -4.38 0.01 5.17
N CYS A 40 -3.65 -0.22 4.09
CA CYS A 40 -2.39 -0.96 4.16
C CYS A 40 -1.30 -0.25 3.36
N GLY A 41 -0.05 -0.51 3.73
CA GLY A 41 1.08 0.10 3.06
C GLY A 41 1.93 -0.92 2.34
N VAL A 42 2.17 -0.70 1.05
CA VAL A 42 2.99 -1.62 0.26
C VAL A 42 4.08 -0.88 -0.49
N GLU A 43 5.31 -1.40 -0.41
CA GLU A 43 6.43 -0.78 -1.09
C GLU A 43 6.49 -1.27 -2.54
N LEU A 44 6.23 -0.37 -3.47
CA LEU A 44 6.22 -0.71 -4.88
C LEU A 44 7.63 -1.06 -5.37
N ASP A 45 7.71 -2.06 -6.24
CA ASP A 45 8.98 -2.51 -6.79
C ASP A 45 9.57 -1.45 -7.73
N GLU A 46 8.71 -0.65 -8.33
CA GLU A 46 9.14 0.40 -9.24
C GLU A 46 8.43 1.72 -8.93
N PRO A 47 8.89 2.84 -9.52
CA PRO A 47 8.29 4.15 -9.31
C PRO A 47 6.88 4.24 -9.87
N LEU A 48 5.95 3.52 -9.26
CA LEU A 48 4.57 3.51 -9.70
C LEU A 48 3.62 3.85 -8.55
N GLY A 49 4.12 4.60 -7.58
CA GLY A 49 3.31 4.97 -6.43
C GLY A 49 2.97 6.45 -6.43
N LYS A 50 2.59 6.97 -5.26
CA LYS A 50 2.24 8.37 -5.13
C LYS A 50 3.06 9.06 -4.02
N ASN A 51 3.29 8.33 -2.94
CA ASN A 51 4.07 8.87 -1.82
C ASN A 51 5.33 8.05 -1.58
N ASP A 52 6.24 8.59 -0.77
CA ASP A 52 7.48 7.91 -0.45
C ASP A 52 7.39 7.18 0.88
N GLY A 53 6.18 6.80 1.27
CA GLY A 53 5.98 6.10 2.52
C GLY A 53 5.38 6.98 3.61
N ALA A 54 4.75 8.08 3.19
CA ALA A 54 4.14 9.00 4.14
C ALA A 54 2.78 9.48 3.64
N VAL A 55 1.95 9.95 4.56
CA VAL A 55 0.62 10.44 4.21
C VAL A 55 0.22 11.63 5.09
N ALA A 56 -0.06 12.76 4.43
CA ALA A 56 -0.45 13.97 5.14
C ALA A 56 0.60 14.38 6.16
N GLY A 57 1.85 13.98 5.93
CA GLY A 57 2.92 14.33 6.83
C GLY A 57 3.24 13.22 7.83
N THR A 58 2.43 12.16 7.82
CA THR A 58 2.62 11.04 8.73
C THR A 58 3.27 9.86 8.00
N ARG A 59 4.47 9.50 8.44
CA ARG A 59 5.20 8.39 7.82
C ARG A 59 4.86 7.08 8.52
N TYR A 60 4.30 6.13 7.75
CA TYR A 60 3.93 4.83 8.29
C TYR A 60 5.07 3.83 8.12
N PHE A 61 5.78 3.94 7.01
CA PHE A 61 6.91 3.05 6.72
C PHE A 61 7.94 3.75 5.85
N GLN A 62 9.12 3.14 5.74
CA GLN A 62 10.20 3.72 4.95
C GLN A 62 10.37 2.97 3.63
N CYS A 63 10.42 3.72 2.53
CA CYS A 63 10.57 3.12 1.21
C CYS A 63 11.21 4.12 0.24
N GLN A 64 11.67 3.61 -0.89
CA GLN A 64 12.32 4.45 -1.91
C GLN A 64 11.33 5.51 -2.42
N PRO A 65 11.84 6.53 -3.12
CA PRO A 65 11.00 7.60 -3.67
C PRO A 65 9.99 7.07 -4.68
N LYS A 66 8.72 7.44 -4.49
CA LYS A 66 7.66 6.99 -5.38
C LYS A 66 7.49 5.47 -5.33
N TYR A 67 7.97 4.86 -4.25
CA TYR A 67 7.86 3.41 -4.08
C TYR A 67 6.91 3.07 -2.94
N GLY A 68 6.03 4.00 -2.60
CA GLY A 68 5.08 3.77 -1.52
C GLY A 68 3.64 3.97 -1.97
N LEU A 69 2.81 2.95 -1.72
CA LEU A 69 1.41 3.02 -2.10
C LEU A 69 0.52 2.57 -0.94
N PHE A 70 -0.52 3.34 -0.66
CA PHE A 70 -1.45 3.04 0.42
C PHE A 70 -2.79 2.54 -0.12
N ALA A 71 -3.10 1.28 0.11
CA ALA A 71 -4.36 0.70 -0.34
C ALA A 71 -4.94 -0.26 0.70
N PRO A 72 -6.28 -0.38 0.75
CA PRO A 72 -6.97 -1.25 1.69
C PRO A 72 -6.39 -2.67 1.70
N VAL A 73 -6.70 -3.42 2.74
CA VAL A 73 -6.22 -4.80 2.87
C VAL A 73 -6.87 -5.69 1.83
N HIS A 74 -8.19 -5.53 1.67
CA HIS A 74 -8.94 -6.32 0.72
C HIS A 74 -8.54 -5.99 -0.71
N LYS A 75 -8.03 -4.77 -0.92
CA LYS A 75 -7.60 -4.34 -2.24
C LYS A 75 -6.23 -4.92 -2.59
N VAL A 76 -5.49 -5.33 -1.57
CA VAL A 76 -4.17 -5.90 -1.79
C VAL A 76 -4.24 -7.42 -1.85
N THR A 77 -3.50 -7.99 -2.80
CA THR A 77 -3.48 -9.44 -2.98
C THR A 77 -2.05 -9.96 -3.04
N LYS A 78 -1.82 -11.12 -2.43
CA LYS A 78 -0.50 -11.72 -2.42
C LYS A 78 -0.11 -12.21 -3.81
N ILE A 79 1.08 -11.82 -4.25
CA ILE A 79 1.57 -12.22 -5.57
C ILE A 79 2.08 -13.65 -5.56
N GLY A 80 2.54 -14.11 -4.40
CA GLY A 80 3.05 -15.46 -4.27
C GLY A 80 4.56 -15.52 -4.33
N PHE A 81 5.21 -14.42 -3.93
CA PHE A 81 6.67 -14.35 -3.93
C PHE A 81 7.21 -14.24 -2.51
N GLY B 29 -15.02 5.15 -9.76
CA GLY B 29 -15.62 3.94 -10.26
C GLY B 29 -16.20 3.08 -9.15
N GLU B 30 -15.44 2.08 -8.71
CA GLU B 30 -15.89 1.19 -7.65
C GLU B 30 -14.71 0.45 -7.03
N GLU B 31 -14.03 -0.35 -7.84
CA GLU B 31 -12.87 -1.12 -7.37
C GLU B 31 -11.58 -0.44 -7.78
N GLU B 32 -11.61 0.87 -7.93
CA GLU B 32 -10.44 1.64 -8.32
C GLU B 32 -10.37 2.96 -7.57
N GLY B 33 -9.19 3.57 -7.56
CA GLY B 33 -9.01 4.84 -6.88
C GLY B 33 -9.06 4.70 -5.37
N GLU B 34 -8.88 3.48 -4.88
CA GLU B 34 -8.91 3.23 -3.44
C GLU B 34 -7.50 3.13 -2.88
N GLU B 35 -6.55 3.78 -3.54
CA GLU B 35 -5.16 3.75 -3.09
C GLU B 35 -4.50 5.12 -3.25
N TYR B 36 -3.47 5.36 -2.45
CA TYR B 36 -2.74 6.62 -2.50
C TYR B 36 -1.24 6.39 -2.41
#